data_6XN5
#
_entry.id   6XN5
#
_cell.length_a   1.00
_cell.length_b   1.00
_cell.length_c   1.00
_cell.angle_alpha   90.00
_cell.angle_beta   90.00
_cell.angle_gamma   90.00
#
_symmetry.space_group_name_H-M   'P 1'
#
loop_
_entity.id
_entity.type
_entity.pdbx_description
1 polymer 'CRISPR-associated protein Csm3'
2 polymer 'CRISPR-associated protein Cas10'
3 polymer 'CRISPR-associated protein Csm4'
4 polymer 'CRISPR-associated protein Csm5'
5 polymer 'Crispr RNA'
#
loop_
_entity_poly.entity_id
_entity_poly.type
_entity_poly.pdbx_seq_one_letter_code
_entity_poly.pdbx_strand_id
1 'polypeptide(L)'
;MKLVIEGTIVLKTGMHIGGSSDFSAIGAVASPVVRDTLTRLPLIPGSSLKGKMRYLLAKELNNGILLNEPNNDQDEILRL
FGSSEKDKIRRARLKFNDIKLSNLAELETFNVSSTEVKFENTINRKTAVANPRQIERVIAGSKFDFEIFYNLDDIKEVEK
DFENIKQGFDLLEFDYLGGHGTRGSGRIAFENLSVITAVGNFEKINTLNEILGA
;
I,F,H,G
2 'polypeptide(L)'
;MDKINLVCGSLLHNIGKIIYRGTSERAKHSKLGGDFIKSFEQFRNTELTDCIRYHHAQEITSVKSNKEKNSLFYITYIAD
NISSGMDRRKDLEEGAEGFNWDKKVALGSVFNVLNEKEKGRQNYSYPFVARTRIKEEPLNFPTATQNQYTTSYYDGLITD
MKTILQRLKPDKEHINSLLQMMESLWSYVPSSTDKNQLVDISLYDHSRTTAAIASAIYDYFQAENITDYQKELFDYNATE
FYDKNAFLMMNFDMSGVQNFIYNISGSKALKSLRARSFYLDMLLEYISDNLLEKLELSRANILYVGGGHAYLLLANTNKT
KAILSDFEHDLKTWFLDKFKIDLYVAMAYTEVSANDLMNHNGHYRDIYRRLSQKTSAKKANRYTAEEILNLNHQGTENAR
ECRECKRSDLLIEEDDICEICDSLQKVSRDLTRENIFVIANEGVLDMPFGKKMSALSYSQADKLKKSNAEVQIYAKNISE
IGQNLMTRIDMGDYTYRSDFHEMLEEVEVGINRLGVLRADVDNLGQAFINGIPDDYLSISRTATFSRAMSRFFKNYLNQL
LAEKSYKINVIYAGGDDLFMIGAWQDILDFSIVLKQKFADFTQNKLSISAGIGMFREKYPVARMASLTGDLEDAAKDYKP
DERAVQATKNAVTLFDATNVFSWDTLENDIFVKLDAITKNFEKLDETGKAFIYRLIDLLRGVNENQQINIARLAYTLSRM
EEKIGKTFAQELYNWANADRKTLIMALEIYILKTRE
;
A
3 'polypeptide(L)'
;MKIIKLYFESPVHFGEKRLSESKITFSADTLFSALMIEAVGLGKEDEFYQLASNNLVKFSDAFPFIDQYYYIPKPMFNLK
LEKEDENPSKAFKKLLYVPIDSLEDYLSGGLDAYFERESFNLGKLALSEKVQQHDFKDSEPYNVGTFTFKENTGLYVLIE
QTHPLLEELLENLQYSGIGGKRNSGYGKFKFEILEDSDIEDLFSAKGNRKILLSGALPKDAELEQALKNASYLLERRGGF
VQSDTYATNLVKKQDLYVFKSGSTFENSFDGDIYQVGKKGNHPVYKYAKSFFLEVS
;
B
4 'polypeptide(L)'
;MKKTYRVTLTALGPIFIGGGEKLKKYEYIFDKQKKVAHMIDHTKFTKYLLEKNLLDDFTSRVNSHFDLYDYLVNKKGIVF
MPLVKYSVPVAQFRTEVKNRFGKPISSPPMNDLNTFVKDAFGRPYIPGSSLKGALRTAILNDLKEDTKENEVFAHLQVSD
SETIDLENLKVYQKVDYSKTAKPLPLYRECLKPNTEITFTVSFDDEYLTLKKIQNALHKTYQHYYIKWLKGGKVGETLIK
GVYDSHADELKKNTFALDQPSQNQGEIIYIGGGAGFVSKTLHYKSKNRDQARNDSFDILKQLFRTTYSKMRSVPDNVPVA
LKLAVETKTFNGRVTGKHYLEMGKARIKLEEL
;
J
5 'polyribonucleotide' ACGAGAACAUACGUUCUUUGAACCAAGCUUCA R
#
# COMPACT_ATOMS: atom_id res chain seq x y z
N MET A 1 -25.46 43.05 -12.51
CA MET A 1 -26.55 42.10 -12.37
C MET A 1 -26.83 41.72 -13.85
N LYS A 2 -28.08 41.59 -14.29
CA LYS A 2 -28.38 41.30 -15.68
C LYS A 2 -29.54 42.15 -16.16
N LEU A 3 -29.56 42.39 -17.47
CA LEU A 3 -30.63 43.11 -18.14
C LEU A 3 -31.19 42.22 -19.24
N VAL A 4 -32.52 42.17 -19.35
CA VAL A 4 -33.19 41.28 -20.27
C VAL A 4 -33.62 42.11 -21.47
N ILE A 5 -33.99 41.43 -22.56
CA ILE A 5 -34.55 42.08 -23.75
C ILE A 5 -35.94 41.50 -23.96
N GLU A 6 -36.95 42.18 -23.42
CA GLU A 6 -38.33 41.80 -23.73
C GLU A 6 -38.66 42.24 -25.15
N GLY A 7 -39.65 41.60 -25.74
CA GLY A 7 -40.03 41.96 -27.09
C GLY A 7 -41.25 41.19 -27.55
N THR A 8 -41.54 41.33 -28.84
CA THR A 8 -42.63 40.58 -29.47
C THR A 8 -42.30 40.44 -30.94
N ILE A 9 -42.16 39.20 -31.41
CA ILE A 9 -42.02 38.90 -32.83
C ILE A 9 -43.37 38.48 -33.38
N VAL A 10 -43.74 39.08 -34.50
CA VAL A 10 -44.98 38.77 -35.20
C VAL A 10 -44.61 38.30 -36.60
N LEU A 11 -45.56 37.65 -37.25
CA LEU A 11 -45.33 37.01 -38.54
C LEU A 11 -46.17 37.73 -39.58
N LYS A 12 -45.53 38.23 -40.63
CA LYS A 12 -46.30 38.85 -41.71
C LYS A 12 -46.61 37.88 -42.83
N THR A 13 -45.96 36.72 -42.83
CA THR A 13 -46.22 35.63 -43.76
C THR A 13 -46.28 34.37 -42.92
N GLY A 14 -47.10 33.40 -43.35
CA GLY A 14 -47.22 32.12 -42.68
C GLY A 14 -45.91 31.39 -42.54
N MET A 15 -45.50 31.11 -41.31
CA MET A 15 -44.14 30.71 -41.02
C MET A 15 -44.05 29.22 -40.77
N HIS A 16 -43.03 28.60 -41.36
CA HIS A 16 -42.76 27.18 -41.17
C HIS A 16 -41.41 27.04 -40.50
N ILE A 17 -41.32 26.10 -39.56
CA ILE A 17 -40.11 25.92 -38.77
C ILE A 17 -40.18 24.54 -38.12
N GLY A 18 -39.04 23.90 -37.95
CA GLY A 18 -38.99 22.64 -37.23
C GLY A 18 -39.57 21.49 -38.03
N GLY A 19 -39.62 20.33 -37.37
CA GLY A 19 -40.17 19.16 -38.02
C GLY A 19 -39.90 17.86 -37.30
N SER A 20 -40.69 16.84 -37.62
CA SER A 20 -40.59 15.50 -37.06
C SER A 20 -41.38 14.55 -37.94
N SER A 21 -40.96 13.29 -37.96
CA SER A 21 -41.69 12.22 -38.63
C SER A 21 -42.00 11.16 -37.57
N ASP A 22 -43.11 11.37 -36.87
CA ASP A 22 -43.38 10.64 -35.63
C ASP A 22 -43.97 9.26 -35.91
N PHE A 23 -43.74 8.35 -34.95
CA PHE A 23 -44.17 6.96 -35.11
C PHE A 23 -45.68 6.81 -34.91
N SER A 24 -46.27 7.62 -34.05
CA SER A 24 -47.64 7.37 -33.60
C SER A 24 -48.67 7.69 -34.68
N ALA A 25 -48.72 8.94 -35.12
CA ALA A 25 -49.70 9.34 -36.11
C ALA A 25 -49.20 10.50 -36.96
N ILE A 26 -48.82 10.20 -38.21
CA ILE A 26 -48.48 11.26 -39.15
C ILE A 26 -49.73 12.04 -39.54
N GLY A 27 -50.80 11.32 -39.87
CA GLY A 27 -52.03 11.94 -40.32
C GLY A 27 -51.90 12.48 -41.73
N ALA A 28 -52.79 13.39 -42.07
CA ALA A 28 -52.73 14.08 -43.36
C ALA A 28 -51.95 15.40 -43.25
N VAL A 29 -50.77 15.33 -42.65
CA VAL A 29 -49.85 16.45 -42.55
C VAL A 29 -48.44 15.95 -42.84
N ALA A 30 -47.77 16.55 -43.81
CA ALA A 30 -46.38 16.25 -44.09
C ALA A 30 -45.51 17.39 -43.61
N SER A 31 -44.43 17.05 -42.89
CA SER A 31 -43.47 17.97 -42.29
C SER A 31 -44.15 19.00 -41.41
N PRO A 32 -44.60 18.63 -40.21
CA PRO A 32 -45.30 19.59 -39.35
C PRO A 32 -44.34 20.61 -38.76
N VAL A 33 -44.94 21.64 -38.17
CA VAL A 33 -44.20 22.69 -37.49
C VAL A 33 -43.72 22.17 -36.13
N VAL A 34 -42.63 22.74 -35.62
CA VAL A 34 -42.22 22.41 -34.26
C VAL A 34 -43.17 23.08 -33.29
N ARG A 35 -43.61 22.33 -32.28
CA ARG A 35 -44.56 22.85 -31.31
C ARG A 35 -44.01 22.60 -29.92
N ASP A 36 -44.48 23.40 -28.96
CA ASP A 36 -44.20 23.14 -27.56
C ASP A 36 -44.92 21.86 -27.15
N THR A 37 -44.34 21.14 -26.19
CA THR A 37 -44.73 19.76 -26.00
C THR A 37 -45.77 19.58 -24.90
N LEU A 38 -45.72 20.38 -23.84
CA LEU A 38 -46.76 20.30 -22.81
C LEU A 38 -47.96 21.13 -23.20
N THR A 39 -47.73 22.42 -23.43
CA THR A 39 -48.79 23.37 -23.77
C THR A 39 -49.31 23.19 -25.18
N ARG A 40 -48.66 22.36 -26.01
CA ARG A 40 -49.19 21.75 -27.23
C ARG A 40 -49.35 22.78 -28.36
N LEU A 41 -49.06 24.05 -28.09
CA LEU A 41 -49.14 25.23 -28.94
C LEU A 41 -47.80 25.46 -29.64
N PRO A 42 -47.78 26.13 -30.79
CA PRO A 42 -46.53 26.22 -31.57
C PRO A 42 -45.47 27.08 -30.89
N LEU A 43 -44.25 26.95 -31.37
CA LEU A 43 -43.07 27.48 -30.72
C LEU A 43 -42.00 27.79 -31.73
N ILE A 44 -41.45 29.00 -31.66
CA ILE A 44 -40.15 29.30 -32.27
C ILE A 44 -39.08 28.82 -31.30
N PRO A 45 -38.23 27.88 -31.69
CA PRO A 45 -37.11 27.51 -30.80
C PRO A 45 -36.14 28.66 -30.68
N GLY A 46 -35.50 28.75 -29.51
CA GLY A 46 -34.42 29.70 -29.37
C GLY A 46 -33.20 29.30 -30.17
N SER A 47 -33.07 28.00 -30.46
CA SER A 47 -32.00 27.51 -31.29
C SER A 47 -32.14 28.01 -32.72
N SER A 48 -33.37 27.97 -33.23
CA SER A 48 -33.64 28.46 -34.58
C SER A 48 -33.44 29.95 -34.69
N LEU A 49 -33.91 30.70 -33.69
CA LEU A 49 -33.73 32.15 -33.69
C LEU A 49 -32.26 32.52 -33.60
N LYS A 50 -31.51 31.81 -32.77
CA LYS A 50 -30.06 32.02 -32.70
C LYS A 50 -29.36 31.70 -34.01
N GLY A 51 -29.72 30.58 -34.64
CA GLY A 51 -29.04 30.18 -35.86
C GLY A 51 -29.31 31.12 -37.03
N LYS A 52 -30.57 31.51 -37.21
CA LYS A 52 -30.89 32.44 -38.30
C LYS A 52 -30.34 33.83 -38.00
N MET A 53 -30.37 34.23 -36.71
CA MET A 53 -29.83 35.51 -36.27
C MET A 53 -28.34 35.60 -36.53
N ARG A 54 -27.60 34.54 -36.20
CA ARG A 54 -26.15 34.51 -36.41
C ARG A 54 -25.81 34.45 -37.89
N TYR A 55 -26.60 33.71 -38.68
CA TYR A 55 -26.35 33.66 -40.11
C TYR A 55 -26.58 35.03 -40.75
N LEU A 56 -27.55 35.78 -40.26
CA LEU A 56 -27.77 37.10 -40.83
C LEU A 56 -26.68 38.09 -40.41
N LEU A 57 -26.21 38.03 -39.17
CA LEU A 57 -25.06 38.86 -38.80
C LEU A 57 -23.79 38.44 -39.54
N ALA A 58 -23.66 37.15 -39.85
CA ALA A 58 -22.54 36.70 -40.66
C ALA A 58 -22.66 37.20 -42.09
N LYS A 59 -23.88 37.35 -42.59
CA LYS A 59 -24.07 38.02 -43.87
C LYS A 59 -23.81 39.53 -43.77
N GLU A 60 -23.92 40.10 -42.57
CA GLU A 60 -23.79 41.55 -42.42
C GLU A 60 -22.35 41.99 -42.27
N LEU A 61 -21.60 41.42 -41.31
CA LEU A 61 -20.29 41.98 -40.96
C LEU A 61 -19.25 41.72 -42.05
N ASN A 62 -18.92 40.45 -42.30
CA ASN A 62 -18.20 40.13 -43.53
C ASN A 62 -19.24 39.85 -44.61
N ASN A 63 -19.42 40.83 -45.49
CA ASN A 63 -20.63 40.96 -46.30
C ASN A 63 -20.69 39.91 -47.40
N GLY A 64 -21.90 39.71 -47.91
CA GLY A 64 -22.13 38.83 -49.03
C GLY A 64 -22.18 37.38 -48.58
N ILE A 65 -21.09 36.66 -48.83
CA ILE A 65 -20.97 35.26 -48.45
C ILE A 65 -19.81 35.15 -47.48
N LEU A 66 -19.76 34.02 -46.78
CA LEU A 66 -18.66 33.75 -45.86
C LEU A 66 -17.96 32.43 -46.15
N LEU A 67 -18.75 31.37 -46.41
CA LEU A 67 -18.28 29.99 -46.60
C LEU A 67 -17.41 29.55 -45.44
N ASN A 68 -17.88 29.85 -44.22
CA ASN A 68 -17.07 29.69 -43.02
C ASN A 68 -17.92 29.00 -41.96
N GLU A 69 -17.26 28.24 -41.09
CA GLU A 69 -17.86 27.56 -39.94
C GLU A 69 -18.22 28.59 -38.87
N PRO A 70 -19.24 28.36 -38.04
CA PRO A 70 -19.59 29.34 -37.02
C PRO A 70 -18.87 29.24 -35.69
N ASN A 71 -17.67 28.64 -35.60
CA ASN A 71 -16.78 28.80 -34.46
C ASN A 71 -15.69 29.81 -34.73
N ASN A 72 -15.52 30.23 -35.99
CA ASN A 72 -14.50 31.18 -36.38
C ASN A 72 -15.14 32.34 -37.14
N ASP A 73 -16.20 32.90 -36.55
CA ASP A 73 -16.93 34.02 -37.13
C ASP A 73 -16.19 35.31 -36.69
N GLN A 74 -16.82 36.47 -36.84
CA GLN A 74 -16.23 37.72 -36.36
C GLN A 74 -16.21 37.75 -34.83
N ASP A 75 -15.27 38.53 -34.29
CA ASP A 75 -14.96 38.46 -32.86
C ASP A 75 -16.09 38.97 -31.98
N GLU A 76 -16.89 39.91 -32.48
CA GLU A 76 -18.07 40.34 -31.75
C GLU A 76 -19.09 39.22 -31.66
N ILE A 77 -19.21 38.41 -32.71
CA ILE A 77 -20.13 37.28 -32.69
C ILE A 77 -19.61 36.20 -31.76
N LEU A 78 -18.29 36.02 -31.72
CA LEU A 78 -17.66 35.11 -30.76
C LEU A 78 -17.90 35.55 -29.32
N ARG A 79 -17.98 36.86 -29.08
CA ARG A 79 -18.31 37.28 -27.73
C ARG A 79 -19.81 37.16 -27.45
N LEU A 80 -20.65 37.38 -28.45
CA LEU A 80 -22.09 37.43 -28.22
C LEU A 80 -22.75 36.06 -28.22
N PHE A 81 -22.61 35.30 -29.31
CA PHE A 81 -23.28 34.02 -29.47
C PHE A 81 -22.44 32.84 -28.99
N GLY A 82 -21.17 33.07 -28.64
CA GLY A 82 -20.37 32.00 -28.05
C GLY A 82 -19.51 31.21 -28.99
N SER A 83 -18.44 30.63 -28.45
CA SER A 83 -17.44 29.93 -29.27
C SER A 83 -16.73 28.91 -28.40
N SER A 84 -16.28 27.83 -29.04
CA SER A 84 -15.50 26.79 -28.37
C SER A 84 -14.19 26.61 -29.14
N GLU A 85 -13.10 27.15 -28.61
CA GLU A 85 -11.80 26.97 -29.23
C GLU A 85 -11.15 25.68 -28.75
N LYS A 86 -9.85 25.52 -29.00
CA LYS A 86 -9.17 24.27 -28.68
C LYS A 86 -9.09 24.02 -27.18
N ASP A 87 -8.50 24.95 -26.44
CA ASP A 87 -8.52 24.89 -24.98
C ASP A 87 -8.90 26.27 -24.43
N LYS A 88 -8.68 27.32 -25.21
CA LYS A 88 -8.94 28.69 -24.77
C LYS A 88 -10.34 29.10 -25.25
N ILE A 89 -11.36 28.60 -24.53
CA ILE A 89 -12.76 28.75 -24.95
C ILE A 89 -13.27 30.13 -24.55
N ARG A 90 -13.82 30.85 -25.53
CA ARG A 90 -14.35 32.20 -25.32
C ARG A 90 -15.87 32.13 -25.18
N ARG A 91 -16.39 32.47 -24.00
CA ARG A 91 -17.78 32.13 -23.66
C ARG A 91 -18.80 33.04 -24.31
N ALA A 92 -20.05 32.61 -24.26
CA ALA A 92 -21.18 33.39 -24.74
C ALA A 92 -21.61 34.44 -23.74
N ARG A 93 -22.29 35.48 -24.23
CA ARG A 93 -23.03 36.40 -23.37
C ARG A 93 -24.53 36.44 -23.63
N LEU A 94 -25.02 35.82 -24.69
CA LEU A 94 -26.40 36.04 -25.12
C LEU A 94 -27.18 34.75 -25.01
N LYS A 95 -28.24 34.77 -24.19
CA LYS A 95 -29.02 33.57 -23.87
C LYS A 95 -30.42 33.73 -24.44
N PHE A 96 -30.79 32.83 -25.34
CA PHE A 96 -32.12 32.80 -25.93
C PHE A 96 -33.03 31.84 -25.17
N ASN A 97 -34.33 32.00 -25.37
CA ASN A 97 -35.32 31.18 -24.70
C ASN A 97 -36.32 30.68 -25.73
N ASP A 98 -36.94 29.55 -25.40
CA ASP A 98 -37.92 28.95 -26.30
C ASP A 98 -39.16 29.82 -26.36
N ILE A 99 -39.35 30.46 -27.50
CA ILE A 99 -40.40 31.44 -27.70
C ILE A 99 -41.71 30.69 -27.93
N LYS A 100 -42.71 30.93 -27.09
CA LYS A 100 -44.00 30.28 -27.28
C LYS A 100 -45.08 31.35 -27.42
N LEU A 101 -46.23 30.92 -27.93
CA LEU A 101 -47.28 31.86 -28.30
C LEU A 101 -47.97 32.41 -27.07
N SER A 102 -48.32 33.69 -27.13
CA SER A 102 -48.91 34.39 -25.99
C SER A 102 -50.33 34.84 -26.25
N ASN A 103 -50.67 35.19 -27.48
CA ASN A 103 -51.97 35.77 -27.80
C ASN A 103 -52.98 34.73 -28.27
N LEU A 104 -53.25 33.73 -27.42
CA LEU A 104 -54.22 32.70 -27.78
C LEU A 104 -55.63 33.25 -27.85
N ALA A 105 -55.99 34.12 -26.90
CA ALA A 105 -57.37 34.55 -26.73
C ALA A 105 -57.85 35.40 -27.91
N GLU A 106 -56.98 36.27 -28.43
CA GLU A 106 -57.43 37.14 -29.52
C GLU A 106 -57.49 36.42 -30.85
N LEU A 107 -56.80 35.28 -31.00
CA LEU A 107 -57.13 34.40 -32.12
C LEU A 107 -58.38 33.56 -31.85
N GLU A 108 -58.67 33.24 -30.59
CA GLU A 108 -59.88 32.48 -30.30
C GLU A 108 -61.14 33.33 -30.40
N THR A 109 -61.01 34.66 -30.37
CA THR A 109 -62.17 35.52 -30.58
C THR A 109 -62.69 35.45 -32.00
N PHE A 110 -61.80 35.24 -32.98
CA PHE A 110 -62.21 35.17 -34.37
C PHE A 110 -62.42 33.74 -34.86
N ASN A 111 -62.31 32.75 -33.96
CA ASN A 111 -62.40 31.32 -34.28
C ASN A 111 -61.38 30.92 -35.34
N VAL A 112 -60.13 31.25 -35.07
CA VAL A 112 -59.00 30.98 -35.96
C VAL A 112 -58.07 30.00 -35.26
N SER A 113 -57.70 28.92 -35.95
CA SER A 113 -56.76 27.97 -35.40
C SER A 113 -55.39 28.59 -35.23
N SER A 114 -54.63 28.07 -34.27
CA SER A 114 -53.30 28.60 -33.98
C SER A 114 -52.34 28.33 -35.14
N THR A 115 -52.46 27.17 -35.77
CA THR A 115 -51.60 26.80 -36.87
C THR A 115 -52.39 26.82 -38.18
N GLU A 116 -51.66 26.70 -39.28
CA GLU A 116 -52.24 26.79 -40.62
C GLU A 116 -51.72 25.65 -41.48
N VAL A 117 -52.64 25.01 -42.20
CA VAL A 117 -52.30 23.99 -43.18
C VAL A 117 -52.69 24.52 -44.56
N LYS A 118 -51.83 24.27 -45.55
CA LYS A 118 -52.11 24.66 -46.92
C LYS A 118 -51.85 23.48 -47.85
N PHE A 119 -52.61 23.43 -48.93
CA PHE A 119 -52.52 22.35 -49.91
C PHE A 119 -51.54 22.80 -51.00
N GLU A 120 -50.27 22.46 -50.82
CA GLU A 120 -49.23 22.90 -51.75
C GLU A 120 -49.11 21.89 -52.88
N ASN A 121 -49.76 22.19 -54.00
CA ASN A 121 -49.70 21.34 -55.18
C ASN A 121 -48.33 21.43 -55.84
N THR A 122 -48.06 20.50 -56.75
CA THR A 122 -46.79 20.50 -57.47
C THR A 122 -47.02 19.93 -58.86
N ILE A 123 -46.82 20.76 -59.88
CA ILE A 123 -46.94 20.33 -61.27
C ILE A 123 -45.59 19.84 -61.75
N ASN A 124 -45.56 18.60 -62.26
CA ASN A 124 -44.32 17.98 -62.69
C ASN A 124 -44.07 18.24 -64.18
N ARG A 125 -43.22 17.42 -64.80
CA ARG A 125 -42.85 17.37 -66.21
C ARG A 125 -44.09 17.32 -67.11
N LYS A 126 -43.95 17.65 -68.40
CA LYS A 126 -45.04 18.06 -69.31
C LYS A 126 -46.22 17.08 -69.44
N THR A 127 -46.12 15.89 -68.82
CA THR A 127 -47.28 15.09 -68.48
C THR A 127 -48.31 15.88 -67.68
N ALA A 128 -47.83 16.77 -66.80
CA ALA A 128 -48.62 17.85 -66.17
C ALA A 128 -49.75 17.29 -65.30
N VAL A 129 -49.36 16.54 -64.28
CA VAL A 129 -50.29 16.01 -63.28
C VAL A 129 -49.94 16.61 -61.93
N ALA A 130 -50.96 17.03 -61.20
CA ALA A 130 -50.74 17.61 -59.88
C ALA A 130 -50.28 16.55 -58.91
N ASN A 131 -49.37 16.94 -58.01
CA ASN A 131 -48.86 16.08 -56.95
C ASN A 131 -49.16 16.76 -55.62
N PRO A 132 -50.36 16.58 -55.09
CA PRO A 132 -50.77 17.33 -53.89
C PRO A 132 -50.02 16.87 -52.64
N ARG A 133 -49.84 17.83 -51.73
CA ARG A 133 -49.08 17.64 -50.50
C ARG A 133 -49.52 18.69 -49.50
N GLN A 134 -49.43 18.39 -48.22
CA GLN A 134 -49.87 19.30 -47.17
C GLN A 134 -48.71 19.62 -46.24
N ILE A 135 -48.46 20.90 -46.04
CA ILE A 135 -47.48 21.38 -45.07
C ILE A 135 -48.21 22.16 -43.99
N GLU A 136 -47.63 22.20 -42.80
CA GLU A 136 -48.24 22.87 -41.66
C GLU A 136 -47.40 24.08 -41.26
N ARG A 137 -47.98 25.27 -41.37
CA ARG A 137 -47.34 26.51 -40.97
C ARG A 137 -48.09 27.09 -39.78
N VAL A 138 -47.69 28.28 -39.35
CA VAL A 138 -48.45 29.05 -38.37
C VAL A 138 -48.92 30.34 -39.03
N ILE A 139 -50.15 30.75 -38.68
CA ILE A 139 -50.80 31.84 -39.37
C ILE A 139 -50.09 33.17 -39.11
N ALA A 140 -49.93 33.96 -40.18
CA ALA A 140 -49.36 35.30 -40.11
C ALA A 140 -50.23 36.21 -39.25
N GLY A 141 -49.57 37.18 -38.63
CA GLY A 141 -50.21 38.06 -37.67
C GLY A 141 -50.15 37.58 -36.25
N SER A 142 -49.78 36.32 -36.01
CA SER A 142 -49.67 35.80 -34.66
C SER A 142 -48.45 36.38 -33.97
N LYS A 143 -48.61 36.67 -32.68
CA LYS A 143 -47.59 37.34 -31.91
C LYS A 143 -46.84 36.31 -31.06
N PHE A 144 -45.59 36.65 -30.73
CA PHE A 144 -44.72 35.74 -29.98
C PHE A 144 -43.79 36.60 -29.12
N ASP A 145 -43.98 36.56 -27.81
CA ASP A 145 -43.11 37.31 -26.91
C ASP A 145 -41.83 36.55 -26.63
N PHE A 146 -40.73 37.30 -26.52
CA PHE A 146 -39.44 36.71 -26.20
C PHE A 146 -38.76 37.55 -25.12
N GLU A 147 -37.95 36.88 -24.30
CA GLU A 147 -37.18 37.54 -23.24
C GLU A 147 -35.75 37.04 -23.33
N ILE A 148 -34.94 37.71 -24.13
CA ILE A 148 -33.53 37.36 -24.27
C ILE A 148 -32.76 37.93 -23.08
N PHE A 149 -32.02 37.08 -22.40
CA PHE A 149 -31.24 37.51 -21.24
C PHE A 149 -29.86 37.95 -21.68
N TYR A 150 -29.40 39.07 -21.11
CA TYR A 150 -28.09 39.60 -21.47
C TYR A 150 -27.28 39.88 -20.20
N ASN A 151 -26.27 39.05 -19.98
CA ASN A 151 -25.30 39.22 -18.91
C ASN A 151 -24.43 40.43 -19.23
N LEU A 152 -24.37 41.38 -18.30
CA LEU A 152 -23.44 42.49 -18.47
C LEU A 152 -22.05 42.06 -18.00
N ASP A 153 -21.11 41.97 -18.95
CA ASP A 153 -19.72 41.68 -18.65
C ASP A 153 -18.75 42.71 -19.22
N ASP A 154 -19.24 43.67 -19.99
CA ASP A 154 -18.44 44.81 -20.42
C ASP A 154 -19.35 46.02 -20.42
N ILE A 155 -18.98 47.06 -19.66
CA ILE A 155 -19.81 48.26 -19.60
C ILE A 155 -19.68 49.05 -20.90
N LYS A 156 -18.49 49.04 -21.51
CA LYS A 156 -18.20 49.85 -22.69
C LYS A 156 -18.31 49.06 -23.98
N GLU A 157 -19.15 48.02 -24.00
CA GLU A 157 -19.41 47.26 -25.21
C GLU A 157 -20.90 47.06 -25.44
N VAL A 158 -21.74 47.28 -24.43
CA VAL A 158 -23.18 47.05 -24.51
C VAL A 158 -23.85 47.99 -25.52
N GLU A 159 -23.23 49.15 -25.79
CA GLU A 159 -23.69 50.03 -26.86
C GLU A 159 -23.63 49.33 -28.22
N LYS A 160 -22.45 48.82 -28.57
CA LYS A 160 -22.27 48.16 -29.86
C LYS A 160 -23.03 46.84 -29.91
N ASP A 161 -23.14 46.16 -28.76
CA ASP A 161 -23.86 44.90 -28.69
C ASP A 161 -25.35 45.09 -28.97
N PHE A 162 -25.96 46.11 -28.36
CA PHE A 162 -27.37 46.32 -28.64
C PHE A 162 -27.59 46.95 -30.01
N GLU A 163 -26.61 47.71 -30.53
CA GLU A 163 -26.75 48.25 -31.88
C GLU A 163 -26.68 47.14 -32.93
N ASN A 164 -25.83 46.13 -32.74
CA ASN A 164 -25.86 45.01 -33.67
C ASN A 164 -26.97 44.01 -33.40
N ILE A 165 -27.54 43.98 -32.19
CA ILE A 165 -28.80 43.24 -32.01
C ILE A 165 -29.91 43.90 -32.82
N LYS A 166 -29.98 45.23 -32.80
CA LYS A 166 -30.98 45.92 -33.62
C LYS A 166 -30.66 45.80 -35.11
N GLN A 167 -29.38 45.78 -35.47
CA GLN A 167 -28.99 45.55 -36.86
C GLN A 167 -29.39 44.16 -37.34
N GLY A 168 -29.27 43.17 -36.47
CA GLY A 168 -29.70 41.82 -36.82
C GLY A 168 -31.21 41.66 -36.92
N PHE A 169 -31.96 42.31 -36.04
CA PHE A 169 -33.41 42.28 -36.16
C PHE A 169 -33.86 43.00 -37.43
N ASP A 170 -33.18 44.10 -37.75
CA ASP A 170 -33.42 44.84 -38.99
C ASP A 170 -33.05 44.00 -40.21
N LEU A 171 -32.07 43.11 -40.09
CA LEU A 171 -31.76 42.20 -41.17
C LEU A 171 -32.69 41.00 -41.18
N LEU A 172 -33.44 40.79 -40.10
CA LEU A 172 -34.34 39.64 -40.03
C LEU A 172 -35.75 39.96 -40.52
N GLU A 173 -36.19 41.23 -40.56
CA GLU A 173 -37.51 41.47 -41.18
C GLU A 173 -37.48 41.22 -42.69
N PHE A 174 -36.30 41.33 -43.31
CA PHE A 174 -36.16 41.11 -44.75
C PHE A 174 -35.74 39.68 -45.07
N ASP A 175 -36.20 38.73 -44.28
CA ASP A 175 -35.81 37.33 -44.43
C ASP A 175 -36.90 36.45 -43.84
N TYR A 176 -36.82 35.16 -44.14
CA TYR A 176 -37.72 34.23 -43.49
C TYR A 176 -37.07 33.74 -42.20
N LEU A 177 -37.84 33.04 -41.38
CA LEU A 177 -37.31 32.39 -40.19
C LEU A 177 -37.56 30.90 -40.37
N GLY A 178 -36.63 30.22 -41.02
CA GLY A 178 -36.68 28.78 -41.15
C GLY A 178 -37.75 28.28 -42.12
N GLY A 179 -37.69 26.98 -42.38
CA GLY A 179 -38.72 26.30 -43.14
C GLY A 179 -38.69 26.60 -44.62
N HIS A 180 -39.80 26.25 -45.28
CA HIS A 180 -39.93 26.42 -46.73
C HIS A 180 -40.24 27.89 -47.07
N GLY A 181 -39.33 28.76 -46.69
CA GLY A 181 -39.59 30.18 -46.74
C GLY A 181 -39.28 30.80 -48.08
N THR A 182 -38.50 30.09 -48.88
CA THR A 182 -38.04 30.60 -50.16
C THR A 182 -39.19 30.71 -51.17
N ARG A 183 -40.25 29.93 -50.99
CA ARG A 183 -41.41 30.00 -51.88
C ARG A 183 -42.62 30.58 -51.17
N GLY A 184 -42.43 31.61 -50.35
CA GLY A 184 -43.55 32.30 -49.76
C GLY A 184 -43.90 31.94 -48.33
N SER A 185 -42.91 31.95 -47.45
CA SER A 185 -43.17 31.66 -46.06
C SER A 185 -42.15 32.38 -45.19
N GLY A 186 -42.49 32.53 -43.91
CA GLY A 186 -41.51 32.80 -42.87
C GLY A 186 -41.24 34.25 -42.51
N ARG A 187 -41.92 35.21 -43.13
CA ARG A 187 -41.50 36.60 -43.00
C ARG A 187 -41.95 37.19 -41.67
N ILE A 188 -41.01 37.80 -40.94
CA ILE A 188 -41.24 38.25 -39.58
C ILE A 188 -41.11 39.77 -39.52
N ALA A 189 -41.53 40.33 -38.38
CA ALA A 189 -41.41 41.75 -38.12
C ALA A 189 -41.41 41.96 -36.61
N PHE A 190 -40.50 42.81 -36.13
CA PHE A 190 -40.35 43.02 -34.69
C PHE A 190 -41.15 44.22 -34.20
N GLU A 191 -41.66 44.11 -32.97
CA GLU A 191 -42.38 45.20 -32.34
C GLU A 191 -42.28 45.09 -30.83
N ASN A 192 -42.45 46.23 -30.16
CA ASN A 192 -42.46 46.35 -28.69
C ASN A 192 -41.16 45.86 -28.06
N LEU A 193 -40.04 46.40 -28.55
CA LEU A 193 -38.71 45.98 -28.10
C LEU A 193 -38.33 46.78 -26.86
N SER A 194 -38.87 46.38 -25.71
CA SER A 194 -38.65 47.08 -24.46
C SER A 194 -37.60 46.36 -23.63
N VAL A 195 -36.70 47.13 -23.03
CA VAL A 195 -35.62 46.60 -22.21
C VAL A 195 -35.89 46.95 -20.76
N ILE A 196 -35.81 45.96 -19.89
CA ILE A 196 -35.86 46.16 -18.45
C ILE A 196 -34.73 45.34 -17.84
N THR A 197 -34.37 45.66 -16.61
CA THR A 197 -33.29 44.96 -15.93
C THR A 197 -33.86 44.15 -14.76
N ALA A 198 -32.97 43.40 -14.11
CA ALA A 198 -33.39 42.56 -12.99
C ALA A 198 -33.67 43.40 -11.75
N VAL A 199 -32.65 44.11 -11.25
CA VAL A 199 -32.81 45.03 -10.13
C VAL A 199 -32.06 46.31 -10.47
N GLY A 200 -32.45 47.40 -9.81
CA GLY A 200 -31.79 48.67 -10.00
C GLY A 200 -32.16 49.36 -11.29
N ASN A 201 -31.40 50.41 -11.61
CA ASN A 201 -31.49 51.07 -12.90
C ASN A 201 -30.10 51.49 -13.37
N PHE A 202 -29.12 50.62 -13.22
CA PHE A 202 -27.75 50.96 -13.58
C PHE A 202 -27.44 50.43 -14.98
N GLU A 203 -26.28 50.89 -15.50
CA GLU A 203 -25.84 50.69 -16.89
C GLU A 203 -26.91 51.21 -17.84
N LYS A 204 -27.05 52.55 -17.89
CA LYS A 204 -28.24 53.34 -18.24
C LYS A 204 -29.18 52.78 -19.30
N ILE A 205 -30.44 52.68 -18.93
CA ILE A 205 -31.45 51.96 -19.70
C ILE A 205 -31.95 52.77 -20.88
N ASN A 206 -31.75 54.10 -20.83
CA ASN A 206 -32.40 55.00 -21.78
C ASN A 206 -31.79 54.90 -23.17
N THR A 207 -30.46 54.86 -23.25
CA THR A 207 -29.80 54.78 -24.54
C THR A 207 -30.07 53.44 -25.24
N LEU A 208 -30.11 52.34 -24.49
CA LEU A 208 -30.41 51.04 -25.09
C LEU A 208 -31.88 50.94 -25.50
N ASN A 209 -32.78 51.50 -24.70
CA ASN A 209 -34.19 51.50 -25.08
C ASN A 209 -34.44 52.39 -26.30
N GLU A 210 -33.67 53.47 -26.46
CA GLU A 210 -33.80 54.27 -27.67
C GLU A 210 -33.22 53.58 -28.90
N ILE A 211 -32.09 52.88 -28.75
CA ILE A 211 -31.51 52.27 -29.94
C ILE A 211 -32.20 50.96 -30.29
N LEU A 212 -33.00 50.41 -29.39
CA LEU A 212 -33.88 49.32 -29.81
C LEU A 212 -35.27 49.81 -30.17
N GLY A 213 -35.61 51.05 -29.80
CA GLY A 213 -36.86 51.62 -30.25
C GLY A 213 -36.81 52.33 -31.58
N ALA A 214 -35.65 52.31 -32.24
CA ALA A 214 -35.45 53.01 -33.50
C ALA A 214 -36.21 52.37 -34.66
N MET B 1 -14.20 -40.55 28.17
CA MET B 1 -13.81 -39.59 29.19
C MET B 1 -12.90 -38.52 28.61
N LYS B 2 -13.00 -38.33 27.31
CA LYS B 2 -12.33 -37.24 26.62
C LYS B 2 -13.12 -36.95 25.35
N LEU B 3 -13.62 -35.73 25.24
CA LEU B 3 -14.65 -35.40 24.27
C LEU B 3 -14.12 -34.43 23.23
N VAL B 4 -14.73 -34.48 22.05
CA VAL B 4 -14.37 -33.61 20.93
C VAL B 4 -15.60 -32.82 20.54
N ILE B 5 -15.48 -31.50 20.48
CA ILE B 5 -16.57 -30.66 19.99
C ILE B 5 -16.13 -30.01 18.69
N GLU B 6 -16.81 -30.36 17.61
CA GLU B 6 -16.48 -29.92 16.27
C GLU B 6 -17.46 -28.86 15.84
N GLY B 7 -17.02 -27.97 14.96
CA GLY B 7 -17.88 -26.93 14.45
C GLY B 7 -17.23 -26.13 13.35
N THR B 8 -17.84 -25.01 13.00
CA THR B 8 -17.29 -24.12 11.98
C THR B 8 -17.60 -22.68 12.39
N ILE B 9 -16.60 -21.83 12.29
CA ILE B 9 -16.77 -20.39 12.49
C ILE B 9 -16.89 -19.77 11.11
N VAL B 10 -18.08 -19.34 10.74
CA VAL B 10 -18.24 -18.57 9.51
C VAL B 10 -18.24 -17.09 9.87
N LEU B 11 -17.85 -16.26 8.92
CA LEU B 11 -17.71 -14.84 9.16
C LEU B 11 -18.81 -14.07 8.45
N LYS B 12 -19.66 -13.42 9.23
CA LYS B 12 -20.69 -12.58 8.64
C LYS B 12 -20.09 -11.25 8.20
N THR B 13 -19.18 -10.71 9.01
CA THR B 13 -18.38 -9.55 8.67
C THR B 13 -16.92 -10.01 8.71
N GLY B 14 -16.01 -9.23 8.14
CA GLY B 14 -14.60 -9.55 8.14
C GLY B 14 -13.95 -9.59 9.50
N MET B 15 -12.68 -9.98 9.55
CA MET B 15 -12.01 -10.25 10.81
C MET B 15 -10.57 -9.80 10.74
N HIS B 16 -10.15 -9.03 11.73
CA HIS B 16 -8.76 -8.64 11.84
C HIS B 16 -8.24 -9.15 13.19
N ILE B 17 -7.80 -10.40 13.23
CA ILE B 17 -7.11 -10.92 14.39
C ILE B 17 -5.62 -10.71 14.19
N GLY B 18 -4.98 -10.09 15.18
CA GLY B 18 -3.57 -10.29 15.37
C GLY B 18 -2.65 -9.59 14.41
N GLY B 19 -1.40 -10.01 14.41
CA GLY B 19 -0.44 -9.44 13.49
C GLY B 19 0.91 -10.11 13.60
N SER B 20 1.50 -10.42 12.45
CA SER B 20 2.84 -10.97 12.45
C SER B 20 3.86 -9.86 12.18
N SER B 21 5.01 -10.00 12.81
CA SER B 21 6.14 -9.09 12.62
C SER B 21 7.33 -9.85 12.07
N ASP B 22 7.05 -10.79 11.16
CA ASP B 22 8.02 -11.74 10.65
C ASP B 22 8.69 -11.29 9.37
N PHE B 23 8.48 -10.02 8.97
CA PHE B 23 8.94 -9.42 7.71
C PHE B 23 8.43 -10.28 6.54
N SER B 24 7.16 -10.68 6.62
CA SER B 24 6.55 -11.38 5.50
C SER B 24 6.19 -10.40 4.40
N ALA B 25 5.28 -9.46 4.70
CA ALA B 25 5.16 -8.24 3.93
C ALA B 25 4.72 -7.17 4.92
N ILE B 26 5.69 -6.47 5.50
CA ILE B 26 5.44 -5.29 6.32
C ILE B 26 5.76 -4.03 5.57
N GLY B 27 6.15 -4.13 4.30
CA GLY B 27 6.37 -2.95 3.50
C GLY B 27 5.09 -2.17 3.25
N ALA B 28 4.02 -2.89 2.89
CA ALA B 28 2.75 -2.25 2.60
C ALA B 28 2.14 -1.68 3.88
N VAL B 29 1.65 -0.45 3.80
CA VAL B 29 1.08 0.18 4.98
C VAL B 29 -0.32 -0.39 5.22
N ALA B 30 -0.34 -1.54 5.89
CA ALA B 30 -1.56 -2.27 6.20
C ALA B 30 -1.23 -3.24 7.32
N SER B 31 -2.00 -3.19 8.40
CA SER B 31 -1.76 -4.08 9.52
C SER B 31 -2.18 -5.49 9.13
N PRO B 32 -1.30 -6.47 9.17
CA PRO B 32 -1.64 -7.79 8.66
C PRO B 32 -2.32 -8.65 9.71
N VAL B 33 -2.89 -9.75 9.22
CA VAL B 33 -3.59 -10.71 10.07
C VAL B 33 -2.67 -11.89 10.33
N VAL B 34 -3.03 -12.70 11.32
CA VAL B 34 -2.24 -13.89 11.63
C VAL B 34 -2.51 -14.97 10.59
N ARG B 35 -1.43 -15.56 10.09
CA ARG B 35 -1.51 -16.61 9.09
C ARG B 35 -0.64 -17.78 9.53
N ASP B 36 -0.93 -18.96 8.97
CA ASP B 36 -0.06 -20.11 9.11
C ASP B 36 1.29 -19.81 8.48
N THR B 37 2.36 -20.37 9.04
CA THR B 37 3.68 -19.95 8.57
C THR B 37 4.20 -20.76 7.39
N LEU B 38 3.61 -21.90 7.08
CA LEU B 38 4.07 -22.68 5.94
C LEU B 38 3.09 -22.66 4.78
N THR B 39 1.84 -22.28 5.03
CA THR B 39 0.90 -22.14 3.94
C THR B 39 0.52 -20.69 3.66
N ARG B 40 0.76 -19.79 4.62
CA ARG B 40 0.40 -18.37 4.55
C ARG B 40 -1.09 -18.16 4.29
N LEU B 41 -1.91 -19.03 4.84
CA LEU B 41 -3.35 -18.96 4.74
C LEU B 41 -3.90 -18.47 6.07
N PRO B 42 -5.05 -17.77 6.07
CA PRO B 42 -5.52 -17.13 7.30
C PRO B 42 -5.90 -18.11 8.39
N LEU B 43 -5.72 -17.68 9.63
CA LEU B 43 -5.68 -18.53 10.80
C LEU B 43 -6.45 -17.84 11.90
N ILE B 44 -7.33 -18.55 12.59
CA ILE B 44 -7.86 -18.12 13.87
C ILE B 44 -7.03 -18.78 14.96
N PRO B 45 -6.34 -18.02 15.81
CA PRO B 45 -5.63 -18.63 16.93
C PRO B 45 -6.59 -19.23 17.92
N GLY B 46 -6.16 -20.33 18.55
CA GLY B 46 -6.98 -20.92 19.60
C GLY B 46 -6.98 -20.07 20.85
N SER B 47 -5.93 -19.28 21.05
CA SER B 47 -5.88 -18.40 22.20
C SER B 47 -6.87 -17.26 22.07
N SER B 48 -7.10 -16.76 20.85
CA SER B 48 -8.04 -15.67 20.64
C SER B 48 -9.48 -16.12 20.89
N LEU B 49 -9.85 -17.25 20.31
CA LEU B 49 -11.18 -17.82 20.53
C LEU B 49 -11.39 -18.15 22.00
N LYS B 50 -10.38 -18.76 22.61
CA LYS B 50 -10.46 -19.15 24.02
C LYS B 50 -10.60 -17.93 24.92
N GLY B 51 -9.81 -16.88 24.66
CA GLY B 51 -9.82 -15.73 25.52
C GLY B 51 -11.07 -14.88 25.37
N LYS B 52 -11.61 -14.81 24.16
CA LYS B 52 -12.85 -14.05 23.97
C LYS B 52 -14.05 -14.78 24.57
N MET B 53 -14.10 -16.12 24.43
CA MET B 53 -15.12 -16.89 25.13
C MET B 53 -15.00 -16.76 26.64
N ARG B 54 -13.77 -16.78 27.16
CA ARG B 54 -13.59 -16.61 28.61
C ARG B 54 -14.02 -15.24 29.06
N TYR B 55 -13.74 -14.21 28.27
CA TYR B 55 -14.11 -12.84 28.62
C TYR B 55 -15.61 -12.66 28.65
N LEU B 56 -16.30 -13.12 27.61
CA LEU B 56 -17.75 -12.94 27.56
C LEU B 56 -18.46 -13.82 28.57
N LEU B 57 -17.94 -15.03 28.82
CA LEU B 57 -18.55 -15.92 29.79
C LEU B 57 -18.32 -15.43 31.21
N ALA B 58 -17.17 -14.82 31.47
CA ALA B 58 -16.90 -14.31 32.81
C ALA B 58 -17.54 -12.96 33.03
N LYS B 59 -18.00 -12.31 31.97
CA LYS B 59 -18.74 -11.06 32.15
C LYS B 59 -20.24 -11.32 32.27
N GLU B 60 -20.75 -12.33 31.56
CA GLU B 60 -22.15 -12.71 31.72
C GLU B 60 -22.40 -13.32 33.09
N LEU B 61 -21.52 -14.19 33.53
CA LEU B 61 -21.47 -14.58 34.93
C LEU B 61 -20.71 -13.50 35.71
N ASN B 62 -20.56 -13.74 37.02
CA ASN B 62 -19.84 -12.86 37.95
C ASN B 62 -20.38 -11.43 37.93
N ASN B 63 -21.70 -11.32 37.94
CA ASN B 63 -22.35 -10.01 37.90
C ASN B 63 -22.74 -9.60 39.32
N GLY B 64 -22.41 -8.36 39.69
CA GLY B 64 -22.77 -7.85 41.00
C GLY B 64 -21.94 -8.38 42.15
N ILE B 65 -20.80 -9.01 41.85
CA ILE B 65 -19.93 -9.54 42.90
C ILE B 65 -18.50 -9.05 42.73
N ASP B 73 -12.75 -14.93 39.70
CA ASP B 73 -13.94 -15.45 39.03
C ASP B 73 -14.48 -16.68 39.74
N GLN B 74 -15.73 -17.03 39.46
CA GLN B 74 -16.36 -18.18 40.09
C GLN B 74 -15.84 -19.46 39.45
N ASP B 75 -16.11 -20.57 40.15
CA ASP B 75 -15.43 -21.82 39.84
C ASP B 75 -15.89 -22.47 38.53
N GLU B 76 -17.00 -22.01 37.94
CA GLU B 76 -17.37 -22.49 36.61
C GLU B 76 -16.36 -22.05 35.57
N ILE B 77 -15.96 -20.77 35.62
CA ILE B 77 -15.00 -20.24 34.67
C ILE B 77 -13.63 -20.84 34.90
N LEU B 78 -13.26 -21.05 36.16
CA LEU B 78 -11.94 -21.60 36.46
C LEU B 78 -11.87 -23.08 36.13
N ARG B 79 -12.95 -23.82 36.34
CA ARG B 79 -12.92 -25.24 36.02
C ARG B 79 -13.06 -25.47 34.52
N LEU B 80 -13.58 -24.50 33.79
CA LEU B 80 -13.68 -24.66 32.34
C LEU B 80 -12.44 -24.16 31.63
N PHE B 81 -11.76 -23.15 32.18
CA PHE B 81 -10.67 -22.52 31.46
C PHE B 81 -9.34 -22.56 32.19
N GLY B 82 -9.27 -23.15 33.38
CA GLY B 82 -8.02 -23.24 34.10
C GLY B 82 -7.70 -21.98 34.86
N SER B 83 -6.95 -22.16 35.94
CA SER B 83 -6.52 -21.01 36.74
C SER B 83 -5.23 -21.36 37.43
N SER B 84 -4.48 -20.31 37.76
CA SER B 84 -3.26 -20.50 38.55
C SER B 84 -3.11 -19.27 39.44
N GLU B 85 -3.64 -19.37 40.65
CA GLU B 85 -3.53 -18.34 41.66
C GLU B 85 -2.62 -18.86 42.76
N LYS B 86 -2.52 -18.08 43.83
CA LYS B 86 -1.68 -18.48 44.95
C LYS B 86 -2.24 -19.67 45.73
N ASP B 87 -3.53 -19.97 45.58
CA ASP B 87 -4.09 -21.16 46.21
C ASP B 87 -4.99 -21.92 45.25
N LYS B 88 -5.48 -21.24 44.22
CA LYS B 88 -6.38 -21.86 43.24
C LYS B 88 -5.57 -22.23 42.00
N ILE B 89 -5.29 -23.53 41.85
CA ILE B 89 -4.70 -24.07 40.64
C ILE B 89 -5.61 -25.18 40.15
N ARG B 90 -6.10 -25.04 38.92
CA ARG B 90 -6.95 -26.06 38.32
C ARG B 90 -6.45 -26.33 36.91
N ARG B 91 -6.58 -27.58 36.48
CA ARG B 91 -6.37 -27.90 35.08
C ARG B 91 -7.58 -27.47 34.28
N ALA B 92 -7.33 -26.86 33.12
CA ALA B 92 -8.41 -26.48 32.22
C ALA B 92 -9.04 -27.73 31.64
N ARG B 93 -10.36 -27.67 31.42
CA ARG B 93 -11.03 -28.82 30.84
C ARG B 93 -11.10 -28.74 29.33
N LEU B 94 -11.07 -27.54 28.78
CA LEU B 94 -11.14 -27.36 27.34
C LEU B 94 -9.75 -27.26 26.75
N LYS B 95 -9.55 -27.93 25.62
CA LYS B 95 -8.28 -27.90 24.89
C LYS B 95 -8.56 -27.27 23.54
N PHE B 96 -8.31 -25.97 23.43
CA PHE B 96 -8.52 -25.26 22.19
C PHE B 96 -7.35 -25.49 21.26
N ASN B 97 -7.61 -25.45 19.96
CA ASN B 97 -6.58 -25.63 18.94
C ASN B 97 -6.63 -24.46 17.96
N ASP B 98 -5.48 -24.16 17.36
CA ASP B 98 -5.44 -23.11 16.34
C ASP B 98 -6.21 -23.54 15.12
N ILE B 99 -7.04 -22.65 14.62
CA ILE B 99 -8.01 -22.96 13.58
C ILE B 99 -7.55 -22.32 12.27
N LYS B 100 -7.53 -23.11 11.21
CA LYS B 100 -7.08 -22.63 9.91
C LYS B 100 -8.24 -22.63 8.93
N LEU B 101 -8.04 -21.93 7.81
CA LEU B 101 -9.11 -21.69 6.86
C LEU B 101 -9.54 -22.96 6.15
N SER B 102 -10.85 -23.14 5.99
CA SER B 102 -11.43 -24.36 5.47
C SER B 102 -11.84 -24.27 4.01
N ASN B 103 -12.73 -23.34 3.67
CA ASN B 103 -13.34 -23.32 2.35
C ASN B 103 -12.54 -22.49 1.35
N LEU B 104 -11.23 -22.71 1.29
CA LEU B 104 -10.43 -21.89 0.39
C LEU B 104 -10.59 -22.33 -1.05
N ALA B 105 -10.95 -23.60 -1.29
CA ALA B 105 -11.37 -24.02 -2.61
C ALA B 105 -12.66 -23.33 -3.02
N GLU B 106 -13.61 -23.21 -2.09
CA GLU B 106 -14.82 -22.43 -2.33
C GLU B 106 -14.51 -20.96 -2.51
N LEU B 107 -13.47 -20.45 -1.84
CA LEU B 107 -13.02 -19.10 -2.10
C LEU B 107 -12.25 -18.99 -3.41
N GLU B 108 -11.83 -20.10 -4.01
CA GLU B 108 -11.20 -20.05 -5.30
C GLU B 108 -12.18 -20.30 -6.45
N THR B 109 -13.40 -20.75 -6.14
CA THR B 109 -14.41 -20.82 -7.18
C THR B 109 -14.84 -19.43 -7.63
N PHE B 110 -14.79 -18.46 -6.73
CA PHE B 110 -15.20 -17.09 -7.02
C PHE B 110 -14.06 -16.24 -7.53
N ASN B 111 -12.87 -16.82 -7.71
CA ASN B 111 -11.65 -16.14 -8.17
C ASN B 111 -11.31 -14.93 -7.31
N VAL B 112 -11.37 -15.16 -6.00
CA VAL B 112 -11.19 -14.09 -5.03
C VAL B 112 -10.15 -14.56 -4.02
N SER B 113 -9.50 -13.60 -3.36
CA SER B 113 -8.43 -13.92 -2.43
C SER B 113 -8.99 -14.49 -1.14
N SER B 114 -8.07 -14.99 -0.31
CA SER B 114 -8.45 -15.44 1.03
C SER B 114 -8.57 -14.27 2.00
N THR B 115 -8.04 -13.10 1.63
CA THR B 115 -8.01 -11.95 2.52
C THR B 115 -8.12 -10.68 1.69
N GLU B 116 -8.54 -9.61 2.36
CA GLU B 116 -8.79 -8.32 1.71
C GLU B 116 -8.04 -7.21 2.39
N VAL B 117 -8.30 -5.97 2.00
CA VAL B 117 -7.78 -4.81 2.71
C VAL B 117 -8.92 -3.81 2.84
N LYS B 118 -9.04 -3.21 4.01
CA LYS B 118 -10.12 -2.28 4.33
C LYS B 118 -9.52 -0.92 4.68
N PHE B 119 -10.04 0.12 4.05
CA PHE B 119 -9.55 1.47 4.22
C PHE B 119 -10.43 2.22 5.21
N GLU B 120 -9.79 2.89 6.17
CA GLU B 120 -10.50 3.82 7.04
C GLU B 120 -9.73 5.13 7.18
N ASN B 121 -10.47 6.22 7.16
CA ASN B 121 -9.96 7.56 7.43
C ASN B 121 -10.01 7.83 8.92
N THR B 122 -9.70 9.07 9.28
CA THR B 122 -9.97 9.60 10.61
C THR B 122 -10.10 11.13 10.43
N ILE B 123 -11.33 11.60 10.39
CA ILE B 123 -11.57 13.03 10.18
C ILE B 123 -11.31 13.74 11.50
N ASN B 124 -10.29 14.60 11.54
CA ASN B 124 -10.07 15.46 12.68
C ASN B 124 -11.20 16.49 12.77
N ARG B 125 -11.70 16.73 13.98
CA ARG B 125 -12.80 17.67 14.10
C ARG B 125 -12.32 19.12 14.06
N LYS B 126 -11.11 19.37 14.55
CA LYS B 126 -10.55 20.72 14.48
C LYS B 126 -10.21 21.12 13.06
N THR B 127 -9.50 20.25 12.33
CA THR B 127 -8.89 20.62 11.06
C THR B 127 -9.45 19.88 9.86
N ALA B 128 -10.53 19.11 10.01
CA ALA B 128 -11.38 18.61 8.92
C ALA B 128 -10.64 17.76 7.89
N VAL B 129 -9.51 17.18 8.28
CA VAL B 129 -8.64 16.50 7.33
C VAL B 129 -8.60 15.01 7.68
N ALA B 130 -8.49 14.18 6.65
CA ALA B 130 -8.48 12.73 6.79
C ALA B 130 -7.07 12.18 6.61
N ASN B 131 -6.68 11.30 7.52
CA ASN B 131 -5.52 10.43 7.32
C ASN B 131 -6.02 8.99 7.19
N PRO B 132 -5.84 8.38 6.02
CA PRO B 132 -6.28 7.00 5.83
C PRO B 132 -5.39 6.03 6.58
N ARG B 133 -5.92 4.83 6.79
CA ARG B 133 -5.15 3.72 7.31
C ARG B 133 -5.71 2.44 6.70
N GLN B 134 -4.88 1.41 6.61
CA GLN B 134 -5.35 0.17 6.03
C GLN B 134 -5.32 -0.96 7.05
N ILE B 135 -6.28 -1.86 6.90
CA ILE B 135 -6.42 -3.03 7.76
C ILE B 135 -6.56 -4.23 6.85
N GLU B 136 -5.71 -5.22 7.01
CA GLU B 136 -5.99 -6.52 6.44
C GLU B 136 -7.14 -7.17 7.19
N ARG B 137 -8.08 -7.74 6.46
CA ARG B 137 -9.12 -8.56 7.04
C ARG B 137 -9.23 -9.84 6.23
N VAL B 138 -9.51 -10.92 6.92
CA VAL B 138 -9.97 -12.14 6.25
C VAL B 138 -11.44 -11.95 5.95
N ILE B 139 -11.83 -12.29 4.71
CA ILE B 139 -13.07 -11.78 4.16
C ILE B 139 -14.27 -12.50 4.75
N ALA B 140 -15.44 -11.89 4.60
CA ALA B 140 -16.67 -12.56 4.98
C ALA B 140 -16.94 -13.73 4.05
N GLY B 141 -17.67 -14.71 4.55
CA GLY B 141 -17.83 -15.94 3.83
C GLY B 141 -16.71 -16.93 4.02
N SER B 142 -15.67 -16.55 4.76
CA SER B 142 -14.64 -17.49 5.16
C SER B 142 -15.20 -18.42 6.23
N LYS B 143 -14.72 -19.66 6.21
CA LYS B 143 -15.17 -20.67 7.16
C LYS B 143 -13.93 -21.29 7.80
N PHE B 144 -14.02 -21.59 9.08
CA PHE B 144 -12.92 -22.12 9.88
C PHE B 144 -13.42 -23.34 10.64
N ASP B 145 -13.05 -24.53 10.19
CA ASP B 145 -13.47 -25.76 10.86
C ASP B 145 -12.61 -25.95 12.10
N PHE B 146 -13.24 -26.00 13.27
CA PHE B 146 -12.50 -26.13 14.52
C PHE B 146 -12.88 -27.43 15.22
N GLU B 147 -11.97 -27.85 16.11
CA GLU B 147 -12.28 -28.89 17.06
C GLU B 147 -11.61 -28.52 18.39
N ILE B 148 -12.38 -28.64 19.46
CA ILE B 148 -11.95 -28.29 20.80
C ILE B 148 -12.14 -29.53 21.65
N PHE B 149 -11.12 -29.89 22.42
CA PHE B 149 -11.15 -31.13 23.17
C PHE B 149 -11.50 -30.87 24.62
N TYR B 150 -12.47 -31.63 25.11
CA TYR B 150 -12.95 -31.56 26.48
C TYR B 150 -12.56 -32.86 27.17
N ASN B 151 -11.92 -32.78 28.34
CA ASN B 151 -11.67 -33.98 29.12
C ASN B 151 -12.61 -34.03 30.32
N LEU B 152 -13.09 -35.21 30.61
CA LEU B 152 -14.22 -35.42 31.50
C LEU B 152 -13.71 -35.94 32.84
N ASP B 153 -13.40 -35.01 33.74
CA ASP B 153 -13.00 -35.34 35.10
C ASP B 153 -14.17 -35.78 35.99
N ASP B 154 -15.37 -35.27 35.76
CA ASP B 154 -16.49 -35.59 36.63
C ASP B 154 -17.78 -35.46 35.84
N ILE B 155 -18.61 -36.51 35.88
CA ILE B 155 -19.83 -36.57 35.10
C ILE B 155 -20.91 -35.65 35.69
N LYS B 156 -20.81 -35.31 36.97
CA LYS B 156 -21.82 -34.44 37.57
C LYS B 156 -21.68 -32.99 37.15
N GLU B 157 -20.61 -32.63 36.42
CA GLU B 157 -20.41 -31.26 35.98
C GLU B 157 -20.41 -31.09 34.47
N VAL B 158 -20.56 -32.17 33.69
CA VAL B 158 -20.38 -32.07 32.24
C VAL B 158 -21.55 -31.33 31.60
N GLU B 159 -22.76 -31.49 32.13
CA GLU B 159 -23.90 -30.85 31.49
C GLU B 159 -23.91 -29.36 31.77
N LYS B 160 -23.50 -28.95 32.97
CA LYS B 160 -23.37 -27.53 33.27
C LYS B 160 -22.21 -26.91 32.51
N ASP B 161 -21.12 -27.67 32.34
CA ASP B 161 -20.01 -27.20 31.52
C ASP B 161 -20.42 -26.98 30.08
N PHE B 162 -21.17 -27.91 29.50
CA PHE B 162 -21.59 -27.76 28.11
C PHE B 162 -22.65 -26.69 27.94
N GLU B 163 -23.49 -26.49 28.96
CA GLU B 163 -24.39 -25.35 28.98
C GLU B 163 -23.61 -24.04 28.97
N ASN B 164 -22.53 -23.98 29.74
CA ASN B 164 -21.69 -22.79 29.74
C ASN B 164 -20.92 -22.62 28.42
N ILE B 165 -20.53 -23.73 27.78
CA ILE B 165 -19.84 -23.64 26.49
C ILE B 165 -20.77 -23.11 25.41
N LYS B 166 -22.01 -23.58 25.38
CA LYS B 166 -22.96 -23.05 24.40
C LYS B 166 -23.33 -21.60 24.71
N GLN B 167 -23.38 -21.25 26.01
CA GLN B 167 -23.57 -19.87 26.42
C GLN B 167 -22.43 -18.99 25.92
N GLY B 168 -21.20 -19.48 26.01
CA GLY B 168 -20.07 -18.74 25.48
C GLY B 168 -20.11 -18.61 23.97
N PHE B 169 -20.58 -19.66 23.28
CA PHE B 169 -20.65 -19.63 21.82
C PHE B 169 -21.69 -18.63 21.32
N ASP B 170 -22.88 -18.60 21.91
CA ASP B 170 -23.83 -17.65 21.36
C ASP B 170 -23.63 -16.24 21.93
N LEU B 171 -23.01 -16.11 23.10
CA LEU B 171 -22.54 -14.81 23.55
C LEU B 171 -21.48 -14.26 22.61
N LEU B 172 -20.63 -15.13 22.08
CA LEU B 172 -19.65 -14.70 21.10
C LEU B 172 -20.31 -14.41 19.76
N GLU B 173 -21.42 -15.10 19.47
CA GLU B 173 -22.17 -14.81 18.25
C GLU B 173 -22.87 -13.47 18.31
N PHE B 174 -23.09 -12.91 19.50
CA PHE B 174 -23.54 -11.53 19.62
C PHE B 174 -22.43 -10.54 19.96
N ASP B 175 -21.17 -10.91 19.72
CA ASP B 175 -20.05 -10.01 19.88
C ASP B 175 -19.11 -10.28 18.71
N TYR B 176 -17.88 -9.83 18.80
CA TYR B 176 -16.91 -10.03 17.73
C TYR B 176 -15.74 -10.88 18.19
N LEU B 177 -14.88 -11.23 17.24
CA LEU B 177 -13.73 -12.07 17.49
C LEU B 177 -12.47 -11.31 17.09
N GLY B 178 -11.96 -10.49 17.99
CA GLY B 178 -10.71 -9.82 17.78
C GLY B 178 -10.75 -8.64 16.84
N GLY B 179 -9.92 -7.65 17.12
CA GLY B 179 -9.77 -6.52 16.23
C GLY B 179 -10.89 -5.51 16.35
N HIS B 180 -10.98 -4.66 15.32
CA HIS B 180 -11.75 -3.42 15.38
C HIS B 180 -13.25 -3.71 15.27
N GLY B 181 -13.77 -4.41 16.25
CA GLY B 181 -15.11 -4.96 16.13
C GLY B 181 -16.20 -3.95 16.39
N THR B 182 -15.88 -2.89 17.12
CA THR B 182 -16.86 -1.84 17.34
C THR B 182 -17.15 -1.08 16.06
N ARG B 183 -16.17 -1.03 15.15
CA ARG B 183 -16.25 -0.29 13.90
C ARG B 183 -16.46 -1.21 12.72
N GLY B 184 -17.24 -2.26 12.90
CA GLY B 184 -17.67 -3.06 11.77
C GLY B 184 -17.31 -4.51 11.84
N SER B 185 -16.02 -4.82 11.99
CA SER B 185 -15.53 -6.15 11.68
C SER B 185 -15.81 -7.11 12.83
N GLY B 186 -15.33 -8.34 12.67
CA GLY B 186 -15.24 -9.27 13.76
C GLY B 186 -16.43 -10.18 13.97
N ARG B 187 -17.59 -9.89 13.36
CA ARG B 187 -18.80 -10.65 13.66
C ARG B 187 -18.73 -12.06 13.10
N ILE B 188 -19.05 -13.05 13.94
CA ILE B 188 -18.90 -14.46 13.60
C ILE B 188 -20.26 -15.13 13.74
N ALA B 189 -20.31 -16.38 13.30
CA ALA B 189 -21.46 -17.25 13.51
C ALA B 189 -20.97 -18.69 13.57
N PHE B 190 -21.28 -19.38 14.65
CA PHE B 190 -20.88 -20.76 14.83
C PHE B 190 -21.92 -21.67 14.23
N GLU B 191 -21.49 -22.63 13.43
CA GLU B 191 -22.43 -23.60 12.88
C GLU B 191 -21.83 -24.98 12.96
N ASN B 192 -22.69 -25.98 12.75
CA ASN B 192 -22.38 -27.41 12.77
C ASN B 192 -21.78 -27.86 14.09
N LEU B 193 -22.19 -27.25 15.19
CA LEU B 193 -21.66 -27.62 16.50
C LEU B 193 -22.16 -28.98 16.92
N SER B 194 -21.23 -29.93 17.06
CA SER B 194 -21.57 -31.29 17.39
C SER B 194 -20.49 -31.83 18.32
N VAL B 195 -20.85 -32.86 19.09
CA VAL B 195 -19.95 -33.44 20.07
C VAL B 195 -19.82 -34.93 19.75
N ILE B 196 -18.59 -35.41 19.67
CA ILE B 196 -18.31 -36.84 19.55
C ILE B 196 -17.26 -37.20 20.61
N THR B 197 -17.44 -38.34 21.26
CA THR B 197 -16.51 -38.76 22.29
C THR B 197 -15.29 -39.43 21.66
N ALA B 198 -14.10 -39.07 22.15
CA ALA B 198 -12.88 -39.54 21.52
C ALA B 198 -12.41 -40.87 22.11
N VAL B 199 -12.13 -40.88 23.42
CA VAL B 199 -11.78 -42.11 24.13
C VAL B 199 -12.66 -42.22 25.35
N GLY B 200 -13.09 -43.44 25.64
CA GLY B 200 -13.92 -43.66 26.81
C GLY B 200 -15.38 -43.48 26.44
N ASN B 201 -16.16 -44.56 26.48
CA ASN B 201 -17.54 -44.47 26.05
C ASN B 201 -18.36 -43.73 27.09
N PHE B 202 -19.05 -42.68 26.67
CA PHE B 202 -19.83 -41.84 27.56
C PHE B 202 -21.31 -42.13 27.34
N GLU B 203 -22.03 -42.42 28.41
CA GLU B 203 -23.33 -43.04 28.28
C GLU B 203 -24.40 -42.02 27.87
N LYS B 204 -24.24 -40.76 28.28
CA LYS B 204 -25.14 -39.69 27.87
C LYS B 204 -24.37 -38.69 27.01
N ILE B 205 -24.21 -39.00 25.73
CA ILE B 205 -23.56 -38.10 24.80
C ILE B 205 -24.57 -37.31 23.96
N ASN B 206 -25.77 -37.87 23.75
CA ASN B 206 -26.75 -37.20 22.90
C ASN B 206 -27.30 -35.96 23.59
N THR B 207 -27.33 -35.95 24.93
CA THR B 207 -27.78 -34.76 25.64
C THR B 207 -26.80 -33.61 25.48
N LEU B 208 -25.50 -33.91 25.39
CA LEU B 208 -24.54 -32.85 25.09
C LEU B 208 -24.63 -32.45 23.62
N ASN B 209 -24.90 -33.42 22.74
CA ASN B 209 -25.03 -33.12 21.32
C ASN B 209 -26.27 -32.28 21.03
N GLU B 210 -27.28 -32.33 21.90
CA GLU B 210 -28.43 -31.46 21.72
C GLU B 210 -28.33 -30.17 22.52
N ILE B 211 -27.56 -30.13 23.61
CA ILE B 211 -27.43 -28.87 24.32
C ILE B 211 -26.43 -27.97 23.61
N LEU B 212 -25.53 -28.55 22.80
CA LEU B 212 -24.61 -27.74 22.03
C LEU B 212 -25.10 -27.53 20.60
N GLY B 213 -25.82 -28.49 20.05
CA GLY B 213 -26.32 -28.39 18.71
C GLY B 213 -27.66 -27.69 18.57
N ALA B 214 -28.18 -27.13 19.65
CA ALA B 214 -29.45 -26.41 19.57
C ALA B 214 -29.26 -25.05 18.93
N MET C 1 -28.12 23.47 15.84
CA MET C 1 -29.44 23.64 15.27
C MET C 1 -29.33 23.63 13.76
N LYS C 2 -30.31 23.07 13.08
CA LYS C 2 -30.26 22.91 11.63
C LYS C 2 -31.57 23.33 11.01
N LEU C 3 -31.51 23.96 9.84
CA LEU C 3 -32.69 24.43 9.14
C LEU C 3 -32.78 23.76 7.78
N VAL C 4 -34.00 23.63 7.29
CA VAL C 4 -34.27 23.04 5.98
C VAL C 4 -34.94 24.11 5.12
N ILE C 5 -34.38 24.36 3.95
CA ILE C 5 -34.94 25.35 3.03
C ILE C 5 -35.55 24.62 1.84
N GLU C 6 -36.86 24.73 1.69
CA GLU C 6 -37.62 23.93 0.73
C GLU C 6 -38.37 24.82 -0.24
N GLY C 7 -38.36 24.43 -1.50
CA GLY C 7 -39.08 25.16 -2.52
C GLY C 7 -39.42 24.31 -3.73
N THR C 8 -39.47 24.94 -4.91
CA THR C 8 -39.77 24.25 -6.15
C THR C 8 -38.98 24.91 -7.27
N ILE C 9 -38.49 24.10 -8.20
CA ILE C 9 -37.84 24.58 -9.41
C ILE C 9 -38.76 24.22 -10.55
N VAL C 10 -39.42 25.20 -11.14
CA VAL C 10 -40.30 24.97 -12.28
C VAL C 10 -39.58 25.39 -13.56
N LEU C 11 -39.67 24.56 -14.59
CA LEU C 11 -38.94 24.79 -15.84
C LEU C 11 -39.79 25.66 -16.76
N LYS C 12 -39.34 26.87 -17.03
CA LYS C 12 -40.07 27.74 -17.94
C LYS C 12 -39.90 27.34 -19.39
N THR C 13 -38.70 26.93 -19.79
CA THR C 13 -38.46 26.34 -21.10
C THR C 13 -38.04 24.89 -20.90
N GLY C 14 -37.57 24.24 -21.95
CA GLY C 14 -37.06 22.89 -21.81
C GLY C 14 -35.74 22.87 -21.07
N MET C 15 -35.36 21.68 -20.61
CA MET C 15 -34.10 21.51 -19.92
C MET C 15 -33.50 20.20 -20.36
N HIS C 16 -32.18 20.10 -20.25
CA HIS C 16 -31.44 18.91 -20.68
C HIS C 16 -30.20 18.87 -19.82
N ILE C 17 -30.15 17.95 -18.86
CA ILE C 17 -28.95 17.73 -18.06
C ILE C 17 -28.37 16.41 -18.50
N GLY C 18 -27.06 16.38 -18.73
CA GLY C 18 -26.33 15.14 -18.68
C GLY C 18 -26.19 14.48 -20.03
N GLY C 19 -25.51 13.34 -20.00
CA GLY C 19 -25.23 12.53 -21.17
C GLY C 19 -24.48 11.30 -20.73
N SER C 20 -24.13 10.48 -21.72
CA SER C 20 -23.44 9.20 -21.57
C SER C 20 -24.17 8.26 -20.61
N GLY C 27 -28.46 3.72 -25.85
CA GLY C 27 -29.39 3.06 -26.76
C GLY C 27 -29.01 3.23 -28.22
N ALA C 28 -30.02 3.45 -29.06
CA ALA C 28 -29.82 3.67 -30.48
C ALA C 28 -30.27 5.08 -30.86
N VAL C 29 -30.03 6.05 -29.97
CA VAL C 29 -30.44 7.42 -30.14
C VAL C 29 -29.29 8.30 -29.65
N ALA C 30 -29.30 9.57 -30.06
CA ALA C 30 -28.24 10.50 -29.73
C ALA C 30 -28.61 11.35 -28.53
N SER C 31 -27.65 11.53 -27.62
CA SER C 31 -27.66 12.43 -26.46
C SER C 31 -28.85 12.24 -25.53
N PRO C 32 -28.86 11.20 -24.70
CA PRO C 32 -29.90 11.11 -23.65
C PRO C 32 -29.57 12.03 -22.49
N VAL C 33 -30.58 12.22 -21.63
CA VAL C 33 -30.42 13.05 -20.44
C VAL C 33 -29.95 12.17 -19.28
N VAL C 34 -29.41 12.80 -18.24
CA VAL C 34 -29.16 12.07 -17.02
C VAL C 34 -30.48 11.91 -16.27
N ARG C 35 -30.74 10.69 -15.81
CA ARG C 35 -32.03 10.36 -15.25
C ARG C 35 -31.80 9.72 -13.89
N ASP C 36 -32.91 9.48 -13.20
CA ASP C 36 -32.88 8.56 -12.08
C ASP C 36 -32.57 7.16 -12.62
N THR C 37 -31.84 6.37 -11.85
CA THR C 37 -31.46 5.08 -12.36
C THR C 37 -32.49 4.01 -12.06
N LEU C 38 -33.18 4.10 -10.93
CA LEU C 38 -34.25 3.14 -10.64
C LEU C 38 -35.54 3.49 -11.36
N THR C 39 -36.12 4.65 -11.04
CA THR C 39 -37.44 5.01 -11.53
C THR C 39 -37.42 5.67 -12.90
N ARG C 40 -36.24 5.89 -13.48
CA ARG C 40 -36.01 6.51 -14.79
C ARG C 40 -36.56 7.92 -14.90
N LEU C 41 -36.75 8.60 -13.79
CA LEU C 41 -37.22 9.97 -13.79
C LEU C 41 -36.10 10.91 -14.19
N PRO C 42 -36.39 11.94 -14.97
CA PRO C 42 -35.38 12.97 -15.23
C PRO C 42 -35.02 13.68 -13.93
N LEU C 43 -33.76 14.05 -13.81
CA LEU C 43 -33.20 14.42 -12.53
C LEU C 43 -32.32 15.63 -12.70
N ILE C 44 -32.43 16.58 -11.79
CA ILE C 44 -31.42 17.62 -11.60
C ILE C 44 -30.42 17.09 -10.58
N PRO C 45 -29.17 16.83 -10.97
CA PRO C 45 -28.15 16.50 -9.98
C PRO C 45 -27.95 17.68 -9.04
N GLY C 46 -27.78 17.38 -7.76
CA GLY C 46 -27.54 18.42 -6.79
C GLY C 46 -26.17 19.04 -6.97
N SER C 47 -25.26 18.30 -7.59
CA SER C 47 -23.97 18.86 -7.97
C SER C 47 -24.13 19.97 -9.00
N SER C 48 -25.03 19.79 -9.95
CA SER C 48 -25.24 20.80 -10.99
C SER C 48 -25.92 22.04 -10.43
N LEU C 49 -26.94 21.85 -9.59
CA LEU C 49 -27.61 23.00 -8.96
C LEU C 49 -26.67 23.74 -8.03
N LYS C 50 -25.87 23.01 -7.24
CA LYS C 50 -24.91 23.65 -6.36
C LYS C 50 -23.83 24.38 -7.15
N GLY C 51 -23.35 23.78 -8.24
CA GLY C 51 -22.31 24.41 -9.03
C GLY C 51 -22.78 25.66 -9.75
N LYS C 52 -23.99 25.63 -10.32
CA LYS C 52 -24.50 26.80 -11.02
C LYS C 52 -24.86 27.91 -10.03
N MET C 53 -25.46 27.54 -8.89
CA MET C 53 -25.73 28.52 -7.85
C MET C 53 -24.45 29.11 -7.30
N ARG C 54 -23.42 28.29 -7.13
CA ARG C 54 -22.14 28.78 -6.63
C ARG C 54 -21.48 29.73 -7.62
N TYR C 55 -21.56 29.39 -8.92
CA TYR C 55 -21.01 30.26 -9.96
C TYR C 55 -21.72 31.60 -10.00
N LEU C 56 -23.05 31.60 -10.00
CA LEU C 56 -23.78 32.87 -10.09
C LEU C 56 -23.65 33.70 -8.82
N LEU C 57 -23.70 33.04 -7.66
CA LEU C 57 -23.61 33.77 -6.40
C LEU C 57 -22.19 34.27 -6.15
N ALA C 58 -21.19 33.51 -6.60
CA ALA C 58 -19.82 33.98 -6.46
C ALA C 58 -19.51 35.08 -7.45
N LYS C 59 -20.17 35.07 -8.61
CA LYS C 59 -19.98 36.14 -9.57
C LYS C 59 -20.71 37.42 -9.16
N GLU C 60 -21.83 37.30 -8.44
CA GLU C 60 -22.54 38.50 -8.00
C GLU C 60 -22.01 39.04 -6.68
N LEU C 61 -21.57 38.15 -5.80
CA LEU C 61 -20.84 38.53 -4.60
C LEU C 61 -19.37 38.74 -4.93
N ASN C 62 -19.08 39.58 -5.92
CA ASN C 62 -17.74 39.91 -6.35
C ASN C 62 -17.82 41.22 -7.12
N ASN C 63 -16.69 41.69 -7.65
CA ASN C 63 -16.66 42.96 -8.37
C ASN C 63 -16.90 42.67 -9.85
N GLY C 64 -18.12 42.26 -10.18
CA GLY C 64 -18.39 41.95 -11.57
C GLY C 64 -18.21 40.48 -11.89
N ILE C 65 -17.00 40.11 -12.29
CA ILE C 65 -16.72 38.83 -12.91
C ILE C 65 -16.01 37.92 -11.91
N LEU C 66 -15.86 36.66 -12.31
CA LEU C 66 -15.32 35.61 -11.45
C LEU C 66 -14.36 34.78 -12.28
N LEU C 67 -13.09 34.80 -11.90
CA LEU C 67 -12.06 34.10 -12.67
C LEU C 67 -11.28 33.07 -11.88
N ASN C 68 -11.28 33.13 -10.56
CA ASN C 68 -10.42 32.29 -9.75
C ASN C 68 -11.10 30.98 -9.37
N GLU C 69 -10.32 30.10 -8.73
CA GLU C 69 -10.77 28.78 -8.36
C GLU C 69 -11.83 28.87 -7.26
N PRO C 70 -12.69 27.84 -7.13
CA PRO C 70 -13.74 27.90 -6.09
C PRO C 70 -13.22 27.92 -4.67
N ASN C 71 -12.01 27.43 -4.41
CA ASN C 71 -11.45 27.54 -3.08
C ASN C 71 -11.13 28.99 -2.73
N ASN C 72 -10.87 29.83 -3.73
CA ASN C 72 -10.59 31.25 -3.53
C ASN C 72 -11.85 32.04 -3.83
N ASP C 73 -12.81 32.00 -2.91
CA ASP C 73 -13.97 32.88 -2.98
C ASP C 73 -14.01 33.74 -1.72
N GLN C 74 -15.07 34.54 -1.60
CA GLN C 74 -15.25 35.34 -0.40
C GLN C 74 -15.66 34.46 0.78
N ASP C 75 -15.63 35.06 1.97
CA ASP C 75 -15.94 34.32 3.20
C ASP C 75 -17.39 33.86 3.24
N GLU C 76 -18.30 34.67 2.71
CA GLU C 76 -19.71 34.28 2.64
C GLU C 76 -19.91 33.10 1.72
N ILE C 77 -19.25 33.13 0.55
CA ILE C 77 -19.39 32.03 -0.40
C ILE C 77 -18.72 30.78 0.12
N LEU C 78 -17.55 30.94 0.73
CA LEU C 78 -16.76 29.79 1.15
C LEU C 78 -17.38 29.13 2.38
N ARG C 79 -18.02 29.93 3.24
CA ARG C 79 -18.73 29.40 4.39
C ARG C 79 -20.11 28.87 4.01
N LEU C 80 -20.64 29.30 2.87
CA LEU C 80 -21.93 28.81 2.43
C LEU C 80 -21.82 27.54 1.63
N PHE C 81 -20.69 27.31 0.96
CA PHE C 81 -20.58 26.20 0.02
C PHE C 81 -19.38 25.29 0.29
N GLY C 82 -18.59 25.55 1.32
CA GLY C 82 -17.50 24.67 1.66
C GLY C 82 -16.18 25.05 1.02
N SER C 83 -15.13 24.38 1.47
CA SER C 83 -13.78 24.70 1.05
C SER C 83 -12.91 23.46 1.19
N SER C 84 -11.70 23.55 0.64
CA SER C 84 -10.69 22.52 0.86
C SER C 84 -9.32 23.19 0.76
N GLU C 85 -8.80 23.64 1.90
CA GLU C 85 -7.46 24.19 1.98
C GLU C 85 -6.62 23.36 2.94
N LYS C 86 -5.32 23.64 2.93
CA LYS C 86 -4.42 22.97 3.86
C LYS C 86 -4.60 23.47 5.29
N ASP C 87 -5.02 24.71 5.47
CA ASP C 87 -5.35 25.20 6.79
C ASP C 87 -6.77 25.73 6.87
N LYS C 88 -7.21 26.48 5.86
CA LYS C 88 -8.48 27.19 5.93
C LYS C 88 -9.61 26.34 5.35
N ILE C 89 -9.72 25.12 5.86
CA ILE C 89 -10.74 24.18 5.42
C ILE C 89 -11.99 24.42 6.24
N ARG C 90 -13.13 24.52 5.55
CA ARG C 90 -14.40 24.83 6.19
C ARG C 90 -15.43 23.80 5.78
N ARG C 91 -16.36 23.54 6.68
CA ARG C 91 -17.49 22.68 6.40
C ARG C 91 -18.60 23.52 5.81
N ALA C 92 -19.23 23.01 4.76
CA ALA C 92 -20.29 23.75 4.07
C ALA C 92 -21.53 23.83 4.95
N ARG C 93 -22.22 24.97 4.87
CA ARG C 93 -23.48 25.07 5.59
C ARG C 93 -24.65 24.60 4.74
N LEU C 94 -24.61 24.85 3.44
CA LEU C 94 -25.61 24.29 2.55
C LEU C 94 -25.32 22.82 2.30
N LYS C 95 -26.37 22.07 2.02
CA LYS C 95 -26.27 20.64 1.73
C LYS C 95 -27.31 20.34 0.66
N PHE C 96 -26.85 20.25 -0.57
CA PHE C 96 -27.74 20.08 -1.71
C PHE C 96 -28.02 18.61 -1.96
N ASN C 97 -29.11 18.34 -2.65
CA ASN C 97 -29.54 16.98 -2.92
C ASN C 97 -29.94 16.85 -4.38
N ASP C 98 -29.86 15.62 -4.88
CA ASP C 98 -30.39 15.31 -6.20
C ASP C 98 -31.90 15.49 -6.19
N ILE C 99 -32.42 16.08 -7.25
CA ILE C 99 -33.82 16.50 -7.29
C ILE C 99 -34.52 15.73 -8.40
N LYS C 100 -35.44 14.85 -8.03
CA LYS C 100 -36.18 14.10 -9.01
C LYS C 100 -37.42 14.87 -9.45
N LEU C 101 -38.03 14.39 -10.53
CA LEU C 101 -39.20 15.06 -11.10
C LEU C 101 -40.41 14.87 -10.21
N SER C 102 -40.99 15.97 -9.75
CA SER C 102 -42.13 15.86 -8.85
C SER C 102 -43.44 15.63 -9.58
N ASN C 103 -43.70 16.41 -10.63
CA ASN C 103 -45.04 16.45 -11.23
C ASN C 103 -45.17 15.49 -12.41
N LEU C 104 -45.00 14.19 -12.18
CA LEU C 104 -45.43 13.23 -13.18
C LEU C 104 -46.94 13.09 -13.23
N ALA C 105 -47.63 13.39 -12.12
CA ALA C 105 -49.09 13.38 -12.15
C ALA C 105 -49.62 14.51 -13.03
N GLU C 106 -49.04 15.71 -12.86
CA GLU C 106 -49.45 16.86 -13.66
C GLU C 106 -49.07 16.68 -15.12
N LEU C 107 -47.90 16.11 -15.37
CA LEU C 107 -47.44 15.91 -16.75
C LEU C 107 -48.22 14.78 -17.42
N GLU C 108 -48.54 13.72 -16.66
CA GLU C 108 -49.30 12.60 -17.18
C GLU C 108 -50.76 12.96 -17.39
N THR C 109 -51.27 13.97 -16.68
CA THR C 109 -52.62 14.47 -16.92
C THR C 109 -52.75 15.05 -18.33
N PHE C 110 -51.71 15.72 -18.82
CA PHE C 110 -51.73 16.36 -20.12
C PHE C 110 -51.40 15.40 -21.26
N ASN C 111 -51.26 14.11 -20.96
CA ASN C 111 -51.03 13.03 -21.93
C ASN C 111 -49.76 13.28 -22.75
N VAL C 112 -48.71 13.70 -22.05
CA VAL C 112 -47.42 13.95 -22.66
C VAL C 112 -46.37 13.25 -21.81
N SER C 113 -45.31 12.79 -22.47
CA SER C 113 -44.20 12.15 -21.76
C SER C 113 -43.42 13.19 -20.96
N SER C 114 -42.72 12.71 -19.93
CA SER C 114 -41.95 13.58 -19.07
C SER C 114 -40.78 14.21 -19.80
N THR C 115 -40.27 13.53 -20.80
CA THR C 115 -39.21 14.06 -21.64
C THR C 115 -39.59 13.86 -23.09
N GLU C 116 -38.98 14.63 -23.97
CA GLU C 116 -39.29 14.58 -25.39
C GLU C 116 -38.03 14.89 -26.18
N VAL C 117 -38.04 14.52 -27.45
CA VAL C 117 -36.87 14.60 -28.31
C VAL C 117 -36.96 15.85 -29.17
N LYS C 118 -35.87 16.62 -29.18
CA LYS C 118 -35.81 17.88 -29.90
C LYS C 118 -34.88 17.71 -31.10
N PHE C 119 -35.41 17.96 -32.29
CA PHE C 119 -34.65 17.83 -33.51
C PHE C 119 -34.20 19.19 -34.00
N GLU C 120 -32.93 19.29 -34.36
CA GLU C 120 -32.33 20.54 -34.80
C GLU C 120 -31.06 20.26 -35.59
N ASN C 121 -30.79 21.10 -36.60
CA ASN C 121 -29.72 20.89 -37.57
C ASN C 121 -28.45 21.65 -37.20
N THR C 122 -27.48 21.56 -38.11
CA THR C 122 -26.32 22.46 -38.18
C THR C 122 -26.07 22.67 -39.67
N ILE C 123 -26.65 23.74 -40.21
CA ILE C 123 -26.53 24.01 -41.64
C ILE C 123 -25.15 24.63 -41.86
N ASN C 124 -24.25 23.85 -42.46
CA ASN C 124 -22.93 24.36 -42.80
C ASN C 124 -23.09 25.36 -43.94
N ARG C 125 -22.28 26.42 -43.90
CA ARG C 125 -22.51 27.58 -44.76
C ARG C 125 -22.11 27.31 -46.20
N LYS C 126 -21.01 26.60 -46.41
CA LYS C 126 -20.54 26.30 -47.76
C LYS C 126 -21.20 25.07 -48.37
N THR C 127 -21.92 24.31 -47.57
CA THR C 127 -22.60 23.11 -48.05
C THR C 127 -24.11 23.29 -48.16
N ALA C 128 -24.72 24.01 -47.22
CA ALA C 128 -26.18 24.22 -47.11
C ALA C 128 -26.93 22.89 -47.05
N VAL C 129 -26.37 21.92 -46.34
CA VAL C 129 -27.01 20.63 -46.14
C VAL C 129 -27.17 20.43 -44.63
N ALA C 130 -28.20 19.69 -44.27
CA ALA C 130 -28.45 19.35 -42.88
C ALA C 130 -27.64 18.12 -42.48
N ASN C 131 -27.09 18.17 -41.26
CA ASN C 131 -26.54 17.00 -40.59
C ASN C 131 -27.20 16.82 -39.23
N PRO C 132 -28.42 16.27 -39.21
CA PRO C 132 -29.30 16.43 -38.06
C PRO C 132 -28.83 15.68 -36.83
N ARG C 133 -29.31 16.12 -35.68
CA ARG C 133 -29.00 15.49 -34.41
C ARG C 133 -30.20 15.56 -33.49
N GLN C 134 -30.28 14.61 -32.59
CA GLN C 134 -31.40 14.51 -31.68
C GLN C 134 -30.95 14.91 -30.28
N ILE C 135 -31.74 15.77 -29.65
CA ILE C 135 -31.49 16.18 -28.28
C ILE C 135 -32.70 15.78 -27.45
N GLU C 136 -32.48 14.99 -26.41
CA GLU C 136 -33.53 14.69 -25.46
C GLU C 136 -33.64 15.84 -24.47
N ARG C 137 -34.88 16.28 -24.23
CA ARG C 137 -35.12 17.33 -23.24
C ARG C 137 -36.30 16.94 -22.37
N VAL C 138 -36.12 17.11 -21.07
CA VAL C 138 -37.27 17.10 -20.16
C VAL C 138 -38.09 18.35 -20.44
N ILE C 139 -39.40 18.20 -20.45
CA ILE C 139 -40.27 19.21 -21.04
C ILE C 139 -40.41 20.41 -20.12
N ALA C 140 -40.88 21.52 -20.70
CA ALA C 140 -41.22 22.70 -19.93
C ALA C 140 -42.49 22.47 -19.13
N GLY C 141 -42.63 23.22 -18.05
CA GLY C 141 -43.71 22.99 -17.12
C GLY C 141 -43.43 21.92 -16.10
N SER C 142 -42.28 21.24 -16.20
CA SER C 142 -41.87 20.27 -15.21
C SER C 142 -41.45 20.99 -13.93
N LYS C 143 -41.69 20.34 -12.81
CA LYS C 143 -41.37 20.91 -11.50
C LYS C 143 -40.45 19.98 -10.75
N PHE C 144 -39.68 20.55 -9.84
CA PHE C 144 -38.63 19.83 -9.14
C PHE C 144 -38.63 20.31 -7.69
N ASP C 145 -39.22 19.54 -6.79
CA ASP C 145 -39.26 19.92 -5.38
C ASP C 145 -37.92 19.63 -4.74
N PHE C 146 -37.29 20.66 -4.20
CA PHE C 146 -35.98 20.52 -3.57
C PHE C 146 -36.05 20.86 -2.10
N GLU C 147 -35.03 20.39 -1.38
CA GLU C 147 -34.78 20.85 -0.01
C GLU C 147 -33.29 20.79 0.27
N ILE C 148 -32.77 21.87 0.84
CA ILE C 148 -31.35 22.03 1.13
C ILE C 148 -31.21 22.20 2.63
N PHE C 149 -30.30 21.44 3.23
CA PHE C 149 -30.14 21.44 4.67
C PHE C 149 -29.11 22.48 5.06
N TYR C 150 -29.52 23.45 5.86
CA TYR C 150 -28.66 24.52 6.34
C TYR C 150 -28.43 24.32 7.83
N ASN C 151 -27.19 24.06 8.23
CA ASN C 151 -26.90 23.92 9.66
C ASN C 151 -26.34 25.21 10.24
N LEU C 152 -26.90 25.60 11.37
CA LEU C 152 -26.68 26.90 11.97
C LEU C 152 -25.51 26.83 12.94
N ASP C 153 -24.45 27.58 12.66
CA ASP C 153 -23.30 27.66 13.54
C ASP C 153 -23.12 29.05 14.14
N ASP C 154 -23.58 30.09 13.48
CA ASP C 154 -23.38 31.46 13.94
C ASP C 154 -24.72 32.17 13.93
N ILE C 155 -25.16 32.62 15.11
CA ILE C 155 -26.43 33.34 15.20
C ILE C 155 -26.35 34.68 14.47
N LYS C 156 -25.19 35.30 14.48
CA LYS C 156 -25.00 36.62 13.90
C LYS C 156 -24.72 36.59 12.41
N GLU C 157 -24.74 35.40 11.79
CA GLU C 157 -24.46 35.27 10.36
C GLU C 157 -25.56 34.57 9.57
N VAL C 158 -26.62 34.10 10.22
CA VAL C 158 -27.71 33.42 9.52
C VAL C 158 -28.48 34.40 8.64
N GLU C 159 -28.55 35.68 9.06
CA GLU C 159 -29.25 36.69 8.26
C GLU C 159 -28.52 36.95 6.95
N LYS C 160 -27.20 37.10 7.01
CA LYS C 160 -26.42 37.31 5.80
C LYS C 160 -26.40 36.06 4.93
N ASP C 161 -26.34 34.88 5.55
CA ASP C 161 -26.37 33.62 4.80
C ASP C 161 -27.69 33.46 4.04
N PHE C 162 -28.80 33.80 4.68
CA PHE C 162 -30.08 33.66 4.02
C PHE C 162 -30.33 34.75 2.99
N GLU C 163 -29.77 35.94 3.19
CA GLU C 163 -29.79 36.96 2.15
C GLU C 163 -29.04 36.49 0.92
N ASN C 164 -27.89 35.83 1.12
CA ASN C 164 -27.13 35.29 -0.01
C ASN C 164 -27.85 34.12 -0.66
N ILE C 165 -28.59 33.33 0.12
CA ILE C 165 -29.34 32.21 -0.45
C ILE C 165 -30.47 32.71 -1.33
N LYS C 166 -31.20 33.74 -0.88
CA LYS C 166 -32.23 34.34 -1.72
C LYS C 166 -31.62 35.03 -2.93
N GLN C 167 -30.43 35.61 -2.77
CA GLN C 167 -29.70 36.17 -3.91
C GLN C 167 -29.35 35.11 -4.93
N GLY C 168 -28.90 33.94 -4.48
CA GLY C 168 -28.60 32.86 -5.42
C GLY C 168 -29.83 32.33 -6.12
N PHE C 169 -30.96 32.27 -5.41
CA PHE C 169 -32.22 31.85 -6.01
C PHE C 169 -32.66 32.80 -7.11
N ASP C 170 -32.73 34.11 -6.83
CA ASP C 170 -33.20 34.98 -7.90
C ASP C 170 -32.11 35.37 -8.88
N LEU C 171 -30.86 34.97 -8.64
CA LEU C 171 -29.87 34.98 -9.70
C LEU C 171 -30.10 33.83 -10.66
N LEU C 172 -30.46 32.66 -10.13
CA LEU C 172 -30.75 31.53 -11.00
C LEU C 172 -32.07 31.70 -11.74
N GLU C 173 -32.94 32.58 -11.24
CA GLU C 173 -34.17 32.88 -11.98
C GLU C 173 -33.91 33.60 -13.30
N PHE C 174 -32.78 34.29 -13.43
CA PHE C 174 -32.44 34.99 -14.66
C PHE C 174 -31.31 34.32 -15.43
N ASP C 175 -31.15 33.02 -15.29
CA ASP C 175 -30.14 32.29 -16.05
C ASP C 175 -30.72 30.89 -16.27
N TYR C 176 -29.96 30.01 -16.91
CA TYR C 176 -30.40 28.64 -17.16
C TYR C 176 -29.74 27.65 -16.20
N LEU C 177 -30.14 26.40 -16.36
CA LEU C 177 -29.70 25.29 -15.52
C LEU C 177 -29.31 24.13 -16.41
N GLY C 178 -28.05 24.08 -16.83
CA GLY C 178 -27.49 22.91 -17.47
C GLY C 178 -27.90 22.64 -18.90
N GLY C 179 -26.96 22.14 -19.68
CA GLY C 179 -27.21 21.82 -21.07
C GLY C 179 -27.12 23.02 -21.96
N HIS C 180 -27.63 22.86 -23.19
CA HIS C 180 -27.49 23.85 -24.25
C HIS C 180 -28.33 25.07 -23.93
N GLY C 181 -27.86 25.89 -23.00
CA GLY C 181 -28.74 26.81 -22.33
C GLY C 181 -28.98 28.07 -23.11
N THR C 182 -27.93 28.60 -23.75
CA THR C 182 -28.07 29.83 -24.50
C THR C 182 -28.91 29.68 -25.75
N ARG C 183 -29.22 28.45 -26.13
CA ARG C 183 -29.85 28.11 -27.39
C ARG C 183 -31.30 27.68 -27.18
N GLY C 184 -31.90 28.11 -26.08
CA GLY C 184 -33.29 27.80 -25.82
C GLY C 184 -33.55 27.07 -24.51
N SER C 185 -32.67 26.17 -24.13
CA SER C 185 -32.93 25.27 -23.02
C SER C 185 -32.63 25.93 -21.69
N GLY C 186 -33.18 25.35 -20.62
CA GLY C 186 -32.63 25.50 -19.30
C GLY C 186 -33.29 26.52 -18.39
N ARG C 187 -34.22 27.34 -18.88
CA ARG C 187 -34.73 28.44 -18.08
C ARG C 187 -35.65 27.93 -16.97
N ILE C 188 -35.29 28.25 -15.73
CA ILE C 188 -36.01 27.81 -14.55
C ILE C 188 -36.53 29.04 -13.81
N ALA C 189 -37.34 28.78 -12.78
CA ALA C 189 -37.84 29.80 -11.88
C ALA C 189 -38.16 29.14 -10.55
N PHE C 190 -37.93 29.86 -9.47
CA PHE C 190 -38.09 29.32 -8.13
C PHE C 190 -39.39 29.84 -7.52
N GLU C 191 -40.09 28.95 -6.81
CA GLU C 191 -41.35 29.31 -6.21
C GLU C 191 -41.59 28.42 -4.99
N ASN C 192 -42.58 28.83 -4.19
CA ASN C 192 -42.94 28.20 -2.91
C ASN C 192 -41.75 28.10 -1.96
N LEU C 193 -40.94 29.16 -1.92
CA LEU C 193 -39.74 29.15 -1.11
C LEU C 193 -40.08 29.36 0.35
N SER C 194 -39.59 28.47 1.20
CA SER C 194 -39.84 28.52 2.63
C SER C 194 -38.64 27.94 3.37
N VAL C 195 -38.57 28.21 4.66
CA VAL C 195 -37.58 27.62 5.53
C VAL C 195 -38.30 27.01 6.73
N ILE C 196 -37.85 25.84 7.15
CA ILE C 196 -38.38 25.19 8.34
C ILE C 196 -37.19 24.72 9.17
N THR C 197 -37.44 24.48 10.45
CA THR C 197 -36.38 24.04 11.34
C THR C 197 -36.43 22.52 11.47
N ALA C 198 -35.25 21.91 11.57
CA ALA C 198 -35.17 20.44 11.62
C ALA C 198 -35.71 19.90 12.95
N VAL C 199 -35.02 20.21 14.05
CA VAL C 199 -35.45 19.77 15.38
C VAL C 199 -35.29 20.93 16.34
N GLY C 200 -36.40 21.40 16.90
CA GLY C 200 -36.36 22.41 17.94
C GLY C 200 -36.33 23.80 17.34
N ASN C 201 -37.37 24.60 17.61
CA ASN C 201 -37.64 25.79 16.80
C ASN C 201 -36.60 26.89 17.00
N PHE C 202 -36.19 27.49 15.89
CA PHE C 202 -35.36 28.68 15.91
C PHE C 202 -36.20 29.88 16.31
N GLU C 203 -35.58 30.81 17.03
CA GLU C 203 -36.27 32.00 17.51
C GLU C 203 -36.65 32.91 16.34
N LYS C 204 -35.70 33.14 15.43
CA LYS C 204 -35.91 34.04 14.30
C LYS C 204 -36.16 33.23 13.03
N ILE C 205 -37.36 32.67 12.90
CA ILE C 205 -37.69 31.91 11.71
C ILE C 205 -38.62 32.74 10.83
N ASN C 206 -39.36 33.67 11.44
CA ASN C 206 -40.30 34.49 10.68
C ASN C 206 -39.57 35.49 9.81
N THR C 207 -38.46 36.03 10.31
CA THR C 207 -37.66 36.94 9.50
C THR C 207 -37.03 36.22 8.32
N LEU C 208 -36.70 34.94 8.48
CA LEU C 208 -36.13 34.18 7.37
C LEU C 208 -37.20 33.84 6.34
N ASN C 209 -38.42 33.54 6.80
CA ASN C 209 -39.53 33.31 5.86
C ASN C 209 -39.96 34.59 5.16
N GLU C 210 -39.67 35.76 5.73
CA GLU C 210 -40.07 36.97 5.00
C GLU C 210 -38.93 37.58 4.19
N ILE C 211 -37.67 37.29 4.50
CA ILE C 211 -36.59 37.69 3.58
C ILE C 211 -36.33 36.61 2.56
N LEU C 212 -36.98 35.46 2.67
CA LEU C 212 -36.87 34.44 1.64
C LEU C 212 -38.18 34.23 0.91
N GLY C 213 -39.29 34.71 1.46
CA GLY C 213 -40.58 34.63 0.80
C GLY C 213 -40.90 35.82 -0.08
N ALA C 214 -39.97 36.74 -0.27
CA ALA C 214 -40.20 37.91 -1.10
C ALA C 214 -39.77 37.66 -2.54
N MET D 1 72.02 -15.31 34.70
CA MET D 1 71.68 -15.76 36.05
C MET D 1 70.18 -15.73 36.28
N ASP D 2 69.61 -14.53 36.33
CA ASP D 2 68.22 -14.34 36.67
C ASP D 2 67.35 -14.45 35.43
N LYS D 3 66.08 -14.06 35.58
CA LYS D 3 65.09 -14.13 34.52
C LYS D 3 64.68 -12.75 34.00
N ILE D 4 64.54 -11.78 34.90
CA ILE D 4 63.94 -10.50 34.53
C ILE D 4 64.87 -9.70 33.62
N ASN D 5 66.19 -9.86 33.81
CA ASN D 5 67.15 -9.24 32.91
C ASN D 5 67.06 -9.84 31.52
N LEU D 6 66.81 -11.15 31.45
CA LEU D 6 66.66 -11.81 30.15
C LEU D 6 65.38 -11.38 29.45
N VAL D 7 64.27 -11.27 30.19
CA VAL D 7 63.01 -10.87 29.56
C VAL D 7 63.09 -9.43 29.07
N CYS D 8 63.63 -8.53 29.90
CA CYS D 8 63.73 -7.14 29.47
C CYS D 8 64.81 -6.94 28.41
N GLY D 9 65.82 -7.81 28.37
CA GLY D 9 66.76 -7.76 27.27
C GLY D 9 66.20 -8.28 25.97
N SER D 10 65.44 -9.37 26.04
CA SER D 10 64.88 -9.97 24.84
C SER D 10 63.78 -9.10 24.26
N LEU D 11 63.02 -8.41 25.11
CA LEU D 11 62.19 -7.33 24.57
C LEU D 11 63.05 -6.20 24.05
N LEU D 12 64.10 -5.87 24.77
CA LEU D 12 64.80 -4.61 24.57
C LEU D 12 66.07 -4.73 23.73
N HIS D 13 66.39 -5.92 23.20
CA HIS D 13 67.44 -5.87 22.20
C HIS D 13 66.79 -5.47 20.89
N ASN D 14 67.62 -5.32 19.86
CA ASN D 14 67.23 -4.94 18.51
C ASN D 14 66.57 -3.57 18.51
N ILE D 15 66.93 -2.72 19.48
CA ILE D 15 66.55 -1.32 19.48
C ILE D 15 67.51 -0.52 18.63
N GLY D 16 68.67 -1.08 18.34
CA GLY D 16 69.64 -0.35 17.54
C GLY D 16 69.24 -0.26 16.08
N LYS D 17 68.21 -0.99 15.69
CA LYS D 17 67.59 -0.72 14.40
C LYS D 17 66.88 0.62 14.42
N ILE D 18 66.08 0.91 15.45
CA ILE D 18 65.46 2.23 15.49
C ILE D 18 66.43 3.31 15.94
N ILE D 19 67.58 2.95 16.50
CA ILE D 19 68.61 3.97 16.74
C ILE D 19 69.36 4.26 15.46
N TYR D 20 69.78 3.22 14.74
CA TYR D 20 70.62 3.32 13.56
C TYR D 20 69.86 3.93 12.39
N ARG D 21 68.56 3.74 12.34
CA ARG D 21 67.76 4.35 11.28
C ARG D 21 67.44 5.81 11.55
N GLY D 22 67.92 6.39 12.63
CA GLY D 22 67.61 7.77 12.94
C GLY D 22 68.83 8.64 13.17
N THR D 23 69.99 8.17 12.75
CA THR D 23 71.21 8.94 12.92
C THR D 23 72.12 8.70 11.73
N SER D 24 73.22 9.46 11.69
CA SER D 24 74.22 9.31 10.65
C SER D 24 75.38 8.39 11.04
N GLU D 25 75.37 7.86 12.26
CA GLU D 25 76.44 6.95 12.69
C GLU D 25 76.31 5.62 11.98
N ARG D 26 77.45 5.03 11.64
CA ARG D 26 77.47 3.80 10.85
C ARG D 26 78.16 2.68 11.60
N ALA D 27 77.78 2.46 12.85
CA ALA D 27 78.19 1.26 13.56
C ALA D 27 77.15 0.16 13.33
N LYS D 28 77.48 -1.04 13.81
CA LYS D 28 76.50 -2.12 13.82
C LYS D 28 75.38 -1.78 14.79
N HIS D 29 74.18 -2.30 14.52
CA HIS D 29 73.02 -1.88 15.30
C HIS D 29 73.04 -2.43 16.71
N SER D 30 73.70 -3.57 16.93
CA SER D 30 73.81 -4.11 18.28
C SER D 30 74.65 -3.20 19.17
N LYS D 31 75.74 -2.66 18.64
CA LYS D 31 76.57 -1.73 19.39
C LYS D 31 75.83 -0.44 19.67
N LEU D 32 75.04 0.04 18.71
CA LEU D 32 74.28 1.27 18.90
C LEU D 32 73.18 1.09 19.94
N GLY D 33 72.50 -0.05 19.93
CA GLY D 33 71.48 -0.30 20.94
C GLY D 33 72.06 -0.48 22.33
N GLY D 34 73.19 -1.17 22.43
CA GLY D 34 73.85 -1.32 23.72
C GLY D 34 74.36 0.01 24.24
N ASP D 35 74.90 0.84 23.36
CA ASP D 35 75.33 2.17 23.76
C ASP D 35 74.15 3.06 24.12
N PHE D 36 72.99 2.82 23.51
CA PHE D 36 71.80 3.60 23.85
C PHE D 36 71.28 3.26 25.23
N ILE D 37 71.19 1.97 25.56
CA ILE D 37 70.71 1.59 26.89
C ILE D 37 71.75 1.94 27.95
N LYS D 38 73.01 1.63 27.70
CA LYS D 38 74.09 1.87 28.66
C LYS D 38 74.28 3.37 28.91
N SER D 39 74.26 4.17 27.85
CA SER D 39 74.58 5.58 28.00
C SER D 39 73.41 6.37 28.58
N PHE D 40 72.22 6.21 27.99
CA PHE D 40 71.09 7.07 28.36
C PHE D 40 70.45 6.61 29.67
N GLU D 41 69.95 5.38 29.69
CA GLU D 41 69.28 4.88 30.87
C GLU D 41 70.32 4.60 31.94
N GLN D 42 70.58 5.61 32.78
CA GLN D 42 71.86 5.72 33.49
C GLN D 42 71.87 4.77 34.69
N PHE D 43 72.07 3.50 34.34
CA PHE D 43 72.48 2.39 35.19
C PHE D 43 72.83 1.20 34.31
N ARG D 44 73.96 0.57 34.60
CA ARG D 44 74.61 -0.33 33.65
C ARG D 44 74.50 -1.77 34.13
N ASN D 45 73.37 -2.38 33.80
CA ASN D 45 73.12 -3.79 34.13
C ASN D 45 73.79 -4.63 33.05
N THR D 46 74.79 -5.41 33.44
CA THR D 46 75.67 -6.08 32.49
C THR D 46 74.97 -7.21 31.75
N GLU D 47 74.03 -7.90 32.40
CA GLU D 47 73.28 -8.95 31.73
C GLU D 47 72.38 -8.38 30.63
N LEU D 48 71.72 -7.25 30.93
CA LEU D 48 70.97 -6.50 29.93
C LEU D 48 71.83 -6.05 28.76
N THR D 49 72.99 -5.47 29.06
CA THR D 49 73.86 -4.94 28.02
C THR D 49 74.40 -6.07 27.14
N ASP D 50 74.77 -7.19 27.74
CA ASP D 50 75.30 -8.29 26.94
C ASP D 50 74.19 -9.05 26.22
N CYS D 51 72.95 -8.94 26.70
CA CYS D 51 71.83 -9.54 25.99
C CYS D 51 71.42 -8.70 24.79
N ILE D 52 71.62 -7.39 24.87
CA ILE D 52 71.34 -6.54 23.70
C ILE D 52 72.49 -6.57 22.71
N ARG D 53 73.70 -6.27 23.18
CA ARG D 53 74.89 -6.08 22.39
C ARG D 53 75.36 -7.36 21.70
N TYR D 54 75.28 -8.49 22.38
CA TYR D 54 75.75 -9.76 21.84
C TYR D 54 74.56 -10.67 21.59
N HIS D 55 73.94 -10.54 20.42
CA HIS D 55 72.91 -11.50 20.06
C HIS D 55 73.00 -11.92 18.60
N HIS D 56 74.12 -11.64 17.94
CA HIS D 56 74.41 -12.22 16.63
C HIS D 56 75.64 -13.08 16.75
N ALA D 57 75.78 -14.02 15.80
CA ALA D 57 76.80 -15.06 15.90
C ALA D 57 78.21 -14.50 15.75
N GLN D 58 78.37 -13.42 14.99
CA GLN D 58 79.69 -12.83 14.79
C GLN D 58 80.22 -12.19 16.07
N GLU D 59 79.38 -11.42 16.76
CA GLU D 59 79.83 -10.81 18.00
C GLU D 59 79.91 -11.83 19.12
N ILE D 60 79.10 -12.89 19.06
CA ILE D 60 79.19 -13.96 20.05
C ILE D 60 80.52 -14.69 19.92
N THR D 61 80.92 -15.02 18.69
CA THR D 61 82.22 -15.69 18.54
C THR D 61 83.37 -14.70 18.67
N SER D 62 83.10 -13.40 18.59
CA SER D 62 84.12 -12.42 18.91
C SER D 62 84.40 -12.39 20.41
N VAL D 63 83.36 -12.30 21.23
CA VAL D 63 83.49 -12.32 22.68
C VAL D 63 82.83 -13.61 23.17
N LYS D 64 83.60 -14.69 23.21
CA LYS D 64 83.08 -16.01 23.56
C LYS D 64 83.77 -16.61 24.77
N SER D 65 85.09 -16.63 24.78
CA SER D 65 85.84 -17.27 25.86
C SER D 65 85.99 -16.35 27.05
N ASN D 66 86.30 -15.08 26.80
CA ASN D 66 86.47 -14.12 27.90
C ASN D 66 85.14 -13.74 28.52
N LYS D 67 84.03 -13.94 27.83
CA LYS D 67 82.71 -13.77 28.42
C LYS D 67 82.26 -15.10 29.02
N GLU D 68 81.51 -15.00 30.12
CA GLU D 68 81.21 -16.18 30.92
C GLU D 68 80.21 -17.08 30.23
N LYS D 69 80.10 -18.30 30.75
CA LYS D 69 78.99 -19.18 30.40
C LYS D 69 77.79 -18.76 31.23
N ASN D 70 76.68 -19.49 31.07
CA ASN D 70 75.34 -19.22 31.60
C ASN D 70 74.92 -17.76 31.56
N SER D 71 75.27 -17.09 30.45
CA SER D 71 75.32 -15.64 30.40
C SER D 71 74.12 -14.98 29.74
N LEU D 72 73.05 -15.75 29.50
CA LEU D 72 71.72 -15.28 29.09
C LEU D 72 71.64 -14.70 27.68
N PHE D 73 72.75 -14.48 26.99
CA PHE D 73 72.57 -13.99 25.64
C PHE D 73 72.50 -15.12 24.62
N TYR D 74 72.85 -16.34 25.02
CA TYR D 74 72.65 -17.47 24.14
C TYR D 74 71.17 -17.77 23.98
N ILE D 75 70.40 -17.57 25.05
CA ILE D 75 68.95 -17.72 24.98
C ILE D 75 68.36 -16.65 24.07
N THR D 76 68.87 -15.42 24.17
CA THR D 76 68.40 -14.34 23.30
C THR D 76 68.76 -14.61 21.84
N TYR D 77 69.97 -15.13 21.59
CA TYR D 77 70.39 -15.47 20.25
C TYR D 77 69.52 -16.57 19.64
N ILE D 78 69.31 -17.65 20.39
CA ILE D 78 68.54 -18.75 19.85
C ILE D 78 67.06 -18.39 19.81
N ALA D 79 66.62 -17.43 20.63
CA ALA D 79 65.23 -17.02 20.61
C ALA D 79 64.95 -16.13 19.40
N ASP D 80 65.90 -15.24 19.08
CA ASP D 80 65.78 -14.48 17.84
C ASP D 80 65.79 -15.40 16.63
N ASN D 81 66.62 -16.44 16.68
CA ASN D 81 66.73 -17.38 15.56
C ASN D 81 65.42 -18.17 15.38
N ILE D 82 64.82 -18.64 16.48
CA ILE D 82 63.55 -19.38 16.37
C ILE D 82 62.41 -18.44 15.99
N SER D 83 62.37 -17.25 16.57
CA SER D 83 61.25 -16.34 16.35
C SER D 83 61.24 -15.78 14.94
N SER D 84 62.43 -15.67 14.31
CA SER D 84 62.48 -15.20 12.94
C SER D 84 61.88 -16.20 11.98
N GLY D 85 61.88 -17.49 12.33
CA GLY D 85 61.34 -18.52 11.50
C GLY D 85 62.34 -19.20 10.60
N MET D 86 63.55 -18.65 10.47
CA MET D 86 64.59 -19.28 9.68
C MET D 86 65.93 -18.95 10.32
N ASP D 87 67.00 -19.54 9.76
CA ASP D 87 68.31 -19.42 10.36
C ASP D 87 68.89 -18.04 10.10
N ARG D 88 69.41 -17.41 11.16
CA ARG D 88 70.02 -16.08 11.08
C ARG D 88 71.47 -16.11 11.53
N ARG D 89 72.21 -17.15 11.16
CA ARG D 89 73.62 -17.24 11.55
C ARG D 89 74.51 -16.55 10.54
N LYS D 90 74.44 -16.98 9.28
CA LYS D 90 75.29 -16.41 8.24
C LYS D 90 74.76 -15.10 7.68
N ASP D 91 73.56 -14.68 8.08
CA ASP D 91 73.07 -13.37 7.68
C ASP D 91 73.87 -12.29 8.40
N LEU D 92 74.22 -11.25 7.67
CA LEU D 92 75.03 -10.19 8.23
C LEU D 92 74.18 -9.28 9.12
N GLU D 93 74.79 -8.75 10.17
CA GLU D 93 74.08 -7.91 11.12
C GLU D 93 73.71 -6.57 10.49
N GLU D 94 72.50 -6.10 10.82
CA GLU D 94 71.93 -4.92 10.18
C GLU D 94 72.72 -3.68 10.58
N GLY D 95 73.22 -2.97 9.57
CA GLY D 95 74.06 -1.82 9.81
C GLY D 95 75.55 -2.07 9.67
N ALA D 96 75.97 -3.24 9.19
CA ALA D 96 77.39 -3.54 9.10
C ALA D 96 78.02 -2.85 7.90
N GLU D 97 79.34 -2.99 7.79
CA GLU D 97 80.07 -2.40 6.67
C GLU D 97 79.94 -3.20 5.38
N GLY D 98 79.54 -4.46 5.45
CA GLY D 98 79.53 -5.33 4.29
C GLY D 98 78.30 -5.28 3.43
N PHE D 99 77.35 -4.40 3.73
CA PHE D 99 76.09 -4.34 2.98
C PHE D 99 75.64 -2.88 2.96
N ASN D 100 74.78 -2.56 2.00
CA ASN D 100 74.17 -1.24 1.93
C ASN D 100 72.73 -1.35 2.42
N TRP D 101 72.49 -0.89 3.65
CA TRP D 101 71.17 -0.95 4.27
C TRP D 101 70.48 0.37 4.02
N ASP D 102 69.30 0.32 3.38
CA ASP D 102 68.47 1.50 3.27
C ASP D 102 67.63 1.63 4.52
N LYS D 103 67.80 2.73 5.25
CA LYS D 103 67.21 2.90 6.57
C LYS D 103 65.82 3.53 6.49
N LYS D 104 65.11 3.35 5.39
CA LYS D 104 63.80 3.97 5.23
C LYS D 104 62.82 3.03 4.55
N VAL D 105 62.95 1.75 4.81
CA VAL D 105 62.01 0.77 4.27
C VAL D 105 60.75 0.82 5.10
N ALA D 106 59.61 0.80 4.43
CA ALA D 106 58.33 0.81 5.12
C ALA D 106 57.95 -0.60 5.54
N LEU D 107 57.08 -0.67 6.55
CA LEU D 107 56.58 -1.96 7.00
C LEU D 107 55.56 -2.50 6.03
N GLY D 108 55.81 -3.68 5.51
CA GLY D 108 54.85 -4.32 4.65
C GLY D 108 53.68 -4.87 5.43
N SER D 109 52.64 -5.25 4.70
CA SER D 109 51.48 -5.86 5.31
C SER D 109 51.66 -7.35 5.40
N VAL D 110 50.97 -7.98 6.35
CA VAL D 110 50.96 -9.43 6.40
C VAL D 110 50.02 -9.99 5.35
N PHE D 111 49.13 -9.16 4.82
CA PHE D 111 48.08 -9.67 3.94
C PHE D 111 48.56 -9.83 2.51
N ASN D 112 49.75 -9.36 2.16
CA ASN D 112 50.23 -9.55 0.79
C ASN D 112 50.88 -10.89 0.60
N VAL D 113 50.96 -11.71 1.65
CA VAL D 113 51.45 -13.07 1.55
C VAL D 113 50.29 -14.07 1.68
N LEU D 114 49.23 -13.71 2.39
CA LEU D 114 48.13 -14.62 2.67
C LEU D 114 47.34 -14.94 1.41
N ASN D 115 46.93 -16.21 1.30
CA ASN D 115 46.19 -16.77 0.16
C ASN D 115 46.91 -16.54 -1.17
N GLU D 116 48.22 -16.82 -1.16
CA GLU D 116 49.06 -16.50 -2.31
C GLU D 116 48.80 -17.45 -3.47
N LYS D 117 48.35 -18.68 -3.19
CA LYS D 117 48.06 -19.65 -4.25
C LYS D 117 46.91 -19.25 -5.14
N GLU D 118 45.85 -18.65 -4.61
CA GLU D 118 44.67 -18.34 -5.40
C GLU D 118 44.40 -16.85 -5.57
N LYS D 119 44.76 -16.01 -4.59
CA LYS D 119 44.55 -14.58 -4.74
C LYS D 119 45.78 -13.83 -5.22
N GLY D 120 46.95 -14.44 -5.15
CA GLY D 120 48.16 -13.84 -5.67
C GLY D 120 48.94 -13.06 -4.63
N ARG D 121 50.23 -12.90 -4.90
CA ARG D 121 51.11 -12.12 -4.05
C ARG D 121 51.03 -10.65 -4.41
N GLN D 122 51.08 -9.79 -3.39
CA GLN D 122 51.08 -8.35 -3.58
C GLN D 122 52.29 -7.76 -2.91
N ASN D 123 52.43 -6.45 -3.00
CA ASN D 123 53.50 -5.73 -2.31
C ASN D 123 52.91 -4.41 -1.81
N TYR D 124 52.36 -4.45 -0.61
CA TYR D 124 51.77 -3.29 0.02
C TYR D 124 52.63 -2.88 1.21
N SER D 125 52.47 -1.63 1.62
CA SER D 125 53.29 -1.11 2.71
C SER D 125 52.44 -0.18 3.55
N TYR D 126 52.91 0.09 4.76
CA TYR D 126 52.16 0.93 5.68
C TYR D 126 52.75 2.33 5.69
N PRO D 127 52.01 3.35 5.26
CA PRO D 127 52.52 4.72 5.35
C PRO D 127 52.64 5.17 6.80
N PHE D 128 53.60 6.04 7.06
CA PHE D 128 53.83 6.46 8.44
C PHE D 128 52.89 7.60 8.80
N VAL D 129 52.35 7.52 10.02
CA VAL D 129 51.52 8.58 10.59
C VAL D 129 52.15 8.96 11.92
N ALA D 130 52.15 10.26 12.22
CA ALA D 130 52.76 10.75 13.45
C ALA D 130 51.71 11.15 14.48
N GLU D 137 46.00 3.57 16.80
CA GLU D 137 45.33 4.81 16.45
C GLU D 137 46.33 5.80 15.87
N PRO D 138 45.93 6.55 14.83
CA PRO D 138 44.66 6.56 14.09
C PRO D 138 44.58 5.45 13.04
N LEU D 139 43.71 5.65 12.05
CA LEU D 139 43.49 4.64 11.02
C LEU D 139 44.72 4.56 10.12
N ASN D 140 45.19 3.34 9.89
CA ASN D 140 46.36 3.13 9.03
C ASN D 140 46.09 1.91 8.18
N PHE D 141 45.99 2.11 6.88
CA PHE D 141 45.70 1.04 5.95
C PHE D 141 46.90 0.80 5.03
N PRO D 142 47.10 -0.44 4.59
CA PRO D 142 48.21 -0.72 3.66
C PRO D 142 47.89 -0.19 2.28
N THR D 143 48.76 0.68 1.77
CA THR D 143 48.56 1.29 0.47
C THR D 143 49.33 0.54 -0.60
N ALA D 144 48.84 0.65 -1.83
CA ALA D 144 49.50 0.05 -2.99
C ALA D 144 50.48 1.02 -3.63
N THR D 145 51.33 1.62 -2.82
CA THR D 145 52.36 2.53 -3.31
C THR D 145 53.63 2.27 -2.55
N GLN D 146 54.76 2.68 -3.14
CA GLN D 146 56.03 2.42 -2.50
C GLN D 146 56.21 3.49 -1.43
N ASN D 147 55.88 3.14 -0.19
CA ASN D 147 56.07 4.05 0.92
C ASN D 147 57.54 4.08 1.31
N GLN D 148 57.93 5.17 1.97
CA GLN D 148 59.29 5.30 2.46
C GLN D 148 59.25 6.12 3.74
N TYR D 149 59.95 5.64 4.76
CA TYR D 149 60.00 6.38 6.01
C TYR D 149 61.08 7.45 5.93
N THR D 150 61.31 8.14 7.05
CA THR D 150 62.20 9.27 7.05
C THR D 150 63.08 9.16 8.29
N THR D 151 64.29 9.71 8.22
CA THR D 151 65.17 9.80 9.37
C THR D 151 64.58 10.64 10.49
N SER D 152 63.71 11.61 10.15
CA SER D 152 63.02 12.39 11.17
C SER D 152 62.04 11.52 11.95
N TYR D 153 61.40 10.56 11.29
CA TYR D 153 60.48 9.64 11.94
C TYR D 153 61.18 8.79 13.00
N TYR D 154 62.34 8.24 12.64
CA TYR D 154 63.09 7.45 13.60
C TYR D 154 63.73 8.31 14.66
N ASP D 155 64.08 9.56 14.34
CA ASP D 155 64.56 10.48 15.38
C ASP D 155 63.45 10.81 16.37
N GLY D 156 62.22 10.96 15.88
CA GLY D 156 61.09 11.16 16.76
C GLY D 156 60.82 9.96 17.64
N LEU D 157 60.99 8.76 17.08
CA LEU D 157 60.84 7.55 17.88
C LEU D 157 61.93 7.41 18.92
N ILE D 158 63.16 7.82 18.58
CA ILE D 158 64.25 7.83 19.55
C ILE D 158 63.96 8.79 20.69
N THR D 159 63.45 9.98 20.37
CA THR D 159 63.14 10.94 21.43
C THR D 159 61.96 10.49 22.29
N ASP D 160 60.97 9.83 21.67
CA ASP D 160 59.89 9.24 22.46
C ASP D 160 60.38 8.16 23.40
N MET D 161 61.27 7.28 22.91
CA MET D 161 61.88 6.27 23.77
C MET D 161 62.74 6.89 24.86
N LYS D 162 63.37 8.03 24.56
CA LYS D 162 64.14 8.71 25.60
C LYS D 162 63.25 9.25 26.69
N THR D 163 62.09 9.81 26.32
CA THR D 163 61.18 10.32 27.36
C THR D 163 60.50 9.18 28.13
N ILE D 164 60.30 8.04 27.49
CA ILE D 164 59.47 7.00 28.09
C ILE D 164 60.30 5.87 28.73
N LEU D 165 61.61 5.83 28.48
CA LEU D 165 62.47 4.82 29.06
C LEU D 165 63.17 5.32 30.33
N GLN D 166 63.29 6.64 30.49
CA GLN D 166 63.90 7.17 31.71
C GLN D 166 62.96 7.06 32.90
N ARG D 167 61.67 6.85 32.65
CA ARG D 167 60.68 6.71 33.71
C ARG D 167 60.44 5.27 34.10
N LEU D 168 61.21 4.33 33.59
CA LEU D 168 61.07 2.92 33.94
C LEU D 168 62.39 2.35 34.45
N LYS D 169 62.32 1.07 34.82
CA LYS D 169 63.41 0.34 35.46
C LYS D 169 63.14 -1.13 35.23
N PRO D 170 64.14 -1.94 34.86
CA PRO D 170 63.88 -3.34 34.55
C PRO D 170 63.52 -4.17 35.78
N ASP D 171 62.24 -4.47 35.91
CA ASP D 171 61.73 -5.20 37.06
C ASP D 171 60.44 -5.88 36.61
N LYS D 172 59.85 -6.64 37.54
CA LYS D 172 58.71 -7.48 37.21
C LYS D 172 57.47 -6.65 36.93
N GLU D 173 57.36 -5.49 37.56
CA GLU D 173 56.17 -4.67 37.40
C GLU D 173 56.22 -3.76 36.18
N HIS D 174 57.36 -3.67 35.50
CA HIS D 174 57.52 -2.75 34.39
C HIS D 174 57.48 -3.43 33.03
N ILE D 175 57.31 -4.75 32.99
CA ILE D 175 57.32 -5.46 31.72
C ILE D 175 56.07 -5.14 30.90
N ASN D 176 54.93 -4.93 31.58
CA ASN D 176 53.72 -4.51 30.88
C ASN D 176 53.90 -3.12 30.27
N SER D 177 54.56 -2.21 30.98
CA SER D 177 54.82 -0.89 30.44
C SER D 177 55.82 -0.94 29.29
N LEU D 178 56.80 -1.85 29.37
CA LEU D 178 57.75 -2.01 28.27
C LEU D 178 57.08 -2.63 27.04
N LEU D 179 56.17 -3.56 27.26
CA LEU D 179 55.43 -4.14 26.14
C LEU D 179 54.50 -3.11 25.52
N GLN D 180 53.93 -2.23 26.35
CA GLN D 180 53.09 -1.17 25.80
C GLN D 180 53.91 -0.10 25.10
N MET D 181 55.16 0.12 25.54
CA MET D 181 56.12 0.94 24.80
C MET D 181 56.32 0.41 23.40
N MET D 182 56.61 -0.89 23.31
CA MET D 182 56.86 -1.53 22.03
C MET D 182 55.62 -1.50 21.14
N GLU D 183 54.45 -1.79 21.73
CA GLU D 183 53.21 -1.79 20.96
C GLU D 183 52.84 -0.39 20.49
N SER D 184 53.13 0.63 21.29
CA SER D 184 52.79 1.99 20.89
C SER D 184 53.73 2.51 19.81
N LEU D 185 55.03 2.26 19.95
CA LEU D 185 55.98 2.90 19.05
C LEU D 185 56.38 2.02 17.87
N TRP D 186 56.75 0.77 18.12
CA TRP D 186 57.41 -0.03 17.11
C TRP D 186 56.45 -0.87 16.30
N SER D 187 55.15 -0.61 16.40
CA SER D 187 54.18 -1.44 15.67
C SER D 187 54.19 -1.20 14.18
N TYR D 188 54.89 -0.19 13.70
CA TYR D 188 54.96 0.07 12.27
C TYR D 188 56.37 0.22 11.74
N VAL D 189 57.40 -0.01 12.54
CA VAL D 189 58.76 -0.02 12.01
C VAL D 189 59.09 -1.46 11.65
N PRO D 190 59.81 -1.71 10.58
CA PRO D 190 60.02 -3.08 10.13
C PRO D 190 61.12 -3.76 10.92
N SER D 191 61.04 -5.09 10.95
CA SER D 191 62.06 -5.86 11.65
C SER D 191 63.36 -5.93 10.85
N SER D 192 63.28 -5.96 9.53
CA SER D 192 64.49 -6.01 8.73
C SER D 192 64.31 -5.16 7.48
N THR D 193 65.40 -4.54 7.04
CA THR D 193 65.37 -3.63 5.90
C THR D 193 65.78 -4.30 4.59
N ASP D 194 66.13 -5.58 4.62
CA ASP D 194 66.45 -6.32 3.39
C ASP D 194 65.18 -6.78 2.67
N LYS D 195 65.31 -7.75 1.77
CA LYS D 195 64.14 -8.29 1.07
C LYS D 195 63.28 -9.12 2.03
N ASN D 196 62.21 -9.71 1.48
CA ASN D 196 61.09 -10.22 2.28
C ASN D 196 61.52 -11.47 3.04
N GLN D 197 62.23 -11.24 4.14
CA GLN D 197 62.46 -12.25 5.16
C GLN D 197 61.61 -11.95 6.39
N LEU D 198 61.76 -10.74 6.94
CA LEU D 198 60.98 -10.29 8.09
C LEU D 198 60.40 -8.89 7.84
N VAL D 199 60.17 -8.51 6.59
CA VAL D 199 59.69 -7.16 6.28
C VAL D 199 58.24 -7.01 6.67
N ASP D 200 57.44 -8.06 6.52
CA ASP D 200 56.04 -7.98 6.92
C ASP D 200 55.90 -7.96 8.43
N ILE D 201 56.92 -8.40 9.15
CA ILE D 201 56.85 -8.56 10.59
C ILE D 201 57.33 -7.27 11.25
N SER D 202 56.49 -6.70 12.10
CA SER D 202 56.85 -5.49 12.80
C SER D 202 57.90 -5.78 13.86
N LEU D 203 58.49 -4.71 14.39
CA LEU D 203 59.49 -4.88 15.43
C LEU D 203 58.86 -5.33 16.73
N TYR D 204 57.61 -4.90 16.96
CA TYR D 204 56.91 -5.27 18.19
C TYR D 204 56.60 -6.75 18.21
N ASP D 205 56.12 -7.30 17.09
CA ASP D 205 55.72 -8.70 17.05
C ASP D 205 56.93 -9.62 17.13
N HIS D 206 58.00 -9.28 16.42
CA HIS D 206 59.24 -10.04 16.50
C HIS D 206 59.86 -9.98 17.89
N SER D 207 59.86 -8.79 18.51
CA SER D 207 60.44 -8.66 19.84
C SER D 207 59.60 -9.36 20.90
N ARG D 208 58.27 -9.28 20.78
CA ARG D 208 57.39 -9.95 21.72
C ARG D 208 57.54 -11.47 21.62
N THR D 209 57.62 -11.99 20.39
CA THR D 209 57.75 -13.42 20.21
C THR D 209 59.10 -13.93 20.71
N THR D 210 60.17 -13.16 20.46
CA THR D 210 61.47 -13.63 20.93
C THR D 210 61.60 -13.52 22.45
N ALA D 211 60.90 -12.57 23.09
CA ALA D 211 60.95 -12.54 24.55
C ALA D 211 60.11 -13.67 25.15
N ALA D 212 58.99 -14.01 24.52
CA ALA D 212 58.17 -15.12 24.98
C ALA D 212 58.94 -16.44 24.90
N ILE D 213 59.56 -16.71 23.76
CA ILE D 213 60.28 -17.97 23.68
C ILE D 213 61.61 -17.91 24.42
N ALA D 214 62.16 -16.72 24.68
CA ALA D 214 63.34 -16.63 25.53
C ALA D 214 63.03 -17.00 26.96
N SER D 215 61.87 -16.54 27.46
CA SER D 215 61.43 -16.94 28.80
C SER D 215 61.15 -18.43 28.88
N ALA D 216 60.55 -19.00 27.82
CA ALA D 216 60.25 -20.42 27.81
C ALA D 216 61.52 -21.27 27.81
N ILE D 217 62.52 -20.89 27.01
CA ILE D 217 63.80 -21.59 26.98
C ILE D 217 64.53 -21.45 28.31
N TYR D 218 64.45 -20.27 28.94
CA TYR D 218 65.10 -20.09 30.23
C TYR D 218 64.47 -20.98 31.31
N ASP D 219 63.14 -21.09 31.30
CA ASP D 219 62.49 -21.93 32.31
C ASP D 219 62.74 -23.41 32.04
N TYR D 220 62.80 -23.80 30.77
CA TYR D 220 63.11 -25.19 30.43
C TYR D 220 64.52 -25.55 30.83
N PHE D 221 65.44 -24.60 30.72
CA PHE D 221 66.82 -24.88 31.10
C PHE D 221 66.98 -24.86 32.61
N GLN D 222 66.22 -24.01 33.30
CA GLN D 222 66.30 -23.97 34.75
C GLN D 222 65.68 -25.19 35.40
N ALA D 223 64.64 -25.77 34.79
CA ALA D 223 64.06 -26.97 35.36
C ALA D 223 64.91 -28.20 35.08
N GLU D 224 65.53 -28.25 33.89
CA GLU D 224 66.44 -29.33 33.55
C GLU D 224 67.87 -29.04 33.99
N ASN D 225 68.04 -27.98 34.78
CA ASN D 225 69.27 -27.53 35.48
C ASN D 225 70.55 -27.70 34.66
N ILE D 226 70.48 -27.29 33.39
CA ILE D 226 71.64 -27.29 32.53
C ILE D 226 72.21 -25.87 32.50
N THR D 227 73.29 -25.71 33.25
CA THR D 227 74.14 -24.54 33.20
C THR D 227 75.08 -24.72 32.00
N ASP D 228 75.84 -23.68 31.65
CA ASP D 228 76.71 -23.62 30.46
C ASP D 228 75.89 -23.80 29.18
N TYR D 229 75.08 -22.77 28.91
CA TYR D 229 74.24 -22.77 27.72
C TYR D 229 75.07 -22.69 26.44
N GLN D 230 76.33 -22.22 26.55
CA GLN D 230 77.19 -22.00 25.40
C GLN D 230 77.46 -23.31 24.66
N LYS D 231 77.78 -24.38 25.40
CA LYS D 231 78.08 -25.63 24.73
C LYS D 231 76.84 -26.24 24.11
N GLU D 232 75.69 -26.05 24.75
CA GLU D 232 74.44 -26.67 24.33
C GLU D 232 73.74 -25.87 23.24
N LEU D 233 74.21 -24.65 22.95
CA LEU D 233 73.70 -23.88 21.82
C LEU D 233 74.78 -23.46 20.82
N PHE D 234 76.04 -23.83 21.02
CA PHE D 234 77.11 -23.50 20.08
C PHE D 234 78.13 -24.59 19.82
N ASP D 235 78.18 -25.68 20.59
CA ASP D 235 79.12 -26.76 20.28
C ASP D 235 78.71 -27.53 19.02
N TYR D 236 77.45 -27.37 18.62
CA TYR D 236 76.96 -27.77 17.30
C TYR D 236 76.18 -26.54 16.85
N ASN D 237 75.30 -26.74 15.87
CA ASN D 237 74.36 -25.68 15.49
C ASN D 237 73.06 -25.75 16.28
N ALA D 238 73.14 -26.20 17.54
CA ALA D 238 72.03 -26.33 18.48
C ALA D 238 70.95 -27.28 17.98
N THR D 239 71.37 -28.29 17.22
CA THR D 239 70.44 -29.27 16.66
C THR D 239 69.78 -30.09 17.75
N GLU D 240 70.56 -30.46 18.78
CA GLU D 240 70.04 -31.26 19.88
C GLU D 240 68.99 -30.48 20.68
N PHE D 241 69.20 -29.18 20.84
CA PHE D 241 68.19 -28.36 21.49
C PHE D 241 66.97 -28.17 20.59
N TYR D 242 67.20 -28.04 19.28
CA TYR D 242 66.11 -27.82 18.35
C TYR D 242 65.18 -29.04 18.28
N ASP D 243 65.72 -30.23 18.49
CA ASP D 243 64.89 -31.43 18.34
C ASP D 243 64.18 -31.87 19.61
N LYS D 244 64.56 -31.35 20.78
CA LYS D 244 63.88 -31.77 22.00
C LYS D 244 62.69 -30.87 22.30
N ASN D 245 61.63 -31.48 22.85
CA ASN D 245 60.40 -30.75 23.17
C ASN D 245 60.67 -29.82 24.34
N ALA D 246 60.89 -28.55 24.04
CA ALA D 246 61.19 -27.56 25.08
C ALA D 246 60.05 -26.59 25.31
N PHE D 247 58.96 -26.72 24.56
CA PHE D 247 57.86 -25.77 24.63
C PHE D 247 56.54 -26.51 24.77
N LEU D 248 55.58 -25.85 25.40
CA LEU D 248 54.18 -26.22 25.33
C LEU D 248 53.41 -25.03 24.78
N MET D 249 52.45 -25.30 23.92
CA MET D 249 51.58 -24.24 23.46
C MET D 249 50.16 -24.64 23.85
N MET D 250 49.66 -24.01 24.91
CA MET D 250 48.36 -24.34 25.47
C MET D 250 47.31 -23.37 24.93
N ASN D 251 46.04 -23.72 25.15
CA ASN D 251 44.99 -22.77 24.82
C ASN D 251 43.87 -22.79 25.85
N PHE D 252 43.22 -21.65 25.98
CA PHE D 252 41.92 -21.55 26.64
C PHE D 252 40.85 -21.53 25.56
N ASP D 253 39.64 -21.98 25.91
CA ASP D 253 38.56 -22.01 24.93
C ASP D 253 37.25 -21.96 25.71
N MET D 254 36.65 -20.78 25.78
CA MET D 254 35.39 -20.62 26.48
C MET D 254 34.26 -21.12 25.60
N SER D 255 33.40 -21.96 26.17
CA SER D 255 32.28 -22.54 25.44
C SER D 255 30.98 -21.93 25.93
N GLY D 256 30.01 -21.82 25.02
CA GLY D 256 28.73 -21.26 25.36
C GLY D 256 28.73 -19.76 25.54
N VAL D 257 29.63 -19.04 24.86
CA VAL D 257 29.69 -17.59 25.02
C VAL D 257 28.48 -16.91 24.39
N GLN D 258 28.03 -17.39 23.22
CA GLN D 258 26.83 -16.83 22.61
C GLN D 258 25.60 -17.18 23.41
N ASN D 259 25.60 -18.36 24.02
CA ASN D 259 24.49 -18.76 24.88
C ASN D 259 24.49 -17.95 26.17
N PHE D 260 25.65 -17.46 26.60
CA PHE D 260 25.65 -16.58 27.76
C PHE D 260 25.19 -15.18 27.41
N ILE D 261 25.56 -14.68 26.23
CA ILE D 261 25.24 -13.30 25.89
C ILE D 261 23.80 -13.14 25.45
N TYR D 262 23.31 -13.99 24.54
CA TYR D 262 22.03 -13.74 23.90
C TYR D 262 20.87 -14.44 24.58
N ASN D 263 21.10 -15.59 25.21
CA ASN D 263 20.02 -16.26 25.93
C ASN D 263 19.86 -15.63 27.30
N ILE D 264 19.20 -14.48 27.33
CA ILE D 264 18.74 -13.84 28.55
C ILE D 264 17.28 -13.46 28.34
N SER D 265 16.44 -13.79 29.32
CA SER D 265 14.99 -13.81 29.14
C SER D 265 14.31 -12.51 29.53
N GLY D 266 15.07 -11.46 29.83
CA GLY D 266 14.49 -10.26 30.39
C GLY D 266 13.63 -9.43 29.45
N SER D 267 12.69 -8.69 30.02
CA SER D 267 11.99 -7.67 29.25
C SER D 267 12.94 -6.52 28.92
N LYS D 268 13.85 -6.22 29.83
CA LYS D 268 14.92 -5.24 29.60
C LYS D 268 16.25 -5.94 29.36
N ALA D 269 16.22 -7.03 28.59
CA ALA D 269 17.43 -7.80 28.33
C ALA D 269 18.34 -7.13 27.33
N LEU D 270 17.83 -6.16 26.56
CA LEU D 270 18.66 -5.48 25.58
C LEU D 270 19.71 -4.59 26.22
N LYS D 271 19.51 -4.18 27.47
CA LYS D 271 20.45 -3.28 28.13
C LYS D 271 21.62 -4.00 28.77
N SER D 272 21.62 -5.33 28.75
CA SER D 272 22.66 -6.11 29.42
C SER D 272 23.57 -6.86 28.47
N LEU D 273 23.37 -6.74 27.15
CA LEU D 273 24.16 -7.49 26.19
C LEU D 273 25.62 -7.06 26.21
N ARG D 274 25.86 -5.75 26.24
CA ARG D 274 27.23 -5.25 26.30
C ARG D 274 27.90 -5.63 27.61
N ALA D 275 27.14 -5.64 28.70
CA ALA D 275 27.68 -6.06 30.00
C ALA D 275 28.09 -7.53 29.97
N ARG D 276 27.27 -8.39 29.35
CA ARG D 276 27.59 -9.81 29.31
C ARG D 276 28.77 -10.11 28.40
N SER D 277 28.82 -9.45 27.24
CA SER D 277 29.94 -9.64 26.32
C SER D 277 31.25 -9.14 26.93
N PHE D 278 31.19 -7.96 27.56
CA PHE D 278 32.31 -7.45 28.34
C PHE D 278 32.75 -8.39 29.44
N TYR D 279 31.79 -8.97 30.16
CA TYR D 279 32.10 -9.87 31.26
C TYR D 279 32.88 -11.07 30.78
N LEU D 280 32.45 -11.65 29.65
CA LEU D 280 33.14 -12.82 29.14
C LEU D 280 34.53 -12.50 28.62
N ASP D 281 34.67 -11.38 27.89
CA ASP D 281 35.97 -11.02 27.33
C ASP D 281 36.99 -10.70 28.42
N MET D 282 36.59 -9.88 29.41
CA MET D 282 37.53 -9.50 30.45
C MET D 282 37.76 -10.66 31.41
N LEU D 283 36.80 -11.58 31.51
CA LEU D 283 36.99 -12.82 32.25
C LEU D 283 38.11 -13.64 31.65
N LEU D 284 38.12 -13.81 30.33
CA LEU D 284 39.20 -14.56 29.67
C LEU D 284 40.54 -13.84 29.81
N GLU D 285 40.53 -12.50 29.70
CA GLU D 285 41.75 -11.70 29.89
C GLU D 285 42.37 -11.95 31.26
N TYR D 286 41.54 -11.90 32.31
CA TYR D 286 42.08 -12.06 33.66
C TYR D 286 42.52 -13.49 33.94
N ILE D 287 41.82 -14.47 33.35
CA ILE D 287 42.21 -15.87 33.54
C ILE D 287 43.59 -16.12 32.94
N SER D 288 43.82 -15.63 31.72
CA SER D 288 45.13 -15.81 31.09
C SER D 288 46.23 -15.06 31.84
N ASP D 289 45.94 -13.82 32.26
CA ASP D 289 46.94 -13.04 32.99
C ASP D 289 47.24 -13.64 34.35
N ASN D 290 46.24 -14.24 34.99
CA ASN D 290 46.45 -14.90 36.28
C ASN D 290 47.32 -16.15 36.13
N LEU D 291 47.11 -16.91 35.06
CA LEU D 291 47.96 -18.08 34.82
C LEU D 291 49.39 -17.66 34.55
N LEU D 292 49.59 -16.57 33.80
CA LEU D 292 50.94 -16.07 33.56
C LEU D 292 51.58 -15.56 34.85
N GLU D 293 50.78 -15.05 35.78
CA GLU D 293 51.29 -14.69 37.09
C GLU D 293 51.73 -15.93 37.87
N LYS D 294 50.96 -17.03 37.76
CA LYS D 294 51.30 -18.24 38.52
C LYS D 294 52.54 -18.93 37.96
N LEU D 295 52.80 -18.81 36.67
CA LEU D 295 53.97 -19.42 36.06
C LEU D 295 55.19 -18.52 36.08
N GLU D 296 55.06 -17.31 36.63
CA GLU D 296 56.11 -16.28 36.68
C GLU D 296 56.62 -15.97 35.27
N LEU D 297 55.69 -15.85 34.33
CA LEU D 297 55.99 -15.44 32.96
C LEU D 297 55.38 -14.07 32.73
N SER D 298 55.96 -13.33 31.79
CA SER D 298 55.44 -12.01 31.46
C SER D 298 54.19 -12.14 30.60
N ARG D 299 53.56 -10.99 30.30
CA ARG D 299 52.42 -10.99 29.40
C ARG D 299 52.85 -11.14 27.94
N ALA D 300 54.16 -11.11 27.67
CA ALA D 300 54.66 -11.35 26.33
C ALA D 300 54.42 -12.77 25.86
N ASN D 301 54.13 -13.69 26.78
CA ASN D 301 53.82 -15.08 26.45
C ASN D 301 52.39 -15.28 26.00
N ILE D 302 51.58 -14.24 25.96
CA ILE D 302 50.29 -14.28 25.31
C ILE D 302 50.54 -14.05 23.82
N LEU D 303 50.23 -15.05 23.00
CA LEU D 303 50.37 -14.85 21.56
C LEU D 303 49.11 -14.22 20.99
N TYR D 304 47.95 -14.64 21.49
CA TYR D 304 46.67 -14.08 21.11
C TYR D 304 45.68 -14.40 22.21
N VAL D 305 45.17 -13.36 22.85
CA VAL D 305 44.00 -13.50 23.72
C VAL D 305 42.83 -12.81 23.00
N GLY D 306 41.91 -13.64 22.53
CA GLY D 306 40.91 -13.18 21.59
C GLY D 306 39.51 -13.33 22.11
N GLY D 307 38.58 -13.42 21.16
CA GLY D 307 37.20 -13.64 21.51
C GLY D 307 36.93 -15.10 21.78
N GLY D 308 36.80 -15.44 23.06
CA GLY D 308 36.47 -16.79 23.45
C GLY D 308 37.64 -17.73 23.60
N HIS D 309 38.83 -17.34 23.16
CA HIS D 309 39.97 -18.24 23.27
C HIS D 309 41.25 -17.43 23.46
N ALA D 310 42.24 -18.10 24.03
CA ALA D 310 43.57 -17.53 24.21
C ALA D 310 44.59 -18.57 23.83
N TYR D 311 45.80 -18.12 23.46
CA TYR D 311 46.91 -19.00 23.16
C TYR D 311 48.13 -18.55 23.94
N LEU D 312 48.77 -19.49 24.62
CA LEU D 312 49.96 -19.20 25.41
C LEU D 312 51.09 -20.13 25.01
N LEU D 313 52.29 -19.61 24.92
CA LEU D 313 53.50 -20.41 24.83
C LEU D 313 54.19 -20.38 26.19
N LEU D 314 54.60 -21.55 26.65
CA LEU D 314 55.11 -21.73 27.99
C LEU D 314 55.96 -22.98 28.03
N ALA D 315 56.80 -23.07 29.05
CA ALA D 315 57.86 -24.06 29.07
C ALA D 315 57.33 -25.46 29.36
N ASN D 316 58.05 -26.46 28.86
CA ASN D 316 57.68 -27.86 28.98
C ASN D 316 58.43 -28.39 30.20
N THR D 317 58.01 -27.96 31.38
CA THR D 317 58.58 -28.42 32.63
C THR D 317 57.49 -29.10 33.44
N ASN D 318 57.91 -29.95 34.38
CA ASN D 318 56.94 -30.64 35.23
C ASN D 318 56.30 -29.71 36.23
N LYS D 319 57.04 -28.69 36.68
CA LYS D 319 56.49 -27.67 37.56
C LYS D 319 55.37 -26.90 36.88
N THR D 320 55.56 -26.58 35.59
CA THR D 320 54.54 -25.91 34.82
C THR D 320 53.29 -26.77 34.67
N LYS D 321 53.45 -28.06 34.44
CA LYS D 321 52.31 -28.95 34.30
C LYS D 321 51.57 -29.13 35.63
N ALA D 322 52.30 -29.08 36.75
CA ALA D 322 51.66 -29.12 38.06
C ALA D 322 50.81 -27.87 38.30
N ILE D 323 51.37 -26.70 37.98
CA ILE D 323 50.61 -25.44 38.12
C ILE D 323 49.42 -25.43 37.16
N LEU D 324 49.60 -26.00 35.96
CA LEU D 324 48.51 -26.08 34.98
C LEU D 324 47.37 -26.96 35.47
N SER D 325 47.70 -28.10 36.08
CA SER D 325 46.68 -29.00 36.60
C SER D 325 45.91 -28.35 37.76
N ASP D 326 46.64 -27.69 38.67
CA ASP D 326 45.98 -26.99 39.77
C ASP D 326 45.09 -25.86 39.27
N PHE D 327 45.59 -25.10 38.29
CA PHE D 327 44.83 -23.99 37.71
C PHE D 327 43.58 -24.48 37.01
N GLU D 328 43.69 -25.60 36.28
CA GLU D 328 42.53 -26.14 35.57
C GLU D 328 41.48 -26.64 36.55
N HIS D 329 41.91 -27.30 37.63
CA HIS D 329 40.95 -27.79 38.61
C HIS D 329 40.24 -26.65 39.34
N ASP D 330 40.99 -25.60 39.72
CA ASP D 330 40.36 -24.48 40.42
C ASP D 330 39.44 -23.69 39.50
N LEU D 331 39.84 -23.51 38.23
CA LEU D 331 39.00 -22.79 37.28
C LEU D 331 37.73 -23.57 36.98
N LYS D 332 37.85 -24.90 36.85
CA LYS D 332 36.70 -25.75 36.61
C LYS D 332 35.73 -25.70 37.79
N THR D 333 36.26 -25.75 39.01
CA THR D 333 35.40 -25.73 40.19
C THR D 333 34.70 -24.38 40.34
N TRP D 334 35.40 -23.29 40.05
CA TRP D 334 34.77 -21.97 40.12
C TRP D 334 33.70 -21.81 39.06
N PHE D 335 33.95 -22.32 37.84
CA PHE D 335 32.95 -22.17 36.79
C PHE D 335 31.72 -23.03 37.05
N LEU D 336 31.90 -24.24 37.59
CA LEU D 336 30.75 -25.03 38.04
C LEU D 336 29.98 -24.33 39.16
N ASP D 337 30.69 -23.65 40.06
CA ASP D 337 29.99 -23.06 41.20
C ASP D 337 29.30 -21.75 40.87
N LYS D 338 29.46 -21.22 39.65
CA LYS D 338 28.74 -20.02 39.21
C LYS D 338 27.84 -20.28 38.01
N PHE D 339 28.38 -20.88 36.95
CA PHE D 339 27.67 -21.11 35.70
C PHE D 339 27.67 -22.60 35.46
N LYS D 340 26.55 -23.26 35.79
CA LYS D 340 26.54 -24.72 36.02
C LYS D 340 26.99 -25.53 34.82
N ILE D 341 26.37 -25.30 33.66
CA ILE D 341 26.75 -25.96 32.42
C ILE D 341 27.01 -24.86 31.41
N ASP D 342 26.45 -23.69 31.69
CA ASP D 342 26.33 -22.63 30.70
C ASP D 342 27.67 -22.01 30.31
N LEU D 343 28.72 -22.23 31.07
CA LEU D 343 30.05 -21.75 30.70
C LEU D 343 31.09 -22.80 31.05
N TYR D 344 32.08 -22.96 30.18
CA TYR D 344 33.14 -23.92 30.40
C TYR D 344 34.39 -23.44 29.69
N VAL D 345 35.53 -23.52 30.38
CA VAL D 345 36.83 -23.16 29.80
C VAL D 345 37.65 -24.43 29.66
N ALA D 346 38.08 -24.71 28.44
CA ALA D 346 38.81 -25.95 28.13
C ALA D 346 40.28 -25.62 28.00
N MET D 347 41.08 -26.11 28.94
CA MET D 347 42.53 -25.88 28.96
C MET D 347 43.23 -27.12 28.40
N ALA D 348 43.63 -27.06 27.15
CA ALA D 348 44.36 -28.14 26.51
C ALA D 348 45.73 -27.64 26.09
N TYR D 349 46.73 -28.52 26.19
CA TYR D 349 48.08 -28.17 25.81
C TYR D 349 48.70 -29.31 25.01
N THR D 350 49.73 -28.98 24.25
CA THR D 350 50.47 -29.95 23.46
C THR D 350 51.95 -29.66 23.60
N GLU D 351 52.76 -30.67 23.30
CA GLU D 351 54.21 -30.53 23.37
C GLU D 351 54.75 -30.24 21.98
N VAL D 352 55.41 -29.10 21.82
CA VAL D 352 55.99 -28.71 20.54
C VAL D 352 57.46 -28.44 20.75
N SER D 353 58.23 -28.47 19.68
CA SER D 353 59.68 -28.26 19.76
C SER D 353 60.09 -27.10 18.88
N ALA D 354 61.37 -26.73 19.00
CA ALA D 354 61.87 -25.54 18.30
C ALA D 354 62.03 -25.79 16.81
N ASN D 355 62.47 -26.99 16.43
CA ASN D 355 62.44 -27.37 15.02
C ASN D 355 61.02 -27.52 14.51
N ASP D 356 60.07 -27.78 15.40
CA ASP D 356 58.68 -27.85 15.02
C ASP D 356 58.12 -26.43 14.94
N LEU D 357 58.58 -25.52 15.81
CA LEU D 357 58.18 -24.12 15.72
C LEU D 357 58.75 -23.46 14.48
N MET D 358 59.98 -23.80 14.11
CA MET D 358 60.63 -23.13 12.99
C MET D 358 60.15 -23.60 11.64
N ASN D 359 59.21 -24.56 11.60
CA ASN D 359 58.70 -25.18 10.37
C ASN D 359 59.85 -25.81 9.57
N HIS D 360 60.82 -26.37 10.26
CA HIS D 360 61.98 -26.96 9.61
C HIS D 360 61.60 -28.25 8.90
N ASN D 361 60.83 -29.10 9.57
CA ASN D 361 60.33 -30.35 9.00
C ASN D 361 58.82 -30.32 8.81
N GLY D 362 58.29 -29.20 8.34
CA GLY D 362 56.86 -29.05 8.32
C GLY D 362 56.36 -28.85 9.75
N HIS D 363 55.19 -29.43 10.02
CA HIS D 363 54.59 -29.63 11.33
C HIS D 363 54.16 -28.34 12.05
N TYR D 364 54.28 -27.17 11.43
CA TYR D 364 53.80 -25.97 12.11
C TYR D 364 52.28 -25.90 12.10
N ARG D 365 51.65 -26.38 11.02
CA ARG D 365 50.21 -26.63 11.04
C ARG D 365 49.83 -27.65 12.10
N ASP D 366 50.70 -28.63 12.33
CA ASP D 366 50.39 -29.73 13.22
C ASP D 366 50.33 -29.31 14.68
N ILE D 367 50.95 -28.18 15.03
CA ILE D 367 50.83 -27.63 16.39
C ILE D 367 49.38 -27.31 16.70
N TYR D 368 48.77 -26.50 15.85
CA TYR D 368 47.41 -26.07 16.10
C TYR D 368 46.42 -27.16 15.75
N ARG D 369 46.80 -28.10 14.87
CA ARG D 369 45.96 -29.27 14.64
C ARG D 369 45.87 -30.16 15.87
N ARG D 370 47.02 -30.42 16.51
CA ARG D 370 47.03 -31.20 17.74
C ARG D 370 46.35 -30.45 18.88
N LEU D 371 46.52 -29.13 18.93
CA LEU D 371 45.89 -28.33 19.97
C LEU D 371 44.38 -28.30 19.82
N SER D 372 43.88 -28.17 18.59
CA SER D 372 42.44 -28.21 18.36
C SER D 372 41.87 -29.59 18.63
N GLN D 373 42.64 -30.64 18.30
CA GLN D 373 42.20 -32.01 18.58
C GLN D 373 42.08 -32.24 20.07
N LYS D 374 43.06 -31.77 20.84
CA LYS D 374 43.02 -31.98 22.28
C LYS D 374 41.99 -31.10 22.96
N THR D 375 41.74 -29.90 22.42
CA THR D 375 40.67 -29.05 22.96
C THR D 375 39.29 -29.65 22.69
N SER D 376 39.08 -30.21 21.49
CA SER D 376 37.81 -30.87 21.22
C SER D 376 37.66 -32.14 22.05
N ALA D 377 38.76 -32.86 22.31
CA ALA D 377 38.70 -34.02 23.18
C ALA D 377 38.37 -33.63 24.62
N LYS D 378 38.87 -32.48 25.06
CA LYS D 378 38.53 -32.00 26.40
C LYS D 378 37.07 -31.53 26.46
N LYS D 379 36.58 -30.95 25.38
CA LYS D 379 35.19 -30.50 25.35
C LYS D 379 34.23 -31.69 25.29
N ALA D 380 34.67 -32.80 24.72
CA ALA D 380 33.82 -33.99 24.65
C ALA D 380 33.63 -34.61 26.02
N ASN D 381 34.71 -34.77 26.78
CA ASN D 381 34.63 -35.21 28.17
C ASN D 381 34.84 -34.00 29.08
N ARG D 382 33.75 -33.26 29.26
CA ARG D 382 33.80 -31.97 29.92
C ARG D 382 34.04 -32.12 31.42
N TYR D 383 33.30 -33.00 32.08
CA TYR D 383 33.30 -33.10 33.53
C TYR D 383 33.72 -34.50 33.97
N THR D 384 34.01 -34.62 35.25
CA THR D 384 34.32 -35.90 35.87
C THR D 384 33.06 -36.46 36.50
N ALA D 385 33.18 -37.65 37.09
CA ALA D 385 32.03 -38.27 37.72
C ALA D 385 31.64 -37.52 39.00
N GLU D 386 32.63 -37.05 39.75
CA GLU D 386 32.35 -36.35 41.00
C GLU D 386 31.65 -35.02 40.76
N GLU D 387 32.03 -34.32 39.69
CA GLU D 387 31.39 -33.04 39.37
C GLU D 387 29.96 -33.23 38.92
N ILE D 388 29.67 -34.30 38.17
CA ILE D 388 28.30 -34.60 37.78
C ILE D 388 27.46 -34.99 38.99
N LEU D 389 28.05 -35.74 39.92
CA LEU D 389 27.35 -36.10 41.15
C LEU D 389 27.05 -34.87 41.99
N ASN D 390 27.98 -33.93 42.07
CA ASN D 390 27.72 -32.71 42.83
C ASN D 390 26.74 -31.79 42.11
N LEU D 391 26.68 -31.86 40.77
CA LEU D 391 25.66 -31.13 40.03
C LEU D 391 24.27 -31.67 40.34
N ASN D 392 24.13 -32.99 40.36
CA ASN D 392 22.83 -33.58 40.64
C ASN D 392 22.48 -33.57 42.12
N HIS D 393 23.47 -33.35 42.99
CA HIS D 393 23.20 -33.35 44.42
C HIS D 393 22.68 -32.01 44.92
N GLN D 394 23.00 -30.92 44.24
CA GLN D 394 22.63 -29.59 44.69
C GLN D 394 21.25 -29.15 44.24
N GLY D 395 20.53 -29.99 43.52
CA GLY D 395 19.19 -29.62 43.10
C GLY D 395 18.22 -29.61 44.25
N THR D 396 17.50 -28.50 44.38
CA THR D 396 16.49 -28.33 45.43
C THR D 396 15.15 -28.04 44.75
N GLU D 397 14.11 -27.94 45.56
CA GLU D 397 12.80 -27.48 45.11
C GLU D 397 12.55 -26.11 45.71
N ASN D 398 12.20 -25.15 44.85
CA ASN D 398 11.94 -23.80 45.32
C ASN D 398 10.98 -23.06 44.40
N ALA D 399 10.13 -22.22 44.99
CA ALA D 399 9.10 -21.50 44.24
C ALA D 399 9.57 -20.10 43.89
N ARG D 400 10.79 -20.01 43.38
CA ARG D 400 11.37 -18.72 43.02
C ARG D 400 12.33 -18.93 41.86
N GLU D 401 12.51 -17.86 41.10
CA GLU D 401 13.33 -17.91 39.89
C GLU D 401 13.67 -16.48 39.50
N CYS D 402 14.81 -16.31 38.86
CA CYS D 402 15.19 -15.00 38.36
C CYS D 402 14.29 -14.56 37.21
N ARG D 403 14.15 -13.24 37.06
CA ARG D 403 13.46 -12.71 35.91
C ARG D 403 14.22 -12.94 34.62
N GLU D 404 15.52 -12.68 34.61
CA GLU D 404 16.31 -12.68 33.39
C GLU D 404 17.05 -13.98 33.17
N CYS D 405 17.94 -14.38 34.08
CA CYS D 405 18.78 -15.50 33.72
C CYS D 405 18.14 -16.82 34.15
N LYS D 406 17.00 -16.75 34.86
CA LYS D 406 16.05 -17.84 35.08
C LYS D 406 16.64 -19.05 35.80
N ARG D 407 17.61 -18.82 36.68
CA ARG D 407 18.09 -19.86 37.56
C ARG D 407 17.52 -19.64 38.95
N SER D 408 17.49 -20.70 39.74
CA SER D 408 16.90 -20.64 41.07
C SER D 408 17.93 -20.73 42.18
N ASP D 409 19.21 -20.65 41.86
CA ASP D 409 20.27 -20.59 42.85
C ASP D 409 20.94 -19.23 42.79
N LEU D 410 21.55 -18.85 43.92
CA LEU D 410 22.14 -17.52 44.12
C LEU D 410 21.13 -16.41 43.86
N LEU D 411 19.94 -16.58 44.41
CA LEU D 411 18.93 -15.54 44.37
C LEU D 411 19.14 -14.57 45.51
N ILE D 412 18.80 -13.32 45.29
CA ILE D 412 18.84 -12.33 46.36
C ILE D 412 17.53 -12.39 47.14
N GLU D 413 17.61 -12.20 48.45
CA GLU D 413 16.43 -12.34 49.32
C GLU D 413 15.41 -11.23 49.09
N GLU D 414 15.83 -10.07 48.61
CA GLU D 414 14.91 -8.96 48.46
C GLU D 414 14.20 -8.93 47.11
N ASP D 415 14.76 -9.56 46.09
CA ASP D 415 14.16 -9.56 44.76
C ASP D 415 14.52 -10.84 44.04
N ASP D 416 13.58 -11.34 43.24
CA ASP D 416 13.76 -12.61 42.54
C ASP D 416 14.72 -12.41 41.36
N ILE D 417 16.01 -12.44 41.69
CA ILE D 417 17.05 -12.22 40.69
C ILE D 417 18.33 -12.91 41.12
N CYS D 418 18.90 -13.67 40.19
CA CYS D 418 20.25 -14.17 40.26
C CYS D 418 21.32 -13.09 40.45
N GLU D 419 22.26 -13.39 41.36
CA GLU D 419 23.23 -12.40 41.86
C GLU D 419 24.18 -11.94 40.78
N ILE D 420 24.71 -12.88 40.01
CA ILE D 420 25.59 -12.55 38.89
C ILE D 420 24.84 -11.79 37.81
N CYS D 421 23.54 -11.99 37.71
CA CYS D 421 22.79 -11.43 36.61
C CYS D 421 22.44 -10.00 37.00
N ASP D 422 22.18 -9.81 38.29
CA ASP D 422 22.01 -8.48 38.88
C ASP D 422 23.30 -7.68 38.86
N SER D 423 24.44 -8.34 39.05
CA SER D 423 25.72 -7.66 38.94
C SER D 423 25.98 -7.20 37.51
N LEU D 424 25.54 -8.00 36.54
CA LEU D 424 25.59 -7.57 35.15
C LEU D 424 24.68 -6.37 34.90
N GLN D 425 23.52 -6.34 35.56
CA GLN D 425 22.64 -5.15 35.50
C GLN D 425 23.34 -3.91 36.05
N LYS D 426 24.01 -4.06 37.20
CA LYS D 426 24.70 -2.93 37.82
C LYS D 426 25.84 -2.42 36.94
N VAL D 427 26.62 -3.33 36.37
CA VAL D 427 27.75 -2.88 35.57
C VAL D 427 27.27 -2.34 34.22
N SER D 428 26.10 -2.80 33.75
CA SER D 428 25.50 -2.20 32.57
C SER D 428 25.06 -0.78 32.84
N ARG D 429 24.55 -0.52 34.05
CA ARG D 429 24.29 0.85 34.45
C ARG D 429 25.56 1.67 34.62
N ASP D 430 26.70 1.02 34.90
CA ASP D 430 27.94 1.77 35.11
C ASP D 430 28.98 1.52 34.03
N LEU D 431 28.58 1.50 32.75
CA LEU D 431 29.52 1.34 31.66
C LEU D 431 29.44 2.55 30.73
N THR D 432 30.55 3.29 30.63
CA THR D 432 30.59 4.49 29.80
C THR D 432 31.60 4.32 28.69
N ARG D 433 31.87 5.40 27.96
CA ARG D 433 32.85 5.40 26.88
C ARG D 433 34.28 5.57 27.38
N GLU D 434 34.48 5.79 28.67
CA GLU D 434 35.81 6.08 29.20
C GLU D 434 36.12 5.26 30.45
N ASN D 435 35.25 4.34 30.85
CA ASN D 435 35.44 3.62 32.11
C ASN D 435 36.56 2.61 31.98
N ILE D 436 37.53 2.67 32.90
CA ILE D 436 38.52 1.64 33.06
C ILE D 436 37.99 0.63 34.07
N PHE D 437 38.62 -0.52 34.20
CA PHE D 437 38.06 -1.62 34.96
C PHE D 437 39.10 -2.14 35.95
N VAL D 438 38.68 -2.33 37.20
CA VAL D 438 39.59 -2.63 38.29
C VAL D 438 39.14 -3.93 38.95
N ILE D 439 40.07 -4.87 39.09
CA ILE D 439 39.81 -6.16 39.71
C ILE D 439 40.49 -6.18 41.07
N ALA D 440 39.72 -6.41 42.12
CA ALA D 440 40.23 -6.46 43.48
C ALA D 440 39.37 -7.41 44.29
N ASN D 441 39.58 -7.41 45.61
CA ASN D 441 38.84 -8.32 46.49
C ASN D 441 37.37 -7.93 46.60
N GLU D 442 37.07 -6.64 46.57
CA GLU D 442 35.71 -6.14 46.66
C GLU D 442 35.34 -5.49 45.34
N GLY D 443 34.13 -5.77 44.86
CA GLY D 443 33.72 -5.21 43.60
C GLY D 443 32.29 -5.58 43.26
N VAL D 444 31.91 -5.27 42.04
CA VAL D 444 30.54 -5.47 41.57
C VAL D 444 30.37 -6.85 40.95
N LEU D 445 31.31 -7.24 40.10
CA LEU D 445 31.14 -8.38 39.20
C LEU D 445 32.00 -9.53 39.65
N ASP D 446 31.38 -10.67 39.94
CA ASP D 446 32.07 -11.80 40.54
C ASP D 446 33.00 -12.49 39.54
N MET D 447 34.19 -12.84 40.00
CA MET D 447 35.26 -13.32 39.14
C MET D 447 36.10 -14.36 39.89
N PRO D 448 36.89 -15.19 39.21
CA PRO D 448 37.96 -15.92 39.91
C PRO D 448 39.13 -14.96 40.09
N PHE D 449 40.01 -15.26 41.04
CA PHE D 449 39.97 -16.34 42.02
C PHE D 449 39.70 -15.69 43.36
N GLY D 450 38.44 -15.53 43.72
CA GLY D 450 38.13 -14.75 44.89
C GLY D 450 38.31 -13.27 44.71
N LYS D 451 38.32 -12.79 43.48
CA LYS D 451 38.42 -11.39 43.15
C LYS D 451 37.13 -10.94 42.48
N LYS D 452 36.89 -9.63 42.49
CA LYS D 452 35.69 -9.09 41.88
C LYS D 452 36.04 -7.83 41.12
N MET D 453 35.21 -7.46 40.15
CA MET D 453 35.52 -6.38 39.24
C MET D 453 34.47 -5.28 39.31
N SER D 454 34.95 -4.03 39.28
CA SER D 454 34.13 -2.88 39.64
C SER D 454 33.71 -2.01 38.46
N ALA D 455 34.57 -1.85 37.45
CA ALA D 455 34.37 -0.97 36.29
C ALA D 455 34.13 0.47 36.73
N LEU D 456 35.18 1.03 37.34
CA LEU D 456 35.18 2.33 37.98
C LEU D 456 36.03 3.32 37.20
N SER D 457 35.64 4.59 37.24
CA SER D 457 36.39 5.64 36.55
C SER D 457 36.11 6.97 37.23
N TYR D 458 37.16 7.77 37.43
CA TYR D 458 38.55 7.48 37.08
C TYR D 458 39.42 7.65 38.32
N SER D 459 39.04 8.63 39.15
CA SER D 459 39.80 8.94 40.35
C SER D 459 39.67 7.90 41.44
N GLN D 460 38.72 6.96 41.31
CA GLN D 460 38.67 5.84 42.24
C GLN D 460 39.76 4.81 41.97
N ALA D 461 40.50 4.95 40.87
CA ALA D 461 41.63 4.08 40.55
C ALA D 461 42.94 4.55 41.13
N ASP D 462 42.91 5.31 42.22
CA ASP D 462 44.13 5.67 42.93
C ASP D 462 44.54 4.55 43.90
N LYS D 463 43.74 3.50 44.00
CA LYS D 463 44.06 2.32 44.79
C LYS D 463 45.27 1.57 44.23
N GLU D 470 47.85 -6.28 44.81
CA GLU D 470 46.61 -5.79 45.38
C GLU D 470 45.52 -5.67 44.33
N VAL D 471 45.74 -4.81 43.33
CA VAL D 471 44.77 -4.55 42.29
C VAL D 471 45.42 -4.71 40.92
N GLN D 472 44.62 -5.08 39.93
CA GLN D 472 44.98 -5.05 38.53
C GLN D 472 44.00 -4.12 37.81
N ILE D 473 44.52 -3.23 36.99
CA ILE D 473 43.71 -2.21 36.34
C ILE D 473 43.73 -2.48 34.84
N TYR D 474 42.54 -2.68 34.26
CA TYR D 474 42.39 -2.98 32.85
C TYR D 474 41.72 -1.79 32.17
N ALA D 475 42.45 -1.12 31.29
CA ALA D 475 41.92 0.03 30.57
C ALA D 475 41.79 -0.26 29.09
N LYS D 476 40.74 0.31 28.49
CA LYS D 476 40.65 0.28 27.03
C LYS D 476 41.72 1.14 26.39
N ASN D 477 41.93 2.34 26.93
CA ASN D 477 42.91 3.27 26.41
C ASN D 477 43.76 3.74 27.58
N ILE D 478 45.05 3.76 27.39
CA ILE D 478 45.98 4.14 28.44
C ILE D 478 46.30 5.62 28.31
N SER D 479 46.42 6.30 29.45
CA SER D 479 46.74 7.73 29.44
C SER D 479 48.25 7.95 29.30
N GLU D 480 49.01 7.49 30.28
CA GLU D 480 50.46 7.51 30.26
C GLU D 480 50.98 6.09 30.38
N ILE D 481 52.05 5.80 29.66
CA ILE D 481 52.54 4.43 29.56
C ILE D 481 53.29 4.02 30.82
N GLY D 482 54.32 4.78 31.18
CA GLY D 482 55.25 4.33 32.19
C GLY D 482 54.79 4.46 33.62
N GLN D 483 54.44 5.67 34.03
CA GLN D 483 54.23 5.94 35.45
C GLN D 483 52.91 5.40 35.96
N ASN D 484 51.89 5.35 35.10
CA ASN D 484 50.54 5.14 35.62
C ASN D 484 50.27 3.64 35.80
N LEU D 485 50.92 2.80 34.99
CA LEU D 485 51.14 1.37 35.23
C LEU D 485 49.81 0.59 35.32
N MET D 486 49.19 0.44 34.15
CA MET D 486 48.03 -0.42 34.00
C MET D 486 48.09 -1.09 32.64
N THR D 487 47.36 -2.20 32.50
CA THR D 487 47.44 -3.01 31.30
C THR D 487 46.33 -2.67 30.30
N ARG D 488 46.74 -2.50 29.05
CA ARG D 488 45.83 -2.06 28.00
C ARG D 488 45.15 -3.25 27.35
N ILE D 489 43.84 -3.36 27.51
CA ILE D 489 43.05 -4.43 26.93
C ILE D 489 41.95 -3.76 26.11
N ASP D 490 41.88 -4.09 24.83
CA ASP D 490 40.92 -3.45 23.93
C ASP D 490 39.78 -4.38 23.55
N MET D 491 38.58 -3.82 23.43
CA MET D 491 37.44 -4.53 22.89
C MET D 491 36.59 -3.55 22.11
N GLY D 492 35.74 -4.09 21.24
CA GLY D 492 34.89 -3.25 20.42
C GLY D 492 33.71 -2.71 21.19
N ASP D 493 33.96 -1.77 22.09
CA ASP D 493 32.96 -1.23 22.99
C ASP D 493 32.30 0.04 22.48
N TYR D 494 31.89 0.09 21.21
CA TYR D 494 31.21 1.27 20.73
C TYR D 494 29.74 1.17 21.07
N THR D 495 29.26 2.15 21.83
CA THR D 495 27.83 2.29 22.05
C THR D 495 27.43 3.71 21.69
N TYR D 496 26.29 3.85 21.02
CA TYR D 496 25.85 5.17 20.61
C TYR D 496 25.17 5.89 21.76
N ARG D 497 24.14 5.27 22.33
CA ARG D 497 23.38 5.88 23.41
C ARG D 497 23.18 4.98 24.62
N SER D 498 23.45 3.68 24.52
CA SER D 498 23.31 2.65 25.55
C SER D 498 21.87 2.48 26.03
N ASP D 499 20.88 2.96 25.28
CA ASP D 499 19.46 2.72 25.55
C ASP D 499 18.66 2.80 24.26
N PHE D 500 18.00 1.71 23.92
CA PHE D 500 17.49 1.52 22.57
C PHE D 500 16.20 2.29 22.30
N HIS D 501 15.36 2.50 23.32
CA HIS D 501 14.11 3.23 23.12
C HIS D 501 14.37 4.69 22.77
N GLU D 502 15.35 5.30 23.44
CA GLU D 502 15.62 6.71 23.21
C GLU D 502 16.27 6.94 21.85
N MET D 503 17.20 6.07 21.46
CA MET D 503 17.83 6.22 20.16
C MET D 503 16.90 5.78 19.04
N LEU D 504 15.89 4.96 19.33
CA LEU D 504 14.87 4.69 18.33
C LEU D 504 13.91 5.85 18.21
N GLU D 505 13.69 6.58 19.30
CA GLU D 505 12.87 7.79 19.23
C GLU D 505 13.63 8.95 18.61
N GLU D 506 14.97 8.88 18.55
CA GLU D 506 15.75 9.94 17.92
C GLU D 506 15.54 9.96 16.42
N VAL D 507 15.52 8.80 15.78
CA VAL D 507 15.28 8.75 14.35
C VAL D 507 13.81 8.98 14.07
N GLU D 508 13.51 9.74 13.01
CA GLU D 508 12.16 10.22 12.76
C GLU D 508 11.65 9.98 11.35
N VAL D 509 12.49 9.59 10.40
CA VAL D 509 12.06 9.51 9.02
C VAL D 509 11.55 8.12 8.67
N GLY D 510 12.29 7.07 9.06
CA GLY D 510 11.95 5.73 8.66
C GLY D 510 10.98 5.05 9.60
N ILE D 511 10.83 3.74 9.41
CA ILE D 511 10.02 2.94 10.31
C ILE D 511 10.74 2.82 11.65
N ASN D 512 9.97 2.63 12.72
CA ASN D 512 10.56 2.55 14.06
C ASN D 512 10.88 1.09 14.38
N ARG D 513 11.87 0.57 13.68
CA ARG D 513 12.30 -0.80 13.87
C ARG D 513 13.79 -0.82 14.20
N LEU D 514 14.19 -1.86 14.93
CA LEU D 514 15.57 -2.05 15.34
C LEU D 514 16.24 -2.99 14.35
N GLY D 515 17.44 -2.63 13.93
CA GLY D 515 18.19 -3.40 12.93
C GLY D 515 19.38 -4.08 13.56
N VAL D 516 19.58 -5.35 13.21
CA VAL D 516 20.63 -6.17 13.78
C VAL D 516 21.58 -6.61 12.68
N LEU D 517 22.86 -6.32 12.85
CA LEU D 517 23.90 -6.80 11.96
C LEU D 517 24.72 -7.87 12.66
N ARG D 518 24.80 -9.03 12.02
CA ARG D 518 25.64 -10.14 12.46
C ARG D 518 26.49 -10.49 11.25
N ALA D 519 27.79 -10.47 11.41
CA ALA D 519 28.71 -10.80 10.33
C ALA D 519 29.87 -11.62 10.86
N ASP D 520 30.56 -12.30 9.94
CA ASP D 520 31.82 -12.93 10.26
C ASP D 520 32.70 -12.98 9.02
N VAL D 521 34.02 -13.04 9.23
CA VAL D 521 34.94 -13.22 8.12
C VAL D 521 34.81 -14.64 7.62
N ASP D 522 34.82 -14.81 6.30
CA ASP D 522 34.74 -16.13 5.72
C ASP D 522 36.06 -16.87 5.93
N ASN D 523 35.96 -18.05 6.55
CA ASN D 523 37.07 -18.99 6.76
C ASN D 523 38.21 -18.36 7.57
N LEU D 524 37.94 -18.07 8.84
CA LEU D 524 39.02 -17.73 9.76
C LEU D 524 39.96 -18.90 9.93
N GLY D 525 39.40 -20.09 10.11
CA GLY D 525 40.22 -21.26 10.42
C GLY D 525 41.13 -21.65 9.28
N GLN D 526 40.59 -21.66 8.06
CA GLN D 526 41.39 -22.06 6.90
C GLN D 526 42.48 -21.05 6.60
N ALA D 527 42.14 -19.77 6.61
CA ALA D 527 43.16 -18.74 6.40
C ALA D 527 44.11 -18.61 7.59
N PHE D 528 43.75 -19.16 8.75
CA PHE D 528 44.56 -19.06 9.95
C PHE D 528 45.55 -20.20 10.09
N ILE D 529 45.17 -21.41 9.66
CA ILE D 529 46.13 -22.51 9.76
C ILE D 529 46.83 -22.77 8.42
N ASN D 530 46.15 -22.58 7.29
CA ASN D 530 46.78 -22.83 5.99
C ASN D 530 46.40 -21.74 5.00
N GLY D 531 46.46 -20.48 5.45
CA GLY D 531 46.33 -19.36 4.53
C GLY D 531 47.67 -18.85 4.08
N ILE D 532 48.61 -18.78 5.02
CA ILE D 532 49.99 -18.40 4.74
C ILE D 532 50.67 -19.56 4.02
N PRO D 533 51.53 -19.29 3.03
CA PRO D 533 52.34 -20.36 2.44
C PRO D 533 53.28 -20.99 3.44
N ASP D 534 53.65 -22.26 3.18
CA ASP D 534 54.46 -23.04 4.10
C ASP D 534 55.86 -22.46 4.26
N ASP D 535 56.40 -21.86 3.21
CA ASP D 535 57.75 -21.33 3.22
C ASP D 535 57.89 -19.98 3.92
N TYR D 536 56.78 -19.40 4.41
CA TYR D 536 56.82 -18.15 5.15
C TYR D 536 56.26 -18.29 6.56
N LEU D 537 56.05 -19.52 7.03
CA LEU D 537 55.46 -19.75 8.35
C LEU D 537 56.43 -19.39 9.47
N SER D 538 55.89 -18.71 10.48
CA SER D 538 56.67 -18.37 11.66
C SER D 538 55.69 -18.16 12.80
N ILE D 539 56.22 -18.16 14.01
CA ILE D 539 55.39 -17.84 15.18
C ILE D 539 55.08 -16.35 15.19
N SER D 540 56.02 -15.52 14.74
CA SER D 540 55.80 -14.08 14.71
C SER D 540 54.83 -13.68 13.60
N ARG D 541 54.77 -14.45 12.51
CA ARG D 541 53.83 -14.10 11.46
C ARG D 541 52.41 -14.47 11.85
N THR D 542 52.24 -15.59 12.55
CA THR D 542 50.93 -15.90 13.13
C THR D 542 50.53 -14.87 14.16
N ALA D 543 51.49 -14.39 14.94
CA ALA D 543 51.22 -13.36 15.93
C ALA D 543 50.81 -12.05 15.28
N THR D 544 51.49 -11.66 14.21
CA THR D 544 51.15 -10.38 13.58
C THR D 544 49.86 -10.47 12.77
N PHE D 545 49.50 -11.65 12.28
CA PHE D 545 48.22 -11.79 11.59
C PHE D 545 47.07 -11.74 12.59
N SER D 546 47.20 -12.42 13.72
CA SER D 546 46.15 -12.38 14.74
C SER D 546 45.99 -10.99 15.33
N ARG D 547 47.12 -10.31 15.58
CA ARG D 547 47.07 -8.96 16.09
C ARG D 547 46.52 -7.98 15.07
N ALA D 548 46.80 -8.19 13.79
CA ALA D 548 46.25 -7.31 12.75
C ALA D 548 44.74 -7.44 12.65
N MET D 549 44.23 -8.68 12.67
CA MET D 549 42.79 -8.89 12.57
C MET D 549 42.06 -8.34 13.79
N SER D 550 42.58 -8.61 15.00
CA SER D 550 41.93 -8.11 16.21
C SER D 550 42.03 -6.60 16.31
N ARG D 551 43.17 -6.04 15.88
CA ARG D 551 43.38 -4.60 15.89
C ARG D 551 42.39 -3.89 14.98
N PHE D 552 42.20 -4.45 13.77
CA PHE D 552 41.19 -3.92 12.85
C PHE D 552 39.83 -3.91 13.48
N PHE D 553 39.36 -5.08 13.92
CA PHE D 553 37.97 -5.21 14.34
C PHE D 553 37.68 -4.34 15.55
N LYS D 554 38.42 -4.52 16.65
CA LYS D 554 38.22 -3.68 17.83
C LYS D 554 38.52 -2.19 17.60
N ASN D 555 39.79 -1.83 17.34
CA ASN D 555 40.16 -0.43 17.32
C ASN D 555 39.60 0.28 16.09
N TYR D 556 39.74 -0.33 14.92
CA TYR D 556 39.29 0.32 13.70
C TYR D 556 37.77 0.39 13.62
N LEU D 557 37.05 -0.65 14.08
CA LEU D 557 35.60 -0.58 14.05
C LEU D 557 35.09 0.49 15.02
N ASN D 558 35.76 0.64 16.16
CA ASN D 558 35.40 1.73 17.08
C ASN D 558 35.63 3.09 16.45
N GLN D 559 36.74 3.25 15.72
CA GLN D 559 37.04 4.57 15.19
C GLN D 559 36.20 4.92 13.96
N LEU D 560 35.89 3.95 13.09
CA LEU D 560 34.90 4.21 12.03
C LEU D 560 33.51 4.49 12.57
N LEU D 561 33.12 3.86 13.67
CA LEU D 561 31.82 4.18 14.22
C LEU D 561 31.81 5.54 14.91
N ALA D 562 32.94 5.94 15.47
CA ALA D 562 32.97 7.26 16.12
C ALA D 562 33.20 8.38 15.11
N GLU D 563 33.68 8.05 13.92
CA GLU D 563 33.89 9.03 12.86
C GLU D 563 32.58 9.66 12.42
N LYS D 564 31.72 8.85 11.81
CA LYS D 564 30.35 9.24 11.51
C LYS D 564 29.50 8.64 12.61
N SER D 565 28.87 9.48 13.42
CA SER D 565 28.23 9.00 14.64
C SER D 565 26.97 8.23 14.30
N TYR D 566 27.14 6.95 13.96
CA TYR D 566 26.04 6.07 13.62
C TYR D 566 25.26 5.71 14.86
N LYS D 567 23.97 5.48 14.69
CA LYS D 567 23.12 5.00 15.77
C LYS D 567 23.23 3.48 15.89
N ILE D 568 24.38 3.03 16.40
CA ILE D 568 24.71 1.63 16.46
C ILE D 568 25.33 1.31 17.81
N ASN D 569 24.81 0.28 18.47
CA ASN D 569 25.42 -0.31 19.66
C ASN D 569 26.15 -1.57 19.23
N VAL D 570 27.42 -1.69 19.59
CA VAL D 570 28.19 -2.89 19.28
C VAL D 570 28.18 -3.82 20.47
N ILE D 571 27.75 -5.06 20.24
CA ILE D 571 27.71 -6.06 21.29
C ILE D 571 28.96 -6.92 21.27
N TYR D 572 29.33 -7.43 20.10
CA TYR D 572 30.51 -8.28 19.97
C TYR D 572 31.32 -7.80 18.79
N ALA D 573 32.64 -7.82 18.93
CA ALA D 573 33.54 -7.43 17.86
C ALA D 573 34.62 -8.47 17.70
N GLY D 574 34.89 -8.87 16.47
CA GLY D 574 35.88 -9.89 16.20
C GLY D 574 35.62 -10.51 14.84
N GLY D 575 36.66 -11.17 14.33
CA GLY D 575 36.55 -11.82 13.04
C GLY D 575 35.61 -13.01 13.06
N ASP D 576 35.68 -13.80 14.14
CA ASP D 576 34.87 -15.01 14.24
C ASP D 576 33.39 -14.69 14.41
N ASP D 577 33.07 -13.64 15.14
CA ASP D 577 31.69 -13.26 15.37
C ASP D 577 31.61 -11.76 15.55
N LEU D 578 30.63 -11.15 14.91
CA LEU D 578 30.35 -9.74 15.08
C LEU D 578 28.86 -9.58 15.28
N PHE D 579 28.49 -8.61 16.09
CA PHE D 579 27.09 -8.42 16.45
C PHE D 579 26.89 -6.96 16.83
N MET D 580 26.22 -6.20 15.97
CA MET D 580 25.84 -4.84 16.29
C MET D 580 24.35 -4.67 16.10
N ILE D 581 23.79 -3.70 16.82
CA ILE D 581 22.36 -3.47 16.86
C ILE D 581 22.11 -1.98 17.04
N GLY D 582 21.13 -1.46 16.30
CA GLY D 582 20.80 -0.06 16.42
C GLY D 582 19.67 0.28 15.47
N ALA D 583 19.63 1.54 15.06
CA ALA D 583 18.68 1.98 14.06
C ALA D 583 18.97 1.28 12.75
N TRP D 584 17.92 0.71 12.13
CA TRP D 584 18.11 -0.16 10.99
C TRP D 584 18.64 0.59 9.77
N GLN D 585 18.33 1.88 9.68
CA GLN D 585 18.89 2.70 8.61
C GLN D 585 20.39 2.86 8.78
N ASP D 586 20.86 3.01 10.01
CA ASP D 586 22.30 3.14 10.23
C ASP D 586 23.01 1.79 10.13
N ILE D 587 22.33 0.68 10.43
CA ILE D 587 22.86 -0.64 10.15
C ILE D 587 23.06 -0.82 8.65
N LEU D 588 22.05 -0.44 7.86
CA LEU D 588 22.14 -0.55 6.41
C LEU D 588 23.18 0.40 5.84
N ASP D 589 23.38 1.55 6.48
CA ASP D 589 24.42 2.47 6.03
C ASP D 589 25.81 1.98 6.38
N PHE D 590 25.99 1.39 7.56
CA PHE D 590 27.30 1.00 8.01
C PHE D 590 27.76 -0.34 7.45
N SER D 591 26.84 -1.20 6.99
CA SER D 591 27.23 -2.51 6.49
C SER D 591 28.14 -2.40 5.27
N ILE D 592 27.79 -1.50 4.36
CA ILE D 592 28.58 -1.34 3.14
C ILE D 592 29.93 -0.72 3.44
N VAL D 593 30.00 0.22 4.39
CA VAL D 593 31.29 0.83 4.68
C VAL D 593 32.15 -0.10 5.54
N LEU D 594 31.52 -1.00 6.29
CA LEU D 594 32.27 -2.03 7.00
C LEU D 594 32.90 -3.01 6.02
N LYS D 595 32.14 -3.43 5.00
CA LYS D 595 32.70 -4.28 3.96
C LYS D 595 33.81 -3.58 3.20
N GLN D 596 33.62 -2.30 2.88
CA GLN D 596 34.62 -1.56 2.12
C GLN D 596 35.89 -1.38 2.92
N LYS D 597 35.78 -1.04 4.20
CA LYS D 597 36.99 -0.84 4.99
C LYS D 597 37.65 -2.15 5.39
N PHE D 598 36.89 -3.24 5.52
CA PHE D 598 37.50 -4.54 5.72
C PHE D 598 38.27 -4.99 4.48
N ALA D 599 37.72 -4.72 3.30
CA ALA D 599 38.41 -5.03 2.06
C ALA D 599 39.64 -4.14 1.87
N ASP D 600 39.58 -2.91 2.37
CA ASP D 600 40.77 -2.05 2.32
C ASP D 600 41.83 -2.53 3.29
N PHE D 601 41.41 -3.04 4.46
CA PHE D 601 42.38 -3.51 5.45
C PHE D 601 43.06 -4.79 4.98
N THR D 602 42.28 -5.77 4.53
CA THR D 602 42.83 -7.07 4.20
C THR D 602 43.24 -7.21 2.75
N GLN D 603 43.18 -6.11 1.98
CA GLN D 603 43.57 -6.06 0.56
C GLN D 603 42.79 -7.08 -0.28
N ASN D 604 41.51 -7.24 0.03
CA ASN D 604 40.59 -8.17 -0.61
C ASN D 604 41.03 -9.63 -0.50
N LYS D 605 41.89 -9.97 0.45
CA LYS D 605 42.32 -11.34 0.62
C LYS D 605 41.35 -12.14 1.47
N LEU D 606 40.44 -11.47 2.16
CA LEU D 606 39.47 -12.12 3.02
C LEU D 606 38.10 -11.55 2.72
N SER D 607 37.09 -12.39 2.82
CA SER D 607 35.72 -11.99 2.54
C SER D 607 34.89 -11.99 3.82
N ILE D 608 33.87 -11.13 3.83
CA ILE D 608 33.01 -11.01 5.00
C ILE D 608 31.56 -11.23 4.55
N SER D 609 30.85 -12.07 5.28
CA SER D 609 29.45 -12.40 4.99
C SER D 609 28.61 -11.84 6.12
N ALA D 610 27.58 -11.09 5.78
CA ALA D 610 26.75 -10.44 6.78
C ALA D 610 25.31 -10.92 6.67
N GLY D 611 24.54 -10.59 7.69
CA GLY D 611 23.10 -10.78 7.64
C GLY D 611 22.41 -9.69 8.42
N ILE D 612 21.51 -8.95 7.78
CA ILE D 612 20.78 -7.87 8.42
C ILE D 612 19.45 -8.43 8.88
N GLY D 613 18.90 -7.88 9.95
CA GLY D 613 17.56 -8.25 10.36
C GLY D 613 16.86 -7.09 11.03
N MET D 614 15.60 -6.83 10.70
CA MET D 614 14.89 -5.71 11.29
C MET D 614 13.74 -6.21 12.17
N PHE D 615 13.64 -5.62 13.35
CA PHE D 615 12.77 -6.10 14.42
C PHE D 615 12.21 -4.91 15.20
N ARG D 616 11.17 -5.16 15.97
CA ARG D 616 10.73 -4.19 16.95
C ARG D 616 11.72 -4.13 18.11
N GLU D 617 11.61 -3.08 18.93
CA GLU D 617 12.46 -2.98 20.09
C GLU D 617 12.11 -4.03 21.14
N LYS D 618 10.82 -4.34 21.29
CA LYS D 618 10.37 -5.31 22.28
C LYS D 618 10.36 -6.73 21.74
N TYR D 619 11.12 -7.00 20.69
CA TYR D 619 11.26 -8.36 20.19
C TYR D 619 12.18 -9.12 21.14
N PRO D 620 11.98 -10.43 21.31
CA PRO D 620 12.86 -11.20 22.21
C PRO D 620 14.29 -11.28 21.67
N VAL D 621 15.24 -10.95 22.55
CA VAL D 621 16.62 -10.74 22.12
C VAL D 621 17.29 -12.05 21.72
N ALA D 622 16.90 -13.17 22.35
CA ALA D 622 17.51 -14.45 22.02
C ALA D 622 17.04 -14.95 20.67
N ARG D 623 15.73 -14.84 20.42
CA ARG D 623 15.16 -15.18 19.13
C ARG D 623 15.67 -14.25 18.05
N MET D 624 15.88 -12.98 18.40
CA MET D 624 16.47 -11.99 17.50
C MET D 624 17.86 -12.39 17.04
N ALA D 625 18.74 -12.71 17.99
CA ALA D 625 20.10 -13.11 17.64
C ALA D 625 20.12 -14.46 16.93
N SER D 626 19.22 -15.36 17.31
CA SER D 626 19.20 -16.70 16.72
C SER D 626 18.75 -16.65 15.27
N LEU D 627 17.69 -15.90 14.96
CA LEU D 627 17.30 -15.92 13.56
C LEU D 627 18.11 -14.94 12.74
N THR D 628 18.76 -13.95 13.36
CA THR D 628 19.76 -13.18 12.62
C THR D 628 20.93 -14.07 12.24
N GLY D 629 21.28 -15.00 13.14
CA GLY D 629 22.29 -16.00 12.80
C GLY D 629 21.82 -17.01 11.78
N ASP D 630 20.51 -17.26 11.70
CA ASP D 630 20.11 -18.20 10.65
C ASP D 630 20.06 -17.52 9.29
N LEU D 631 19.74 -16.22 9.25
CA LEU D 631 20.02 -15.46 8.03
C LEU D 631 21.51 -15.35 7.74
N GLU D 632 22.34 -15.34 8.77
CA GLU D 632 23.78 -15.43 8.58
C GLU D 632 24.20 -16.72 7.89
N ASP D 633 23.70 -17.87 8.35
CA ASP D 633 24.11 -19.10 7.68
C ASP D 633 23.42 -19.24 6.33
N ALA D 634 22.29 -18.55 6.12
CA ALA D 634 21.71 -18.47 4.78
C ALA D 634 22.58 -17.64 3.84
N ALA D 635 23.23 -16.60 4.36
CA ALA D 635 24.23 -15.89 3.56
C ALA D 635 25.45 -16.75 3.32
N LYS D 636 25.86 -17.52 4.33
CA LYS D 636 27.08 -18.31 4.22
C LYS D 636 26.88 -19.50 3.29
N ASP D 637 25.63 -19.92 3.07
CA ASP D 637 25.38 -20.94 2.06
C ASP D 637 25.58 -20.38 0.65
N TYR D 638 24.77 -19.40 0.26
CA TYR D 638 24.81 -18.72 -1.04
C TYR D 638 24.80 -19.64 -2.26
N THR D 648 30.04 -19.56 1.90
CA THR D 648 30.90 -18.58 2.54
C THR D 648 31.55 -17.67 1.51
N LYS D 649 30.77 -16.77 0.94
CA LYS D 649 31.24 -15.80 -0.04
C LYS D 649 30.86 -14.39 0.41
N ASN D 650 31.03 -13.43 -0.48
CA ASN D 650 30.50 -12.09 -0.27
C ASN D 650 28.98 -12.13 -0.39
N ALA D 651 28.27 -12.13 0.73
CA ALA D 651 26.83 -12.29 0.71
C ALA D 651 26.19 -11.56 1.88
N VAL D 652 25.06 -10.90 1.59
CA VAL D 652 24.26 -10.23 2.62
C VAL D 652 22.82 -10.69 2.43
N THR D 653 22.18 -11.07 3.52
CA THR D 653 20.74 -11.31 3.51
C THR D 653 20.07 -10.08 4.09
N LEU D 654 19.21 -9.44 3.30
CA LEU D 654 18.57 -8.19 3.72
C LEU D 654 17.23 -8.53 4.36
N PHE D 655 17.25 -8.71 5.68
CA PHE D 655 16.12 -8.87 6.61
C PHE D 655 15.36 -10.18 6.42
N ASP D 656 15.67 -11.00 5.42
CA ASP D 656 14.96 -12.27 5.26
C ASP D 656 15.90 -13.27 4.60
N ALA D 657 15.61 -14.55 4.82
CA ALA D 657 16.46 -15.63 4.32
C ALA D 657 16.31 -15.86 2.83
N THR D 658 15.30 -15.28 2.18
CA THR D 658 15.14 -15.43 0.75
C THR D 658 15.72 -14.27 -0.04
N ASN D 659 16.00 -13.16 0.63
CA ASN D 659 16.46 -11.95 -0.03
C ASN D 659 17.99 -11.85 0.07
N VAL D 660 18.64 -12.80 -0.56
CA VAL D 660 20.09 -12.94 -0.46
C VAL D 660 20.75 -12.23 -1.63
N PHE D 661 21.65 -11.31 -1.34
CA PHE D 661 22.40 -10.61 -2.36
C PHE D 661 23.88 -10.91 -2.19
N SER D 662 24.70 -10.23 -2.99
CA SER D 662 26.13 -10.15 -2.69
C SER D 662 26.47 -8.74 -2.24
N TRP D 663 27.74 -8.52 -1.92
CA TRP D 663 28.16 -7.21 -1.45
C TRP D 663 28.23 -6.20 -2.59
N ASP D 664 28.76 -6.61 -3.74
CA ASP D 664 28.90 -5.71 -4.87
C ASP D 664 27.54 -5.32 -5.44
N THR D 665 26.62 -6.29 -5.54
CA THR D 665 25.27 -6.00 -5.99
C THR D 665 24.57 -5.03 -5.05
N LEU D 666 24.70 -5.27 -3.74
CA LEU D 666 24.11 -4.40 -2.73
C LEU D 666 24.63 -2.98 -2.85
N GLU D 667 25.97 -2.83 -2.80
CA GLU D 667 26.70 -1.58 -2.96
C GLU D 667 26.28 -0.81 -4.19
N ASN D 668 26.66 -1.32 -5.36
CA ASN D 668 26.48 -0.58 -6.59
C ASN D 668 25.01 -0.47 -6.95
N ASP D 669 24.34 -1.61 -7.14
CA ASP D 669 23.00 -1.61 -7.68
C ASP D 669 21.98 -1.04 -6.70
N ILE D 670 21.98 -1.53 -5.46
CA ILE D 670 21.01 -1.06 -4.48
C ILE D 670 21.23 0.40 -4.12
N PHE D 671 22.49 0.86 -4.02
CA PHE D 671 22.61 2.24 -3.60
C PHE D 671 22.42 3.23 -4.75
N VAL D 672 22.77 2.90 -6.00
CA VAL D 672 22.44 3.85 -7.06
C VAL D 672 20.95 3.82 -7.34
N LYS D 673 20.30 2.66 -7.14
CA LYS D 673 18.87 2.56 -7.34
C LYS D 673 18.11 3.31 -6.26
N LEU D 674 18.57 3.20 -5.01
CA LEU D 674 17.93 3.92 -3.91
C LEU D 674 18.16 5.43 -4.03
N ASP D 675 19.35 5.85 -4.45
CA ASP D 675 19.60 7.27 -4.62
C ASP D 675 18.77 7.84 -5.77
N ALA D 676 18.63 7.09 -6.86
CA ALA D 676 17.78 7.52 -7.97
C ALA D 676 16.31 7.58 -7.56
N ILE D 677 15.86 6.61 -6.79
CA ILE D 677 14.46 6.56 -6.37
C ILE D 677 14.16 7.68 -5.38
N THR D 678 15.08 7.93 -4.43
CA THR D 678 14.88 9.04 -3.51
C THR D 678 15.03 10.40 -4.19
N LYS D 679 15.73 10.45 -5.32
CA LYS D 679 15.78 11.68 -6.10
C LYS D 679 14.44 11.93 -6.80
N ASN D 680 14.06 11.02 -7.71
CA ASN D 680 12.92 11.30 -8.58
C ASN D 680 11.57 11.02 -7.93
N PHE D 681 11.53 10.30 -6.83
CA PHE D 681 10.28 10.02 -6.13
C PHE D 681 9.95 11.08 -5.10
N GLU D 682 10.84 12.04 -4.89
CA GLU D 682 10.59 13.16 -4.00
C GLU D 682 10.01 14.34 -4.78
N LYS D 683 8.86 14.12 -5.42
CA LYS D 683 8.21 15.20 -6.16
C LYS D 683 7.65 16.30 -5.24
N LEU D 684 6.88 15.99 -4.16
CA LEU D 684 6.22 14.74 -3.72
C LEU D 684 4.80 14.70 -4.26
N ASP D 685 4.08 13.64 -3.92
CA ASP D 685 2.66 13.50 -4.24
C ASP D 685 2.03 12.58 -3.20
N GLU D 686 0.72 12.71 -3.01
CA GLU D 686 0.05 11.93 -1.98
C GLU D 686 -0.47 10.60 -2.51
N THR D 687 -1.17 10.59 -3.65
CA THR D 687 -1.57 9.34 -4.26
C THR D 687 -0.48 8.73 -5.12
N GLY D 688 0.61 9.48 -5.36
CA GLY D 688 1.78 8.89 -5.98
C GLY D 688 2.40 7.81 -5.11
N LYS D 689 2.35 8.00 -3.78
CA LYS D 689 2.77 6.95 -2.86
C LYS D 689 1.87 5.73 -2.97
N ALA D 690 0.56 5.93 -3.16
CA ALA D 690 -0.34 4.81 -3.37
C ALA D 690 0.01 4.06 -4.64
N PHE D 691 0.42 4.79 -5.69
CA PHE D 691 0.90 4.15 -6.91
C PHE D 691 2.19 3.38 -6.66
N ILE D 692 3.07 3.90 -5.80
CA ILE D 692 4.34 3.22 -5.48
C ILE D 692 4.07 1.88 -4.81
N TYR D 693 3.23 1.88 -3.77
CA TYR D 693 2.87 0.62 -3.11
C TYR D 693 2.11 -0.32 -4.03
N ARG D 694 1.29 0.23 -4.93
CA ARG D 694 0.55 -0.59 -5.88
C ARG D 694 1.49 -1.33 -6.83
N LEU D 695 2.47 -0.62 -7.39
CA LEU D 695 3.41 -1.25 -8.31
C LEU D 695 4.33 -2.21 -7.58
N ILE D 696 4.69 -1.91 -6.32
CA ILE D 696 5.49 -2.84 -5.52
C ILE D 696 4.73 -4.13 -5.29
N ASP D 697 3.44 -4.03 -4.92
CA ASP D 697 2.66 -5.21 -4.62
C ASP D 697 2.42 -6.06 -5.87
N LEU D 698 2.27 -5.43 -7.03
CA LEU D 698 2.06 -6.25 -8.21
C LEU D 698 3.36 -6.77 -8.81
N LEU D 699 4.48 -6.10 -8.56
CA LEU D 699 5.77 -6.69 -8.90
C LEU D 699 6.06 -7.89 -8.02
N ARG D 700 5.65 -7.84 -6.75
CA ARG D 700 5.72 -9.05 -5.92
C ARG D 700 4.73 -10.11 -6.40
N GLY D 701 3.59 -9.67 -6.93
CA GLY D 701 2.60 -10.62 -7.44
C GLY D 701 3.09 -11.38 -8.66
N VAL D 702 3.84 -10.71 -9.54
CA VAL D 702 4.44 -11.45 -10.66
C VAL D 702 5.70 -12.17 -10.18
N ASN D 703 6.28 -11.74 -9.06
CA ASN D 703 7.33 -12.53 -8.41
C ASN D 703 6.78 -13.81 -7.78
N GLU D 704 5.45 -13.91 -7.63
CA GLU D 704 4.85 -15.23 -7.39
C GLU D 704 4.75 -16.13 -8.68
N ASN D 705 5.39 -15.72 -9.78
CA ASN D 705 5.63 -16.53 -10.97
C ASN D 705 4.34 -16.96 -11.66
N GLN D 706 3.59 -15.95 -12.09
CA GLN D 706 2.52 -16.14 -13.06
C GLN D 706 2.66 -15.06 -14.13
N GLN D 707 2.63 -15.47 -15.40
CA GLN D 707 2.87 -14.55 -16.50
C GLN D 707 1.60 -13.85 -16.98
N ILE D 708 0.43 -14.27 -16.48
CA ILE D 708 -0.75 -13.45 -16.65
C ILE D 708 -0.60 -12.17 -15.85
N ASN D 709 0.13 -12.23 -14.73
CA ASN D 709 0.45 -11.01 -13.98
C ASN D 709 1.41 -10.11 -14.75
N ILE D 710 2.32 -10.67 -15.55
CA ILE D 710 3.20 -9.80 -16.32
C ILE D 710 2.47 -9.26 -17.55
N ALA D 711 1.44 -9.98 -18.03
CA ALA D 711 0.54 -9.38 -19.03
C ALA D 711 -0.25 -8.23 -18.42
N ARG D 712 -0.69 -8.39 -17.17
CA ARG D 712 -1.34 -7.31 -16.44
C ARG D 712 -0.38 -6.14 -16.27
N LEU D 713 0.90 -6.42 -16.03
CA LEU D 713 1.86 -5.35 -15.82
C LEU D 713 2.21 -4.65 -17.12
N ALA D 714 2.17 -5.38 -18.24
CA ALA D 714 2.29 -4.75 -19.55
C ALA D 714 1.11 -3.81 -19.79
N TYR D 715 -0.08 -4.19 -19.33
CA TYR D 715 -1.20 -3.26 -19.37
C TYR D 715 -1.02 -2.11 -18.38
N THR D 716 -0.37 -2.38 -17.25
CA THR D 716 -0.23 -1.45 -16.14
C THR D 716 0.74 -0.31 -16.40
N LEU D 717 1.86 -0.58 -17.08
CA LEU D 717 2.81 0.48 -17.43
C LEU D 717 2.15 1.55 -18.30
N SER D 718 1.22 1.15 -19.17
CA SER D 718 0.45 2.09 -19.97
C SER D 718 -0.47 2.93 -19.10
N ARG D 719 -0.89 2.40 -17.95
CA ARG D 719 -1.65 3.22 -17.00
C ARG D 719 -0.73 4.17 -16.23
N MET D 720 0.49 3.74 -15.95
CA MET D 720 1.31 4.48 -15.00
C MET D 720 2.51 5.19 -15.62
N GLU D 721 2.53 5.48 -16.93
CA GLU D 721 3.53 6.44 -17.41
C GLU D 721 3.31 7.81 -16.78
N GLU D 722 2.10 8.33 -16.88
CA GLU D 722 1.87 9.75 -16.64
C GLU D 722 1.78 10.10 -15.16
N LYS D 723 1.77 9.11 -14.27
CA LYS D 723 1.57 9.39 -12.86
C LYS D 723 2.79 10.06 -12.24
N ILE D 724 3.99 9.56 -12.54
CA ILE D 724 5.18 10.22 -12.05
C ILE D 724 5.65 11.30 -13.02
N GLY D 725 5.12 11.31 -14.25
CA GLY D 725 5.53 12.27 -15.25
C GLY D 725 6.26 11.64 -16.41
N LYS D 726 7.47 12.13 -16.69
CA LYS D 726 8.29 11.58 -17.76
C LYS D 726 9.61 11.04 -17.21
N THR D 727 9.83 11.12 -15.89
CA THR D 727 11.05 10.60 -15.30
C THR D 727 11.08 9.07 -15.24
N PHE D 728 9.97 8.41 -15.55
CA PHE D 728 9.93 6.95 -15.54
C PHE D 728 10.78 6.36 -16.66
N ALA D 729 10.61 6.87 -17.88
CA ALA D 729 11.21 6.24 -19.05
C ALA D 729 12.61 6.77 -19.35
N GLN D 730 13.47 6.80 -18.34
CA GLN D 730 14.90 6.92 -18.59
C GLN D 730 15.71 5.83 -17.90
N GLU D 731 15.33 5.44 -16.68
CA GLU D 731 16.02 4.36 -16.00
C GLU D 731 15.07 3.37 -15.34
N LEU D 732 13.87 3.82 -14.97
CA LEU D 732 12.97 2.98 -14.19
C LEU D 732 12.37 1.86 -15.05
N TYR D 733 12.10 2.15 -16.32
CA TYR D 733 11.52 1.15 -17.20
C TYR D 733 12.52 0.05 -17.54
N ASN D 734 13.81 0.41 -17.61
CA ASN D 734 14.83 -0.59 -17.88
C ASN D 734 15.09 -1.46 -16.67
N TRP D 735 14.86 -0.94 -15.46
CA TRP D 735 14.94 -1.77 -14.27
C TRP D 735 13.71 -2.64 -14.13
N ALA D 736 12.55 -2.14 -14.52
CA ALA D 736 11.29 -2.87 -14.44
C ALA D 736 10.97 -3.66 -15.70
N ASN D 737 12.01 -4.14 -16.40
CA ASN D 737 11.80 -4.83 -17.66
C ASN D 737 11.15 -6.20 -17.45
N ALA D 738 11.71 -6.99 -16.52
CA ALA D 738 11.23 -8.35 -16.28
C ALA D 738 11.25 -8.67 -14.80
N ASP D 739 10.79 -7.73 -13.97
CA ASP D 739 10.61 -7.88 -12.52
C ASP D 739 11.92 -8.22 -11.81
N ARG D 740 12.81 -7.22 -11.81
CA ARG D 740 14.11 -7.38 -11.18
C ARG D 740 13.97 -7.39 -9.66
N LYS D 741 14.72 -8.29 -9.01
CA LYS D 741 14.72 -8.35 -7.55
C LYS D 741 15.44 -7.16 -6.96
N THR D 742 16.43 -6.64 -7.68
CA THR D 742 17.15 -5.44 -7.27
C THR D 742 16.20 -4.25 -7.15
N LEU D 743 15.30 -4.09 -8.13
CA LEU D 743 14.38 -2.97 -8.12
C LEU D 743 13.36 -3.09 -7.00
N ILE D 744 12.81 -4.29 -6.78
CA ILE D 744 11.81 -4.41 -5.73
C ILE D 744 12.46 -4.27 -4.36
N MET D 745 13.73 -4.64 -4.21
CA MET D 745 14.38 -4.46 -2.91
C MET D 745 14.71 -2.99 -2.67
N ALA D 746 15.10 -2.26 -3.72
CA ALA D 746 15.35 -0.83 -3.57
C ALA D 746 14.05 -0.08 -3.26
N LEU D 747 12.96 -0.46 -3.92
CA LEU D 747 11.66 0.15 -3.62
C LEU D 747 11.19 -0.20 -2.22
N GLU D 748 11.46 -1.43 -1.78
CA GLU D 748 11.09 -1.85 -0.43
C GLU D 748 11.85 -1.04 0.61
N ILE D 749 13.16 -0.86 0.44
CA ILE D 749 13.88 -0.08 1.43
C ILE D 749 13.55 1.40 1.32
N TYR D 750 13.09 1.87 0.16
CA TYR D 750 12.64 3.26 0.04
C TYR D 750 11.36 3.49 0.84
N ILE D 751 10.37 2.61 0.66
CA ILE D 751 9.11 2.78 1.37
C ILE D 751 9.24 2.39 2.84
N LEU D 752 10.30 1.66 3.21
CA LEU D 752 10.58 1.47 4.62
C LEU D 752 11.29 2.68 5.22
N LYS D 753 12.16 3.35 4.44
CA LYS D 753 12.81 4.56 4.89
C LYS D 753 11.87 5.75 4.93
N THR D 754 10.73 5.67 4.24
CA THR D 754 9.78 6.77 4.20
C THR D 754 8.45 6.29 4.82
N ARG D 755 8.29 6.55 6.12
CA ARG D 755 7.05 6.28 6.83
C ARG D 755 6.87 7.33 7.92
N GLU D 756 5.89 7.09 8.78
CA GLU D 756 5.58 8.01 9.87
C GLU D 756 6.68 8.00 10.94
N MET E 1 11.18 -54.06 18.10
CA MET E 1 11.24 -52.61 18.17
C MET E 1 10.27 -51.94 17.20
N LYS E 2 9.46 -51.03 17.73
CA LYS E 2 8.43 -50.35 16.97
C LYS E 2 8.71 -48.85 16.98
N ILE E 3 7.87 -48.12 16.25
CA ILE E 3 8.02 -46.68 16.06
C ILE E 3 6.72 -46.05 16.53
N ILE E 4 6.76 -44.76 16.88
CA ILE E 4 5.54 -43.97 17.11
C ILE E 4 5.70 -42.68 16.30
N LYS E 5 5.23 -42.69 15.05
CA LYS E 5 5.35 -41.52 14.21
C LYS E 5 4.28 -40.50 14.59
N LEU E 6 4.70 -39.28 14.88
CA LEU E 6 3.79 -38.22 15.32
C LEU E 6 3.62 -37.20 14.21
N TYR E 7 2.51 -37.29 13.49
CA TYR E 7 2.16 -36.34 12.45
C TYR E 7 1.38 -35.20 13.11
N PHE E 8 1.92 -34.00 13.05
CA PHE E 8 1.34 -32.88 13.78
C PHE E 8 0.34 -32.12 12.92
N GLU E 9 -0.76 -31.71 13.55
CA GLU E 9 -1.84 -30.99 12.90
C GLU E 9 -1.89 -29.53 13.32
N SER E 10 -0.85 -29.04 13.99
CA SER E 10 -0.91 -27.76 14.68
C SER E 10 0.53 -27.32 14.93
N PRO E 11 0.75 -26.03 15.18
CA PRO E 11 2.05 -25.61 15.72
C PRO E 11 2.31 -26.22 17.09
N VAL E 12 3.58 -26.46 17.37
CA VAL E 12 4.02 -26.99 18.64
C VAL E 12 4.82 -25.93 19.35
N HIS E 13 5.03 -26.15 20.64
CA HIS E 13 5.93 -25.32 21.41
C HIS E 13 6.59 -26.22 22.42
N PHE E 14 7.91 -26.35 22.33
CA PHE E 14 8.69 -27.27 23.13
C PHE E 14 9.81 -26.54 23.83
N GLY E 15 9.48 -25.45 24.51
CA GLY E 15 10.45 -24.53 25.09
C GLY E 15 11.49 -25.11 26.01
N GLU E 16 12.64 -24.43 26.11
CA GLU E 16 13.77 -24.97 26.84
C GLU E 16 13.92 -24.27 28.18
N LYS E 17 13.83 -22.95 28.16
CA LYS E 17 13.71 -22.15 29.37
C LYS E 17 12.71 -21.03 29.15
N ARG E 18 12.01 -21.02 28.02
CA ARG E 18 11.29 -19.84 27.56
C ARG E 18 9.86 -20.18 27.23
N LEU E 19 9.08 -19.12 27.02
CA LEU E 19 7.88 -19.20 26.22
C LEU E 19 8.12 -18.67 24.82
N SER E 20 9.10 -17.79 24.64
CA SER E 20 9.33 -17.12 23.37
C SER E 20 10.25 -17.89 22.44
N GLU E 21 10.85 -18.98 22.89
CA GLU E 21 11.84 -19.72 22.12
C GLU E 21 11.46 -21.19 22.16
N SER E 22 11.73 -21.91 21.07
CA SER E 22 11.27 -23.28 20.97
C SER E 22 12.27 -24.10 20.16
N LYS E 23 12.20 -25.42 20.33
CA LYS E 23 13.03 -26.35 19.57
C LYS E 23 12.15 -27.23 18.70
N ILE E 24 12.81 -27.95 17.78
CA ILE E 24 12.09 -28.67 16.73
C ILE E 24 11.54 -30.00 17.21
N THR E 25 11.89 -30.46 18.41
CA THR E 25 11.58 -31.80 18.85
C THR E 25 11.65 -31.85 20.37
N PHE E 26 11.03 -32.87 20.96
CA PHE E 26 11.03 -33.02 22.40
C PHE E 26 11.80 -34.27 22.82
N SER E 27 11.79 -34.53 24.11
CA SER E 27 12.64 -35.51 24.76
C SER E 27 11.82 -36.55 25.50
N ALA E 28 12.52 -37.54 26.07
CA ALA E 28 11.84 -38.65 26.74
C ALA E 28 11.32 -38.25 28.10
N ASP E 29 11.92 -37.24 28.72
CA ASP E 29 11.38 -36.65 29.95
C ASP E 29 9.98 -36.15 29.73
N THR E 30 9.78 -35.40 28.65
CA THR E 30 8.50 -34.74 28.40
C THR E 30 7.45 -35.77 28.03
N LEU E 31 7.81 -36.77 27.24
CA LEU E 31 6.83 -37.77 26.85
C LEU E 31 6.47 -38.66 28.02
N PHE E 32 7.43 -38.97 28.89
CA PHE E 32 7.13 -39.74 30.08
C PHE E 32 6.25 -38.95 31.04
N SER E 33 6.51 -37.66 31.19
CA SER E 33 5.68 -36.81 32.03
C SER E 33 4.27 -36.68 31.49
N ALA E 34 4.15 -36.55 30.16
CA ALA E 34 2.85 -36.44 29.53
C ALA E 34 2.05 -37.72 29.68
N LEU E 35 2.71 -38.87 29.51
CA LEU E 35 2.04 -40.15 29.69
C LEU E 35 1.69 -40.39 31.16
N MET E 36 2.51 -39.90 32.09
CA MET E 36 2.19 -40.05 33.50
C MET E 36 1.00 -39.20 33.89
N ILE E 37 0.88 -38.01 33.30
CA ILE E 37 -0.28 -37.16 33.54
C ILE E 37 -1.53 -37.79 32.93
N GLU E 38 -1.39 -38.41 31.76
CA GLU E 38 -2.54 -39.14 31.23
C GLU E 38 -2.84 -40.41 31.98
N ALA E 39 -1.86 -40.95 32.72
CA ALA E 39 -2.13 -42.11 33.56
C ALA E 39 -2.86 -41.70 34.83
N VAL E 40 -2.51 -40.55 35.40
CA VAL E 40 -3.22 -40.12 36.60
C VAL E 40 -4.60 -39.60 36.23
N GLY E 41 -4.80 -39.22 34.96
CA GLY E 41 -6.14 -38.92 34.49
C GLY E 41 -7.05 -40.13 34.52
N LEU E 42 -6.51 -41.32 34.26
CA LEU E 42 -7.30 -42.54 34.28
C LEU E 42 -6.81 -43.54 35.31
N GLY E 43 -6.02 -43.11 36.29
CA GLY E 43 -5.72 -43.90 37.47
C GLY E 43 -4.88 -45.13 37.27
N LYS E 44 -3.85 -45.06 36.42
CA LYS E 44 -2.98 -46.19 36.16
C LYS E 44 -1.52 -45.80 36.26
N GLU E 45 -1.21 -44.79 37.07
CA GLU E 45 0.17 -44.35 37.21
C GLU E 45 1.00 -45.29 38.06
N ASP E 46 0.36 -46.12 38.88
CA ASP E 46 1.11 -47.15 39.58
C ASP E 46 1.51 -48.25 38.62
N GLU E 47 0.63 -48.58 37.68
CA GLU E 47 0.95 -49.59 36.68
C GLU E 47 1.98 -49.07 35.68
N PHE E 48 1.88 -47.79 35.31
CA PHE E 48 2.76 -47.25 34.29
C PHE E 48 4.18 -47.06 34.81
N TYR E 49 4.33 -46.63 36.07
CA TYR E 49 5.66 -46.51 36.64
C TYR E 49 6.28 -47.88 36.90
N GLN E 50 5.47 -48.89 37.20
CA GLN E 50 6.01 -50.24 37.35
C GLN E 50 6.36 -50.85 36.00
N LEU E 51 5.68 -50.44 34.94
CA LEU E 51 6.11 -50.88 33.61
C LEU E 51 7.40 -50.18 33.21
N ALA E 52 7.51 -48.89 33.48
CA ALA E 52 8.65 -48.13 32.98
C ALA E 52 9.90 -48.39 33.81
N SER E 53 9.74 -48.64 35.10
CA SER E 53 10.91 -48.86 35.94
C SER E 53 11.51 -50.24 35.74
N ASN E 54 10.70 -51.21 35.35
CA ASN E 54 11.15 -52.58 35.11
C ASN E 54 11.52 -52.82 33.66
N ASN E 55 11.70 -51.75 32.88
CA ASN E 55 12.11 -51.78 31.48
C ASN E 55 11.14 -52.56 30.60
N LEU E 56 9.85 -52.53 30.94
CA LEU E 56 8.85 -53.07 30.03
C LEU E 56 8.48 -52.09 28.93
N VAL E 57 8.59 -50.80 29.18
CA VAL E 57 8.54 -49.80 28.11
C VAL E 57 9.84 -49.03 28.13
N LYS E 58 10.36 -48.71 26.96
CA LYS E 58 11.64 -48.01 26.86
C LYS E 58 11.62 -47.22 25.56
N PHE E 59 11.53 -45.92 25.68
CA PHE E 59 11.37 -45.01 24.56
C PHE E 59 12.43 -43.92 24.57
N SER E 60 12.87 -43.57 23.38
CA SER E 60 13.93 -42.58 23.22
C SER E 60 13.34 -41.19 23.18
N ASP E 61 14.19 -40.21 22.88
CA ASP E 61 13.69 -38.87 22.57
C ASP E 61 13.02 -38.89 21.22
N ALA E 62 12.08 -37.98 21.01
CA ALA E 62 11.44 -37.86 19.72
C ALA E 62 12.39 -37.21 18.74
N PHE E 63 12.47 -37.77 17.54
CA PHE E 63 13.45 -37.36 16.55
C PHE E 63 12.75 -37.03 15.24
N PRO E 64 13.32 -36.14 14.42
CA PRO E 64 12.67 -35.73 13.18
C PRO E 64 12.58 -36.85 12.15
N PHE E 65 11.60 -36.72 11.26
CA PHE E 65 11.60 -37.50 10.05
C PHE E 65 11.01 -36.68 8.91
N ILE E 66 11.69 -36.73 7.77
CA ILE E 66 11.16 -36.28 6.49
C ILE E 66 10.99 -37.59 5.71
N ASP E 67 10.39 -37.50 4.51
CA ASP E 67 9.84 -38.59 3.69
C ASP E 67 10.67 -39.86 3.65
N GLN E 68 10.11 -40.94 4.22
CA GLN E 68 10.69 -42.28 4.45
C GLN E 68 12.10 -42.27 5.03
N TYR E 69 12.50 -41.19 5.71
CA TYR E 69 13.86 -41.01 6.20
C TYR E 69 13.80 -40.65 7.67
N TYR E 70 14.24 -41.57 8.52
CA TYR E 70 14.26 -41.34 9.95
C TYR E 70 15.60 -40.73 10.33
N TYR E 71 15.56 -39.67 11.13
CA TYR E 71 16.73 -38.90 11.48
C TYR E 71 17.07 -39.10 12.95
N ILE E 72 18.35 -38.98 13.25
CA ILE E 72 18.87 -38.95 14.61
C ILE E 72 19.83 -37.78 14.72
N PRO E 73 20.08 -37.27 15.93
CA PRO E 73 21.08 -36.21 16.05
C PRO E 73 22.47 -36.71 15.70
N LYS E 74 23.27 -35.79 15.19
CA LYS E 74 24.66 -35.97 14.79
C LYS E 74 25.44 -36.52 15.98
N PRO E 75 25.84 -37.79 15.93
CA PRO E 75 26.47 -38.40 17.11
C PRO E 75 27.84 -37.83 17.35
N MET E 76 28.10 -37.48 18.61
CA MET E 76 29.40 -36.94 18.97
C MET E 76 30.39 -38.10 18.98
N PHE E 77 31.08 -38.26 17.85
CA PHE E 77 32.16 -39.21 17.77
C PHE E 77 33.47 -38.53 18.13
N ASN E 78 34.33 -39.27 18.83
CA ASN E 78 35.64 -38.75 19.20
C ASN E 78 36.72 -39.18 18.22
N LEU E 79 36.37 -39.25 16.95
CA LEU E 79 37.30 -39.65 15.90
C LEU E 79 38.36 -38.56 15.69
N LYS E 80 39.50 -38.99 15.13
CA LYS E 80 40.64 -38.10 15.00
C LYS E 80 40.46 -37.11 13.85
N LEU E 81 40.36 -37.61 12.63
CA LEU E 81 40.27 -36.75 11.45
CA LEU E 81 40.27 -36.75 11.45
C LEU E 81 38.89 -36.09 11.36
N PHE E 92 30.72 -29.82 8.05
CA PHE E 92 29.62 -30.51 8.71
C PHE E 92 29.41 -30.05 10.15
N LYS E 93 29.85 -28.83 10.45
CA LYS E 93 29.52 -28.24 11.75
C LYS E 93 28.09 -27.73 11.76
N LYS E 94 27.60 -27.27 10.61
CA LYS E 94 26.21 -26.83 10.51
C LYS E 94 25.24 -28.01 10.44
N LEU E 95 25.76 -29.22 10.15
CA LEU E 95 24.93 -30.41 10.17
C LEU E 95 24.55 -30.75 11.61
N LEU E 96 23.29 -31.13 11.80
CA LEU E 96 22.81 -31.45 13.13
C LEU E 96 22.12 -32.80 13.17
N TYR E 97 21.53 -33.21 12.05
CA TYR E 97 20.79 -34.46 12.00
C TYR E 97 21.25 -35.27 10.79
N VAL E 98 21.74 -36.47 11.06
CA VAL E 98 22.15 -37.40 10.02
C VAL E 98 21.12 -38.52 10.04
N PRO E 99 20.70 -39.06 8.90
CA PRO E 99 19.74 -40.17 8.91
C PRO E 99 20.32 -41.42 9.56
N ILE E 100 19.43 -42.18 10.21
CA ILE E 100 19.86 -43.28 11.08
C ILE E 100 20.41 -44.43 10.24
N ASP E 101 19.91 -44.61 9.03
CA ASP E 101 20.39 -45.69 8.18
C ASP E 101 21.76 -45.38 7.59
N SER E 102 22.06 -44.09 7.38
CA SER E 102 23.30 -43.66 6.74
C SER E 102 24.44 -43.49 7.73
N LEU E 103 24.32 -44.06 8.92
CA LEU E 103 25.31 -43.83 9.95
C LEU E 103 26.60 -44.59 9.69
N GLU E 104 26.50 -45.77 9.07
CA GLU E 104 27.68 -46.59 8.79
C GLU E 104 28.59 -45.92 7.77
N ASP E 105 28.03 -45.45 6.65
CA ASP E 105 28.86 -44.76 5.68
C ASP E 105 29.04 -43.28 5.98
N TYR E 106 28.35 -42.75 7.00
CA TYR E 106 28.79 -41.48 7.56
C TYR E 106 30.01 -41.65 8.43
N LEU E 107 30.15 -42.82 9.07
CA LEU E 107 31.30 -43.08 9.93
C LEU E 107 32.50 -43.59 9.15
N SER E 108 32.27 -44.30 8.04
CA SER E 108 33.37 -44.92 7.30
C SER E 108 34.18 -43.93 6.49
N GLY E 109 33.68 -42.72 6.28
CA GLY E 109 34.40 -41.72 5.52
C GLY E 109 33.79 -40.35 5.71
N GLY E 110 34.41 -39.35 5.11
CA GLY E 110 33.89 -38.00 5.20
C GLY E 110 32.71 -37.76 4.27
N LEU E 111 31.56 -38.35 4.59
CA LEU E 111 30.39 -38.20 3.75
C LEU E 111 29.27 -37.49 4.52
N GLU E 116 24.89 -35.05 3.36
CA GLU E 116 25.27 -34.12 2.29
C GLU E 116 24.56 -34.47 1.00
N ARG E 117 23.91 -35.64 0.99
CA ARG E 117 23.24 -36.11 -0.23
C ARG E 117 22.00 -35.30 -0.55
N GLU E 118 21.28 -34.85 0.47
CA GLU E 118 20.11 -34.01 0.30
C GLU E 118 20.01 -33.08 1.50
N SER E 119 19.33 -31.96 1.31
CA SER E 119 19.21 -30.98 2.37
C SER E 119 18.21 -31.44 3.43
N PHE E 120 18.42 -31.00 4.66
CA PHE E 120 17.56 -31.33 5.79
C PHE E 120 16.65 -30.14 6.05
N ASN E 121 15.35 -30.30 5.76
CA ASN E 121 14.35 -29.28 6.03
C ASN E 121 13.17 -29.95 6.71
N LEU E 122 12.77 -29.42 7.86
CA LEU E 122 11.71 -29.98 8.67
C LEU E 122 10.50 -29.06 8.78
N GLY E 123 10.73 -27.76 8.63
CA GLY E 123 9.75 -26.74 8.89
C GLY E 123 10.47 -25.48 9.25
N LYS E 124 9.75 -24.53 9.85
CA LYS E 124 10.49 -23.39 10.36
C LYS E 124 9.83 -22.87 11.62
N LEU E 125 10.64 -22.18 12.42
CA LEU E 125 10.17 -21.58 13.65
C LEU E 125 9.26 -20.41 13.35
N ALA E 126 8.52 -19.99 14.36
CA ALA E 126 7.61 -18.87 14.24
C ALA E 126 7.59 -18.12 15.56
N LEU E 127 6.76 -17.09 15.62
CA LEU E 127 6.49 -16.41 16.88
C LEU E 127 5.07 -15.90 16.84
N SER E 128 4.25 -16.36 17.77
CA SER E 128 2.89 -15.90 17.88
C SER E 128 2.85 -14.66 18.75
N GLU E 129 2.10 -13.66 18.33
CA GLU E 129 1.96 -12.43 19.09
C GLU E 129 0.59 -12.40 19.76
N LYS E 130 0.58 -12.43 21.08
CA LYS E 130 -0.62 -12.55 21.87
C LYS E 130 -0.66 -11.41 22.88
N VAL E 131 -1.83 -11.15 23.45
CA VAL E 131 -1.96 -10.08 24.42
C VAL E 131 -2.78 -10.62 25.58
N GLN E 132 -2.69 -9.96 26.73
CA GLN E 132 -3.49 -10.29 27.90
C GLN E 132 -4.38 -9.08 28.12
N GLN E 133 -5.61 -9.15 27.62
CA GLN E 133 -6.47 -7.99 27.53
C GLN E 133 -7.03 -7.62 28.89
N HIS E 134 -7.06 -6.32 29.17
CA HIS E 134 -7.67 -5.77 30.37
C HIS E 134 -8.75 -4.79 29.96
N ASP E 135 -9.81 -4.72 30.76
CA ASP E 135 -10.92 -3.81 30.48
C ASP E 135 -10.50 -2.37 30.70
N PHE E 136 -10.14 -2.01 31.93
CA PHE E 136 -9.84 -0.63 32.29
C PHE E 136 -8.34 -0.40 32.49
N LYS E 137 -7.51 -1.05 31.69
CA LYS E 137 -6.07 -0.97 31.85
C LYS E 137 -5.45 -1.28 30.50
N ASP E 138 -4.22 -0.80 30.30
CA ASP E 138 -3.50 -1.12 29.08
C ASP E 138 -3.11 -2.59 29.06
N SER E 139 -3.32 -3.23 27.91
CA SER E 139 -3.18 -4.67 27.79
C SER E 139 -1.72 -5.08 27.73
N GLU E 140 -1.47 -6.33 28.13
CA GLU E 140 -0.11 -6.84 28.30
C GLU E 140 0.28 -7.72 27.12
N PRO E 141 1.25 -7.31 26.29
CA PRO E 141 1.70 -8.20 25.22
C PRO E 141 2.65 -9.26 25.72
N TYR E 142 2.54 -10.44 25.14
CA TYR E 142 3.50 -11.51 25.34
C TYR E 142 3.60 -12.28 24.05
N ASN E 143 4.53 -13.22 23.98
CA ASN E 143 4.85 -13.84 22.71
C ASN E 143 5.35 -15.26 22.88
N VAL E 144 4.81 -16.15 22.08
CA VAL E 144 4.99 -17.59 22.19
C VAL E 144 5.73 -18.07 20.96
N GLY E 145 6.97 -18.51 21.14
CA GLY E 145 7.73 -19.04 20.03
C GLY E 145 7.26 -20.46 19.71
N THR E 146 6.94 -20.67 18.43
CA THR E 146 6.42 -21.96 18.00
C THR E 146 7.30 -22.53 16.90
N PHE E 147 6.86 -23.66 16.36
CA PHE E 147 7.54 -24.36 15.28
C PHE E 147 6.48 -25.08 14.49
N THR E 148 6.39 -24.81 13.20
CA THR E 148 5.41 -25.47 12.35
C THR E 148 6.14 -26.48 11.47
N PHE E 149 5.69 -27.72 11.49
CA PHE E 149 6.30 -28.75 10.67
C PHE E 149 5.93 -28.55 9.21
N LYS E 150 6.70 -29.18 8.33
CA LYS E 150 6.32 -29.17 6.93
C LYS E 150 5.22 -30.20 6.70
N GLU E 151 4.73 -30.25 5.46
CA GLU E 151 3.46 -30.92 5.17
C GLU E 151 3.56 -32.43 5.33
N ASN E 152 4.71 -33.00 5.01
CA ASN E 152 4.84 -34.46 5.11
C ASN E 152 6.06 -34.80 5.96
N THR E 153 6.16 -34.14 7.11
CA THR E 153 7.23 -34.37 8.09
C THR E 153 6.59 -34.66 9.44
N GLY E 154 7.42 -34.74 10.48
CA GLY E 154 6.91 -34.98 11.81
C GLY E 154 8.01 -35.40 12.76
N LEU E 155 7.62 -36.13 13.80
CA LEU E 155 8.55 -36.73 14.75
C LEU E 155 8.20 -38.20 14.94
N TYR E 156 9.21 -38.99 15.31
CA TYR E 156 8.98 -40.38 15.64
C TYR E 156 9.68 -40.70 16.96
N VAL E 157 9.17 -41.73 17.64
CA VAL E 157 9.77 -42.22 18.88
C VAL E 157 9.98 -43.71 18.73
N LEU E 158 11.18 -44.18 19.06
CA LEU E 158 11.49 -45.60 19.02
C LEU E 158 11.13 -46.25 20.35
N ILE E 159 10.34 -47.31 20.29
CA ILE E 159 10.01 -48.15 21.44
C ILE E 159 10.32 -49.58 21.08
N GLU E 160 10.34 -50.44 22.09
CA GLU E 160 10.35 -51.87 21.84
C GLU E 160 9.45 -52.55 22.86
N GLN E 161 9.04 -53.78 22.51
CA GLN E 161 8.09 -54.64 23.24
C GLN E 161 6.93 -53.86 23.83
N THR E 162 6.13 -53.29 22.92
CA THR E 162 5.06 -52.36 23.30
C THR E 162 4.01 -53.05 24.14
N HIS E 163 3.29 -52.24 24.91
CA HIS E 163 2.35 -52.73 25.89
C HIS E 163 1.02 -52.03 25.66
N PRO E 164 -0.11 -52.68 25.95
CA PRO E 164 -1.40 -52.01 25.73
C PRO E 164 -1.62 -50.76 26.57
N LEU E 165 -0.99 -50.67 27.74
CA LEU E 165 -1.08 -49.46 28.55
C LEU E 165 -0.41 -48.29 27.88
N LEU E 166 0.73 -48.53 27.22
CA LEU E 166 1.43 -47.48 26.48
C LEU E 166 0.58 -46.96 25.33
N GLU E 167 -0.12 -47.85 24.63
CA GLU E 167 -0.97 -47.43 23.52
C GLU E 167 -2.19 -46.68 24.01
N GLU E 168 -2.78 -47.11 25.13
CA GLU E 168 -3.92 -46.40 25.71
C GLU E 168 -3.52 -45.00 26.17
N LEU E 169 -2.36 -44.89 26.81
CA LEU E 169 -1.88 -43.59 27.25
C LEU E 169 -1.49 -42.70 26.09
N LEU E 170 -0.95 -43.28 25.01
CA LEU E 170 -0.66 -42.50 23.83
C LEU E 170 -1.93 -41.97 23.17
N GLU E 171 -2.96 -42.81 23.12
CA GLU E 171 -4.21 -42.36 22.50
C GLU E 171 -4.88 -41.30 23.35
N ASN E 172 -4.74 -41.37 24.67
CA ASN E 172 -5.27 -40.32 25.52
C ASN E 172 -4.46 -39.03 25.42
N LEU E 173 -3.14 -39.15 25.21
CA LEU E 173 -2.31 -37.98 25.00
C LEU E 173 -2.55 -37.33 23.64
N GLN E 174 -3.04 -38.12 22.67
CA GLN E 174 -3.34 -37.62 21.33
C GLN E 174 -4.37 -36.51 21.35
N TYR E 175 -5.41 -36.67 22.18
CA TYR E 175 -6.47 -35.69 22.27
C TYR E 175 -6.29 -34.74 23.45
N SER E 176 -5.06 -34.56 23.92
CA SER E 176 -4.76 -33.68 25.04
C SER E 176 -3.66 -32.68 24.74
N GLY E 177 -2.69 -33.05 23.93
CA GLY E 177 -1.63 -32.14 23.55
C GLY E 177 -0.27 -32.51 24.10
N ILE E 178 0.77 -32.28 23.32
CA ILE E 178 2.14 -32.50 23.73
C ILE E 178 2.87 -31.16 23.68
N GLY E 179 3.71 -30.92 24.66
CA GLY E 179 4.44 -29.68 24.73
C GLY E 179 3.80 -28.65 25.62
N GLY E 180 4.15 -27.40 25.38
CA GLY E 180 3.68 -26.30 26.18
C GLY E 180 2.65 -25.49 25.45
N LYS E 181 1.83 -24.76 26.22
CA LYS E 181 0.67 -24.01 25.75
C LYS E 181 -0.28 -24.90 24.96
N ARG E 182 -0.51 -26.11 25.46
CA ARG E 182 -1.31 -27.06 24.70
C ARG E 182 -2.80 -26.73 24.76
N ASN E 183 -3.28 -26.22 25.88
CA ASN E 183 -4.67 -25.81 26.00
C ASN E 183 -4.94 -24.48 25.31
N SER E 184 -3.89 -23.77 24.88
CA SER E 184 -4.04 -22.47 24.26
C SER E 184 -3.74 -22.52 22.77
N GLY E 185 -3.95 -23.65 22.12
CA GLY E 185 -3.94 -23.68 20.68
C GLY E 185 -2.90 -24.56 20.01
N TYR E 186 -2.06 -25.25 20.78
CA TYR E 186 -0.88 -25.89 20.23
C TYR E 186 -0.87 -27.38 20.52
N GLY E 187 -0.01 -28.08 19.79
CA GLY E 187 0.44 -29.38 20.23
C GLY E 187 -0.33 -30.61 19.80
N LYS E 188 -1.44 -30.47 19.09
CA LYS E 188 -2.22 -31.65 18.75
C LYS E 188 -1.53 -32.43 17.63
N PHE E 189 -1.72 -33.73 17.64
CA PHE E 189 -1.04 -34.61 16.71
C PHE E 189 -1.87 -35.86 16.52
N LYS E 190 -1.38 -36.75 15.66
CA LYS E 190 -1.89 -38.10 15.56
C LYS E 190 -0.69 -39.02 15.58
N PHE E 191 -0.89 -40.25 16.02
CA PHE E 191 0.19 -41.19 16.18
C PHE E 191 -0.13 -42.49 15.47
N GLU E 192 0.92 -43.23 15.11
CA GLU E 192 0.78 -44.47 14.37
C GLU E 192 1.96 -45.35 14.76
N ILE E 193 1.77 -46.66 14.79
CA ILE E 193 2.86 -47.54 15.22
C ILE E 193 3.82 -47.78 14.06
N LEU E 194 3.37 -48.46 13.01
CA LEU E 194 4.14 -48.69 11.78
C LEU E 194 5.47 -49.39 12.09
N GLU E 195 5.35 -50.66 12.47
CA GLU E 195 6.53 -51.47 12.75
C GLU E 195 7.38 -51.64 11.50
N ASP E 196 8.66 -51.31 11.61
CA ASP E 196 9.58 -51.32 10.49
C ASP E 196 10.52 -52.52 10.61
N SER E 197 11.11 -52.90 9.48
CA SER E 197 12.04 -54.01 9.43
C SER E 197 13.48 -53.59 9.35
N ASP E 198 13.77 -52.48 8.67
CA ASP E 198 15.16 -52.05 8.49
C ASP E 198 15.72 -51.44 9.77
N ILE E 199 14.91 -50.66 10.48
CA ILE E 199 15.37 -50.02 11.71
C ILE E 199 15.60 -51.05 12.81
N GLU E 200 14.75 -52.07 12.87
CA GLU E 200 14.92 -53.11 13.88
C GLU E 200 16.15 -53.96 13.61
N ASP E 201 16.44 -54.22 12.32
CA ASP E 201 17.67 -54.92 11.98
C ASP E 201 18.89 -54.04 12.21
N LEU E 202 18.73 -52.71 12.09
CA LEU E 202 19.81 -51.80 12.40
C LEU E 202 20.06 -51.71 13.90
N PHE E 203 19.03 -51.97 14.69
CA PHE E 203 19.19 -51.87 16.13
C PHE E 203 19.62 -53.18 16.77
N SER E 204 19.28 -54.32 16.15
CA SER E 204 19.61 -55.60 16.74
C SER E 204 21.09 -55.93 16.58
N ALA E 205 21.76 -55.30 15.63
CA ALA E 205 23.17 -55.58 15.39
C ALA E 205 24.03 -54.96 16.48
N LYS E 206 24.96 -55.74 17.02
CA LYS E 206 25.84 -55.25 18.07
C LYS E 206 26.96 -54.39 17.47
N GLY E 207 27.77 -53.82 18.34
CA GLY E 207 28.89 -53.01 17.90
C GLY E 207 29.76 -52.64 19.07
N ASN E 208 30.97 -52.16 18.74
CA ASN E 208 31.92 -51.83 19.80
C ASN E 208 31.54 -50.53 20.49
N ARG E 209 30.99 -49.58 19.74
CA ARG E 209 30.63 -48.28 20.29
C ARG E 209 29.12 -48.08 20.15
N LYS E 210 28.49 -47.63 21.23
CA LYS E 210 27.05 -47.49 21.28
C LYS E 210 26.67 -46.03 21.43
N ILE E 211 25.68 -45.61 20.68
CA ILE E 211 25.23 -44.23 20.64
C ILE E 211 23.99 -44.12 21.51
N LEU E 212 24.02 -43.19 22.47
CA LEU E 212 22.86 -42.92 23.30
C LEU E 212 21.75 -42.32 22.45
N LEU E 213 20.51 -42.52 22.88
CA LEU E 213 19.38 -41.98 22.15
C LEU E 213 18.32 -41.34 23.01
N SER E 214 18.46 -41.34 24.32
CA SER E 214 17.53 -40.66 25.20
C SER E 214 18.32 -39.83 26.20
N GLY E 215 17.64 -38.91 26.86
CA GLY E 215 18.32 -38.06 27.81
C GLY E 215 18.62 -38.79 29.10
N ALA E 216 19.65 -39.61 29.09
CA ALA E 216 19.90 -40.53 30.20
C ALA E 216 20.90 -39.98 31.18
N LEU E 217 20.90 -40.56 32.37
CA LEU E 217 21.84 -40.26 33.44
C LEU E 217 22.06 -41.53 34.24
N PRO E 218 23.28 -42.08 34.27
CA PRO E 218 23.52 -43.33 34.97
C PRO E 218 23.43 -43.16 36.47
N LYS E 219 23.16 -44.26 37.16
CA LYS E 219 23.08 -44.23 38.61
C LYS E 219 24.48 -44.04 39.19
N ASP E 220 24.52 -43.76 40.50
CA ASP E 220 25.74 -43.30 41.13
C ASP E 220 26.80 -44.39 41.26
N ALA E 221 26.43 -45.65 41.07
CA ALA E 221 27.36 -46.76 41.13
C ALA E 221 27.84 -47.20 39.76
N GLU E 222 27.47 -46.47 38.70
CA GLU E 222 27.91 -46.81 37.36
C GLU E 222 28.33 -45.59 36.55
N LEU E 223 28.39 -44.40 37.15
CA LEU E 223 28.76 -43.20 36.43
C LEU E 223 30.22 -43.24 36.00
N GLU E 224 31.10 -43.75 36.88
CA GLU E 224 32.51 -43.87 36.53
C GLU E 224 32.73 -44.87 35.41
N GLN E 225 31.97 -45.96 35.43
CA GLN E 225 32.06 -46.96 34.37
C GLN E 225 31.53 -46.40 33.05
N ALA E 226 30.52 -45.53 33.12
CA ALA E 226 29.95 -44.95 31.90
C ALA E 226 30.91 -43.97 31.23
N LEU E 227 31.62 -43.17 32.01
CA LEU E 227 32.49 -42.12 31.46
C LEU E 227 33.87 -42.63 31.09
N LYS E 228 34.01 -43.73 30.38
CA LYS E 228 35.36 -44.26 30.15
C LYS E 228 35.98 -43.68 28.88
N ASN E 229 35.39 -44.00 27.73
CA ASN E 229 35.78 -43.38 26.46
C ASN E 229 34.49 -42.76 25.94
N ALA E 230 34.13 -41.61 26.50
CA ALA E 230 32.82 -41.04 26.30
C ALA E 230 32.94 -39.65 25.72
N SER E 231 32.08 -39.37 24.75
CA SER E 231 31.91 -38.03 24.22
C SER E 231 30.46 -37.70 24.49
N TYR E 232 30.23 -36.98 25.58
CA TYR E 232 28.89 -36.69 26.04
C TYR E 232 28.64 -35.20 25.98
N LEU E 233 27.42 -34.81 26.35
CA LEU E 233 27.11 -33.41 26.57
C LEU E 233 26.03 -33.36 27.63
N LEU E 234 26.33 -32.74 28.77
CA LEU E 234 25.35 -32.63 29.83
C LEU E 234 24.25 -31.65 29.43
N GLU E 235 23.03 -31.93 29.86
CA GLU E 235 21.90 -31.06 29.58
C GLU E 235 21.06 -30.90 30.83
N ARG E 236 20.85 -29.65 31.24
CA ARG E 236 19.99 -29.35 32.39
C ARG E 236 18.53 -29.55 32.01
N ARG E 237 17.85 -30.43 32.73
CA ARG E 237 16.48 -30.79 32.41
C ARG E 237 15.63 -30.63 33.68
N GLY E 238 14.97 -29.48 33.80
CA GLY E 238 14.13 -29.23 34.96
C GLY E 238 12.84 -28.53 34.60
N GLY E 239 12.41 -27.59 35.44
CA GLY E 239 11.23 -26.82 35.18
C GLY E 239 10.25 -26.77 36.34
N PHE E 240 9.02 -26.36 36.09
CA PHE E 240 7.99 -26.30 37.11
C PHE E 240 7.15 -27.55 37.09
N VAL E 241 6.62 -27.91 38.25
CA VAL E 241 5.76 -29.08 38.37
C VAL E 241 4.38 -28.73 37.82
N GLN E 242 3.87 -29.59 36.95
CA GLN E 242 2.57 -29.42 36.32
C GLN E 242 1.62 -30.46 36.92
N SER E 243 0.80 -30.01 37.87
CA SER E 243 -0.25 -30.81 38.48
C SER E 243 -1.21 -29.87 39.19
N ASP E 244 -2.10 -30.45 39.99
CA ASP E 244 -2.94 -29.66 40.87
C ASP E 244 -2.77 -30.02 42.34
N THR E 245 -2.28 -31.22 42.65
CA THR E 245 -2.28 -31.70 44.01
C THR E 245 -0.91 -31.54 44.66
N TYR E 246 0.02 -30.89 43.99
CA TYR E 246 1.37 -30.71 44.51
C TYR E 246 1.48 -29.32 45.11
N ALA E 247 1.55 -29.25 46.43
CA ALA E 247 2.08 -28.14 47.22
C ALA E 247 1.32 -26.83 47.09
N THR E 248 0.10 -26.82 46.55
CA THR E 248 -0.88 -25.71 46.51
C THR E 248 -0.35 -24.36 46.01
N ASN E 249 0.82 -24.35 45.36
CA ASN E 249 1.34 -23.21 44.60
C ASN E 249 2.37 -23.75 43.62
N LEU E 250 2.68 -22.93 42.62
CA LEU E 250 3.65 -23.30 41.61
C LEU E 250 5.04 -23.44 42.22
N VAL E 251 5.76 -24.48 41.82
CA VAL E 251 7.04 -24.81 42.44
C VAL E 251 7.91 -25.51 41.40
N LYS E 252 9.21 -25.22 41.45
CA LYS E 252 10.17 -25.78 40.52
C LYS E 252 10.72 -27.10 41.04
N LYS E 253 10.77 -28.10 40.16
CA LYS E 253 11.29 -29.39 40.53
C LYS E 253 12.82 -29.33 40.63
N GLN E 254 13.40 -30.42 41.11
CA GLN E 254 14.84 -30.50 41.25
C GLN E 254 15.51 -30.56 39.88
N ASP E 255 16.57 -29.78 39.72
CA ASP E 255 17.31 -29.76 38.47
C ASP E 255 18.08 -31.05 38.30
N LEU E 256 17.89 -31.71 37.16
CA LEU E 256 18.56 -32.97 36.87
C LEU E 256 19.38 -32.78 35.60
N TYR E 257 20.66 -33.08 35.69
CA TYR E 257 21.59 -32.92 34.59
C TYR E 257 21.81 -34.28 33.96
N VAL E 258 21.22 -34.50 32.79
CA VAL E 258 21.34 -35.75 32.08
C VAL E 258 22.23 -35.55 30.86
N PHE E 259 22.65 -36.65 30.26
CA PHE E 259 23.38 -36.58 29.01
C PHE E 259 22.43 -36.23 27.87
N LYS E 260 22.96 -35.51 26.88
CA LYS E 260 22.17 -35.15 25.71
C LYS E 260 22.05 -36.37 24.80
N SER E 261 20.99 -36.38 23.99
CA SER E 261 20.57 -37.61 23.30
C SER E 261 21.50 -37.98 22.16
N GLY E 262 22.40 -37.10 21.76
CA GLY E 262 23.30 -37.44 20.68
C GLY E 262 24.58 -38.10 21.13
N SER E 263 24.71 -38.33 22.43
CA SER E 263 25.99 -38.74 23.01
C SER E 263 26.32 -40.17 22.63
N THR E 264 27.58 -40.52 22.82
CA THR E 264 28.14 -41.76 22.33
C THR E 264 29.09 -42.33 23.37
N PHE E 265 28.93 -43.61 23.69
CA PHE E 265 29.64 -44.20 24.81
C PHE E 265 30.30 -45.50 24.40
N GLU E 266 31.23 -45.96 25.24
CA GLU E 266 31.88 -47.24 25.09
C GLU E 266 31.26 -48.32 25.98
N ASN E 267 30.97 -47.97 27.23
CA ASN E 267 30.29 -48.87 28.15
C ASN E 267 28.80 -48.58 28.14
N SER E 268 28.01 -49.63 28.32
CA SER E 268 26.57 -49.49 28.39
C SER E 268 26.15 -49.21 29.81
N PHE E 269 24.96 -48.66 29.96
CA PHE E 269 24.32 -48.49 31.25
C PHE E 269 22.82 -48.51 31.05
N ASP E 270 22.10 -48.71 32.14
CA ASP E 270 20.67 -48.48 32.18
C ASP E 270 20.44 -47.37 33.18
N GLY E 271 19.63 -46.37 32.81
CA GLY E 271 19.44 -45.25 33.68
C GLY E 271 18.48 -45.53 34.82
N ASP E 272 17.82 -44.48 35.29
CA ASP E 272 16.83 -44.60 36.33
C ASP E 272 15.75 -43.58 36.05
N ILE E 273 14.57 -43.81 36.61
CA ILE E 273 13.51 -42.80 36.63
C ILE E 273 13.67 -42.05 37.94
N TYR E 274 14.39 -40.94 37.89
CA TYR E 274 14.75 -40.23 39.08
C TYR E 274 13.57 -39.42 39.62
N GLN E 275 13.55 -39.23 40.92
CA GLN E 275 12.50 -38.49 41.58
C GLN E 275 12.98 -37.07 41.85
N VAL E 276 12.33 -36.10 41.24
CA VAL E 276 12.73 -34.70 41.32
C VAL E 276 11.75 -33.89 42.18
N GLY E 277 10.68 -34.51 42.63
CA GLY E 277 9.75 -33.86 43.52
C GLY E 277 9.51 -34.69 44.76
N LYS E 278 9.85 -34.15 45.93
CA LYS E 278 9.75 -34.92 47.16
C LYS E 278 8.89 -34.23 48.20
N LYS E 279 8.88 -32.90 48.19
CA LYS E 279 8.13 -32.14 49.19
C LYS E 279 6.74 -31.78 48.68
N GLY E 280 5.97 -32.81 48.36
CA GLY E 280 4.63 -32.61 47.83
C GLY E 280 3.78 -33.82 48.13
N ASN E 281 2.52 -33.75 47.70
CA ASN E 281 1.58 -34.81 48.03
C ASN E 281 1.80 -36.04 47.16
N HIS E 282 2.37 -35.87 45.99
CA HIS E 282 2.67 -36.96 45.07
C HIS E 282 4.09 -36.81 44.55
N PRO E 283 4.75 -37.90 44.19
CA PRO E 283 6.10 -37.80 43.62
C PRO E 283 6.08 -37.22 42.21
N VAL E 284 7.24 -36.70 41.81
CA VAL E 284 7.47 -36.20 40.46
C VAL E 284 8.65 -36.95 39.89
N TYR E 285 8.49 -37.55 38.72
CA TYR E 285 9.48 -38.43 38.15
C TYR E 285 10.13 -37.82 36.91
N LYS E 286 11.34 -38.30 36.62
CA LYS E 286 12.13 -37.81 35.49
C LYS E 286 12.78 -39.02 34.82
N TYR E 287 12.37 -39.33 33.60
CA TYR E 287 12.80 -40.55 32.92
C TYR E 287 14.19 -40.34 32.34
N ALA E 288 15.22 -40.85 33.00
CA ALA E 288 16.57 -40.77 32.47
C ALA E 288 17.11 -42.15 32.17
N LYS E 289 16.26 -43.06 31.69
CA LYS E 289 16.72 -44.38 31.29
C LYS E 289 17.44 -44.32 29.95
N SER E 290 18.29 -45.30 29.70
CA SER E 290 19.19 -45.26 28.57
C SER E 290 18.67 -46.08 27.41
N PHE E 291 18.89 -45.56 26.20
CA PHE E 291 18.47 -46.19 24.97
C PHE E 291 19.63 -46.10 23.99
N PHE E 292 20.12 -47.25 23.54
CA PHE E 292 21.38 -47.29 22.81
C PHE E 292 21.21 -47.84 21.40
N LEU E 293 22.07 -47.38 20.51
CA LEU E 293 22.19 -47.85 19.13
C LEU E 293 23.64 -48.25 18.91
N GLU E 294 23.87 -49.48 18.50
CA GLU E 294 25.22 -49.97 18.33
C GLU E 294 25.73 -49.69 16.92
N VAL E 295 26.96 -49.18 16.82
CA VAL E 295 27.65 -49.01 15.55
C VAL E 295 29.06 -49.56 15.69
N SER E 296 29.80 -49.55 14.58
CA SER E 296 31.21 -49.93 14.61
C SER E 296 32.09 -48.80 14.09
N MET F 1 -26.31 -7.67 29.97
CA MET F 1 -27.21 -8.31 29.00
C MET F 1 -27.36 -7.38 27.80
N LYS F 2 -27.51 -7.96 26.62
CA LYS F 2 -27.21 -7.25 25.38
C LYS F 2 -28.45 -7.09 24.52
N LEU F 3 -28.59 -5.93 23.90
CA LEU F 3 -29.72 -5.57 23.05
C LEU F 3 -29.23 -5.39 21.62
N VAL F 4 -30.13 -5.63 20.67
CA VAL F 4 -29.85 -5.48 19.25
C VAL F 4 -30.80 -4.44 18.68
N ILE F 5 -30.25 -3.42 18.01
CA ILE F 5 -31.08 -2.43 17.32
C ILE F 5 -30.93 -2.65 15.83
N GLU F 6 -32.03 -3.04 15.19
CA GLU F 6 -32.07 -3.38 13.78
C GLU F 6 -32.97 -2.40 13.05
N GLY F 7 -32.56 -2.03 11.84
CA GLY F 7 -33.34 -1.11 11.03
C GLY F 7 -32.98 -1.23 9.58
N THR F 8 -33.15 -0.14 8.86
CA THR F 8 -32.80 -0.08 7.44
C THR F 8 -32.35 1.33 7.11
N ILE F 9 -31.25 1.43 6.37
CA ILE F 9 -30.74 2.70 5.86
C ILE F 9 -31.14 2.76 4.39
N VAL F 10 -32.19 3.51 4.07
CA VAL F 10 -32.62 3.64 2.69
C VAL F 10 -31.96 4.87 2.09
N LEU F 11 -31.47 4.75 0.86
CA LEU F 11 -30.77 5.84 0.20
C LEU F 11 -31.77 6.71 -0.53
N LYS F 12 -31.94 7.95 -0.06
CA LYS F 12 -32.83 8.88 -0.73
C LYS F 12 -32.21 9.44 -2.00
N THR F 13 -30.93 9.77 -1.97
CA THR F 13 -30.16 10.06 -3.17
C THR F 13 -29.07 9.00 -3.26
N GLY F 14 -28.20 9.13 -4.25
CA GLY F 14 -27.13 8.16 -4.42
C GLY F 14 -26.12 8.24 -3.29
N MET F 15 -25.39 7.16 -3.08
CA MET F 15 -24.45 7.10 -1.97
C MET F 15 -23.15 6.48 -2.42
N HIS F 16 -22.05 7.19 -2.19
CA HIS F 16 -20.74 6.76 -2.64
C HIS F 16 -19.84 6.61 -1.43
N ILE F 17 -19.74 5.41 -0.90
CA ILE F 17 -18.79 5.11 0.17
C ILE F 17 -17.65 4.32 -0.45
N GLY F 18 -16.42 4.70 -0.12
CA GLY F 18 -15.33 3.77 -0.23
C GLY F 18 -14.75 3.60 -1.61
N GLY F 19 -13.57 3.01 -1.69
CA GLY F 19 -12.99 2.70 -2.97
C GLY F 19 -11.58 2.16 -2.88
N SER F 20 -11.32 1.10 -3.63
CA SER F 20 -9.96 0.63 -3.86
C SER F 20 -9.76 0.56 -5.37
N SER F 21 -8.65 1.12 -5.86
CA SER F 21 -8.34 1.09 -7.28
C SER F 21 -7.96 -0.34 -7.63
N ASP F 22 -8.96 -1.07 -8.13
CA ASP F 22 -8.82 -2.51 -8.34
C ASP F 22 -7.85 -2.84 -9.47
N PHE F 23 -7.15 -3.95 -9.32
CA PHE F 23 -6.09 -4.33 -10.24
C PHE F 23 -6.61 -4.87 -11.57
N SER F 24 -7.87 -5.27 -11.61
CA SER F 24 -8.45 -5.78 -12.85
C SER F 24 -8.67 -4.65 -13.84
N ALA F 25 -8.50 -4.97 -15.13
CA ALA F 25 -8.65 -4.00 -16.21
C ALA F 25 -10.15 -3.76 -16.45
N ILE F 26 -10.72 -2.87 -15.61
CA ILE F 26 -12.13 -2.56 -15.75
C ILE F 26 -12.38 -1.67 -16.96
N GLY F 27 -11.38 -0.87 -17.34
CA GLY F 27 -11.52 -0.04 -18.53
C GLY F 27 -11.44 1.45 -18.24
N ALA F 28 -12.46 2.19 -18.68
CA ALA F 28 -12.45 3.65 -18.63
C ALA F 28 -13.51 4.14 -17.64
N VAL F 29 -13.61 3.46 -16.50
CA VAL F 29 -14.42 3.90 -15.38
C VAL F 29 -13.51 3.96 -14.16
N ALA F 30 -13.57 5.08 -13.44
CA ALA F 30 -12.78 5.26 -12.24
C ALA F 30 -13.68 5.49 -11.04
N SER F 31 -13.04 5.52 -9.86
CA SER F 31 -13.60 5.81 -8.54
C SER F 31 -14.77 4.89 -8.18
N PRO F 32 -14.51 3.60 -7.90
CA PRO F 32 -15.61 2.69 -7.58
C PRO F 32 -16.02 2.80 -6.13
N VAL F 33 -17.13 2.21 -5.76
CA VAL F 33 -17.57 2.18 -4.37
C VAL F 33 -16.91 1.00 -3.68
N VAL F 34 -16.90 1.02 -2.34
CA VAL F 34 -16.43 -0.14 -1.60
C VAL F 34 -17.45 -1.24 -1.76
N ARG F 35 -16.97 -2.46 -2.01
CA ARG F 35 -17.85 -3.58 -2.26
C ARG F 35 -17.53 -4.71 -1.31
N ASP F 36 -18.52 -5.57 -1.11
CA ASP F 36 -18.25 -6.85 -0.46
C ASP F 36 -17.41 -7.71 -1.39
N THR F 37 -16.36 -8.31 -0.84
CA THR F 37 -15.34 -8.94 -1.66
C THR F 37 -15.82 -10.27 -2.24
N LEU F 38 -16.73 -10.95 -1.56
CA LEU F 38 -17.18 -12.26 -2.02
C LEU F 38 -18.48 -12.20 -2.81
N THR F 39 -19.50 -11.53 -2.29
CA THR F 39 -20.82 -11.52 -2.92
C THR F 39 -20.99 -10.39 -3.92
N ARG F 40 -19.96 -9.56 -4.13
CA ARG F 40 -19.93 -8.46 -5.09
C ARG F 40 -21.04 -7.43 -4.84
N LEU F 41 -21.38 -7.23 -3.60
CA LEU F 41 -22.38 -6.24 -3.25
C LEU F 41 -21.73 -4.98 -2.73
N PRO F 42 -22.28 -3.81 -3.06
CA PRO F 42 -21.81 -2.57 -2.41
C PRO F 42 -22.11 -2.59 -0.92
N LEU F 43 -21.24 -1.94 -0.16
CA LEU F 43 -21.21 -2.08 1.28
C LEU F 43 -21.20 -0.72 1.96
N ILE F 44 -21.94 -0.60 3.05
CA ILE F 44 -21.78 0.50 4.01
C ILE F 44 -20.98 -0.06 5.17
N PRO F 45 -19.75 0.38 5.38
CA PRO F 45 -18.99 -0.07 6.55
C PRO F 45 -19.60 0.43 7.84
N GLY F 46 -19.40 -0.34 8.92
CA GLY F 46 -19.85 0.11 10.22
C GLY F 46 -18.99 1.22 10.78
N SER F 47 -17.74 1.32 10.30
CA SER F 47 -16.85 2.37 10.75
C SER F 47 -17.32 3.74 10.27
N SER F 48 -17.80 3.81 9.03
CA SER F 48 -18.28 5.07 8.47
C SER F 48 -19.53 5.54 9.19
N LEU F 49 -20.49 4.63 9.39
CA LEU F 49 -21.73 4.96 10.08
C LEU F 49 -21.46 5.35 11.53
N LYS F 50 -20.55 4.63 12.19
CA LYS F 50 -20.19 4.95 13.56
C LYS F 50 -19.56 6.33 13.66
N GLY F 51 -18.63 6.63 12.76
CA GLY F 51 -17.95 7.92 12.81
C GLY F 51 -18.88 9.09 12.53
N LYS F 52 -19.82 8.91 11.60
CA LYS F 52 -20.73 10.00 11.29
C LYS F 52 -21.75 10.22 12.40
N MET F 53 -22.26 9.12 13.00
CA MET F 53 -23.13 9.30 14.17
C MET F 53 -22.40 9.93 15.34
N ARG F 54 -21.15 9.52 15.59
CA ARG F 54 -20.40 10.09 16.71
C ARG F 54 -20.12 11.56 16.49
N TYR F 55 -19.79 11.94 15.26
CA TYR F 55 -19.55 13.35 14.97
C TYR F 55 -20.83 14.17 15.14
N LEU F 56 -21.97 13.67 14.65
CA LEU F 56 -23.18 14.47 14.74
C LEU F 56 -23.73 14.54 16.17
N LEU F 57 -23.58 13.47 16.95
CA LEU F 57 -23.99 13.53 18.35
C LEU F 57 -23.07 14.40 19.20
N ALA F 58 -21.75 14.32 18.98
CA ALA F 58 -20.83 15.15 19.72
C ALA F 58 -21.00 16.61 19.34
N LYS F 59 -21.32 16.87 18.08
CA LYS F 59 -21.64 18.20 17.61
C LYS F 59 -22.95 18.70 18.20
N GLU F 60 -23.94 17.83 18.39
CA GLU F 60 -25.25 18.28 18.83
C GLU F 60 -25.28 18.69 20.30
N LEU F 61 -24.61 17.93 21.16
CA LEU F 61 -24.49 18.32 22.57
C LEU F 61 -23.47 19.45 22.62
N ASN F 62 -23.97 20.66 22.34
CA ASN F 62 -23.14 21.67 21.69
C ASN F 62 -22.74 22.81 22.61
N ASN F 63 -23.72 23.59 23.10
CA ASN F 63 -23.70 25.05 22.99
C ASN F 63 -22.32 25.68 23.10
N GLY F 64 -21.90 26.35 22.02
CA GLY F 64 -20.50 26.54 21.72
C GLY F 64 -20.16 25.92 20.38
N ILE F 65 -19.19 24.99 20.36
CA ILE F 65 -18.79 24.30 19.13
C ILE F 65 -18.52 22.83 19.41
N LEU F 66 -18.04 22.11 18.40
CA LEU F 66 -17.38 20.83 18.59
C LEU F 66 -16.03 20.89 17.86
N LEU F 67 -14.94 20.84 18.63
CA LEU F 67 -13.60 20.97 18.07
C LEU F 67 -12.60 20.02 18.70
N ASN F 68 -13.03 19.15 19.61
CA ASN F 68 -12.11 18.41 20.45
C ASN F 68 -11.72 17.08 19.84
N GLU F 69 -10.86 16.37 20.54
CA GLU F 69 -10.48 15.00 20.24
C GLU F 69 -11.67 14.10 20.53
N PRO F 70 -11.79 12.95 19.84
CA PRO F 70 -12.88 12.02 20.17
C PRO F 70 -12.85 11.47 21.59
N ASN F 71 -11.68 11.32 22.18
CA ASN F 71 -11.61 10.85 23.56
C ASN F 71 -12.05 11.92 24.55
N ASN F 72 -11.89 13.19 24.21
CA ASN F 72 -12.42 14.28 25.05
C ASN F 72 -13.77 14.75 24.54
N ASP F 73 -14.68 13.80 24.34
CA ASP F 73 -16.05 14.12 23.98
C ASP F 73 -16.88 14.27 25.24
N GLN F 74 -18.18 14.44 25.07
CA GLN F 74 -19.08 14.42 26.21
C GLN F 74 -19.17 13.02 26.77
N ASP F 75 -19.43 12.92 28.07
CA ASP F 75 -19.37 11.63 28.76
C ASP F 75 -20.46 10.67 28.29
N GLU F 76 -21.57 11.20 27.78
CA GLU F 76 -22.56 10.34 27.15
C GLU F 76 -22.05 9.78 25.82
N ILE F 77 -21.28 10.60 25.10
CA ILE F 77 -20.70 10.13 23.84
C ILE F 77 -19.60 9.11 24.10
N LEU F 78 -18.84 9.32 25.18
CA LEU F 78 -17.82 8.34 25.55
C LEU F 78 -18.43 7.05 26.05
N ARG F 79 -19.57 7.13 26.73
CA ARG F 79 -20.20 5.89 27.17
C ARG F 79 -20.99 5.21 26.07
N LEU F 80 -21.27 5.90 24.96
CA LEU F 80 -21.93 5.23 23.85
C LEU F 80 -20.94 4.65 22.87
N PHE F 81 -19.89 5.40 22.51
CA PHE F 81 -18.98 4.97 21.46
C PHE F 81 -17.62 4.56 21.97
N GLY F 82 -17.38 4.60 23.28
CA GLY F 82 -16.13 4.14 23.83
C GLY F 82 -15.08 5.23 23.83
N SER F 83 -14.16 5.11 24.78
CA SER F 83 -13.01 6.00 24.84
C SER F 83 -11.80 5.15 25.20
N SER F 84 -10.64 5.65 24.80
CA SER F 84 -9.40 4.96 25.13
C SER F 84 -8.43 6.01 25.67
N GLU F 85 -8.53 6.28 26.96
CA GLU F 85 -7.56 7.11 27.63
C GLU F 85 -6.68 6.23 28.51
N LYS F 86 -5.67 6.86 29.12
CA LYS F 86 -4.78 6.11 29.99
C LYS F 86 -5.49 5.68 31.28
N ASP F 87 -6.43 6.45 31.76
CA ASP F 87 -7.07 6.07 33.01
C ASP F 87 -8.59 6.05 32.89
N LYS F 88 -9.17 7.02 32.20
CA LYS F 88 -10.63 7.09 32.06
C LYS F 88 -11.02 6.40 30.76
N ILE F 89 -10.89 5.08 30.75
CA ILE F 89 -11.16 4.26 29.58
C ILE F 89 -12.48 3.53 29.76
N ARG F 90 -13.37 3.72 28.79
CA ARG F 90 -14.73 3.22 28.85
C ARG F 90 -14.97 2.26 27.70
N ARG F 91 -15.64 1.15 27.98
CA ARG F 91 -16.00 0.23 26.91
C ARG F 91 -17.16 0.79 26.12
N ALA F 92 -17.11 0.61 24.81
CA ALA F 92 -18.18 1.07 23.95
C ALA F 92 -19.43 0.23 24.18
N ARG F 93 -20.56 0.91 24.33
CA ARG F 93 -21.80 0.18 24.51
C ARG F 93 -22.42 -0.23 23.19
N LEU F 94 -21.90 0.29 22.07
CA LEU F 94 -22.44 -0.02 20.75
C LEU F 94 -21.42 -0.85 19.97
N LYS F 95 -21.92 -1.73 19.12
CA LYS F 95 -21.08 -2.53 18.23
C LYS F 95 -21.68 -2.43 16.84
N PHE F 96 -20.98 -1.79 15.93
CA PHE F 96 -21.48 -1.65 14.57
C PHE F 96 -21.00 -2.81 13.71
N ASN F 97 -21.77 -3.11 12.68
CA ASN F 97 -21.44 -4.17 11.74
C ASN F 97 -21.47 -3.59 10.33
N ASP F 98 -20.69 -4.18 9.44
CA ASP F 98 -20.63 -3.70 8.07
C ASP F 98 -21.93 -4.05 7.38
N ILE F 99 -22.52 -3.09 6.68
CA ILE F 99 -23.85 -3.24 6.12
C ILE F 99 -23.71 -3.43 4.63
N LYS F 100 -24.20 -4.55 4.11
CA LYS F 100 -24.17 -4.82 2.69
C LYS F 100 -25.57 -4.65 2.12
N LEU F 101 -25.64 -4.51 0.80
CA LEU F 101 -26.90 -4.19 0.13
C LEU F 101 -27.89 -5.32 0.23
N SER F 102 -29.10 -4.99 0.67
CA SER F 102 -30.12 -6.01 0.96
C SER F 102 -31.00 -6.31 -0.24
N ASN F 103 -31.71 -5.32 -0.75
CA ASN F 103 -32.74 -5.55 -1.76
C ASN F 103 -32.17 -5.61 -3.18
N LEU F 104 -31.24 -6.55 -3.39
CA LEU F 104 -30.72 -6.80 -4.72
C LEU F 104 -31.79 -7.39 -5.62
N ALA F 105 -32.69 -8.19 -5.04
CA ALA F 105 -33.78 -8.77 -5.81
C ALA F 105 -34.73 -7.70 -6.32
N GLU F 106 -34.99 -6.67 -5.52
CA GLU F 106 -35.87 -5.60 -5.97
C GLU F 106 -35.21 -4.68 -6.99
N LEU F 107 -33.89 -4.48 -6.91
CA LEU F 107 -33.20 -3.74 -7.96
C LEU F 107 -33.13 -4.56 -9.24
N GLU F 108 -33.10 -5.90 -9.14
CA GLU F 108 -33.15 -6.77 -10.29
C GLU F 108 -34.55 -6.84 -10.89
N THR F 109 -35.59 -6.62 -10.05
CA THR F 109 -36.97 -6.63 -10.51
C THR F 109 -37.23 -5.52 -11.52
N PHE F 110 -36.69 -4.32 -11.26
CA PHE F 110 -36.80 -3.20 -12.16
C PHE F 110 -35.76 -3.23 -13.27
N ASN F 111 -34.96 -4.30 -13.34
CA ASN F 111 -34.02 -4.59 -14.43
C ASN F 111 -32.95 -3.49 -14.57
N VAL F 112 -32.20 -3.30 -13.49
CA VAL F 112 -31.20 -2.25 -13.41
C VAL F 112 -30.14 -2.72 -12.40
N SER F 113 -28.91 -2.27 -12.61
CA SER F 113 -27.77 -2.73 -11.81
C SER F 113 -27.86 -2.23 -10.38
N SER F 114 -26.95 -2.75 -9.55
CA SER F 114 -26.90 -2.38 -8.14
C SER F 114 -26.09 -1.12 -7.89
N THR F 115 -25.16 -0.79 -8.77
CA THR F 115 -24.41 0.45 -8.68
C THR F 115 -24.34 1.05 -10.07
N GLU F 116 -24.26 2.37 -10.14
CA GLU F 116 -24.28 3.12 -11.39
C GLU F 116 -23.18 4.17 -11.37
N VAL F 117 -22.96 4.81 -12.52
CA VAL F 117 -21.89 5.78 -12.68
C VAL F 117 -22.47 7.14 -13.06
N LYS F 118 -22.05 8.18 -12.34
CA LYS F 118 -22.51 9.54 -12.56
C LYS F 118 -21.37 10.37 -13.09
N PHE F 119 -21.63 11.09 -14.18
CA PHE F 119 -20.64 11.91 -14.84
C PHE F 119 -20.79 13.35 -14.37
N GLU F 120 -19.66 14.01 -14.14
CA GLU F 120 -19.64 15.17 -13.28
C GLU F 120 -18.55 16.11 -13.80
N ASN F 121 -18.84 17.41 -13.82
CA ASN F 121 -17.89 18.37 -14.35
C ASN F 121 -17.18 19.13 -13.27
N THR F 122 -16.23 19.95 -13.73
CA THR F 122 -15.61 20.99 -12.93
C THR F 122 -15.09 21.98 -13.97
N ILE F 123 -15.80 23.05 -14.22
CA ILE F 123 -15.37 23.98 -15.25
C ILE F 123 -14.53 25.09 -14.64
N ASN F 124 -13.30 25.21 -15.12
CA ASN F 124 -12.35 26.16 -14.57
C ASN F 124 -12.58 27.53 -15.18
N ARG F 125 -12.67 28.53 -14.31
CA ARG F 125 -13.20 29.84 -14.67
C ARG F 125 -12.30 30.62 -15.61
N LYS F 126 -10.99 30.33 -15.63
CA LYS F 126 -10.09 30.77 -16.69
C LYS F 126 -10.56 30.28 -18.05
N THR F 127 -10.52 28.97 -18.24
CA THR F 127 -10.59 28.37 -19.57
C THR F 127 -11.98 27.91 -19.96
N ALA F 128 -12.89 27.76 -19.00
CA ALA F 128 -14.30 27.39 -19.20
C ALA F 128 -14.49 26.06 -19.91
N VAL F 129 -13.51 25.16 -19.81
CA VAL F 129 -13.60 23.82 -20.37
C VAL F 129 -13.98 22.89 -19.22
N ALA F 130 -14.60 21.77 -19.57
CA ALA F 130 -15.04 20.79 -18.59
C ALA F 130 -14.13 19.59 -18.61
N ASN F 131 -13.76 19.11 -17.44
CA ASN F 131 -13.12 17.80 -17.31
C ASN F 131 -14.05 16.77 -16.68
N PRO F 132 -14.58 15.84 -17.47
CA PRO F 132 -15.57 14.90 -16.93
C PRO F 132 -14.94 13.87 -16.01
N ARG F 133 -15.66 13.54 -14.95
CA ARG F 133 -15.18 12.59 -13.96
C ARG F 133 -16.26 11.57 -13.63
N GLN F 134 -15.89 10.31 -13.79
CA GLN F 134 -16.80 9.21 -13.46
C GLN F 134 -16.75 8.95 -11.96
N ILE F 135 -17.91 9.00 -11.31
CA ILE F 135 -18.01 8.66 -9.91
C ILE F 135 -19.06 7.55 -9.80
N GLU F 136 -18.61 6.38 -9.40
CA GLU F 136 -19.53 5.26 -9.21
C GLU F 136 -20.33 5.48 -7.93
N ARG F 137 -21.63 5.31 -8.02
CA ARG F 137 -22.52 5.53 -6.89
C ARG F 137 -23.46 4.36 -6.78
N VAL F 138 -24.11 4.27 -5.66
CA VAL F 138 -25.16 3.28 -5.45
C VAL F 138 -26.48 3.97 -5.76
N ILE F 139 -27.40 3.25 -6.39
CA ILE F 139 -28.70 3.79 -6.79
C ILE F 139 -29.52 4.12 -5.55
N ALA F 140 -30.14 5.31 -5.58
CA ALA F 140 -31.11 5.71 -4.58
C ALA F 140 -32.29 4.74 -4.55
N GLY F 141 -32.83 4.56 -3.35
CA GLY F 141 -33.86 3.57 -3.18
C GLY F 141 -33.35 2.20 -2.80
N SER F 142 -32.04 1.98 -2.86
CA SER F 142 -31.43 0.79 -2.31
C SER F 142 -31.58 0.79 -0.80
N LYS F 143 -31.66 -0.40 -0.22
CA LYS F 143 -31.91 -0.51 1.21
C LYS F 143 -30.80 -1.34 1.85
N PHE F 144 -30.40 -0.92 3.04
CA PHE F 144 -29.25 -1.51 3.74
C PHE F 144 -29.69 -1.89 5.15
N ASP F 145 -29.94 -3.18 5.37
CA ASP F 145 -30.44 -3.67 6.65
C ASP F 145 -29.27 -3.79 7.61
N PHE F 146 -29.26 -2.97 8.66
CA PHE F 146 -28.19 -2.94 9.64
C PHE F 146 -28.65 -3.55 10.95
N GLU F 147 -27.67 -3.88 11.79
CA GLU F 147 -27.96 -4.25 13.17
C GLU F 147 -26.77 -3.82 14.02
N ILE F 148 -27.06 -3.10 15.10
CA ILE F 148 -26.05 -2.63 16.03
C ILE F 148 -26.30 -3.32 17.36
N PHE F 149 -25.24 -3.86 17.94
CA PHE F 149 -25.34 -4.56 19.22
C PHE F 149 -25.14 -3.55 20.34
N TYR F 150 -26.13 -3.45 21.22
CA TYR F 150 -26.06 -2.58 22.38
C TYR F 150 -25.93 -3.44 23.62
N ASN F 151 -24.80 -3.33 24.31
CA ASN F 151 -24.66 -4.05 25.57
C ASN F 151 -25.02 -3.14 26.72
N LEU F 152 -25.98 -3.58 27.52
CA LEU F 152 -26.55 -2.80 28.60
C LEU F 152 -25.87 -3.21 29.90
N ASP F 153 -25.26 -2.25 30.59
CA ASP F 153 -24.63 -2.52 31.86
C ASP F 153 -25.11 -1.61 32.99
N ASP F 154 -26.02 -0.67 32.72
CA ASP F 154 -26.59 0.16 33.77
C ASP F 154 -27.99 0.57 33.36
N ILE F 155 -28.98 0.15 34.16
CA ILE F 155 -30.38 0.43 33.87
C ILE F 155 -30.68 1.93 34.01
N LYS F 156 -29.95 2.62 34.87
CA LYS F 156 -30.20 4.04 35.11
C LYS F 156 -29.65 4.94 34.02
N GLU F 157 -29.06 4.38 32.95
CA GLU F 157 -28.55 5.16 31.84
C GLU F 157 -29.10 4.74 30.48
N VAL F 158 -29.88 3.66 30.42
CA VAL F 158 -30.25 3.09 29.12
C VAL F 158 -31.27 3.96 28.42
N GLU F 159 -32.15 4.64 29.18
CA GLU F 159 -33.16 5.48 28.56
C GLU F 159 -32.53 6.73 27.95
N LYS F 160 -31.56 7.33 28.64
CA LYS F 160 -30.85 8.46 28.09
C LYS F 160 -29.97 8.05 26.92
N ASP F 161 -29.40 6.84 26.99
CA ASP F 161 -28.59 6.34 25.89
C ASP F 161 -29.42 6.12 24.63
N PHE F 162 -30.62 5.57 24.77
CA PHE F 162 -31.45 5.38 23.58
C PHE F 162 -32.06 6.69 23.09
N GLU F 163 -32.28 7.64 23.99
CA GLU F 163 -32.64 9.00 23.59
C GLU F 163 -31.56 9.61 22.71
N ASN F 164 -30.30 9.45 23.12
CA ASN F 164 -29.18 9.96 22.34
C ASN F 164 -29.00 9.18 21.04
N ILE F 165 -29.29 7.89 21.04
CA ILE F 165 -29.17 7.09 19.82
C ILE F 165 -30.19 7.54 18.78
N LYS F 166 -31.43 7.76 19.22
CA LYS F 166 -32.47 8.24 18.32
C LYS F 166 -32.16 9.66 17.85
N GLN F 167 -31.56 10.47 18.70
CA GLN F 167 -31.14 11.80 18.27
C GLN F 167 -30.04 11.73 17.23
N GLY F 168 -29.11 10.77 17.36
CA GLY F 168 -28.07 10.61 16.35
C GLY F 168 -28.61 10.15 15.01
N PHE F 169 -29.60 9.25 15.04
CA PHE F 169 -30.26 8.84 13.82
C PHE F 169 -31.01 10.02 13.18
N ASP F 170 -31.66 10.85 13.99
CA ASP F 170 -32.34 12.02 13.49
C ASP F 170 -31.36 13.06 12.93
N LEU F 171 -30.16 13.14 13.48
CA LEU F 171 -29.18 14.06 12.94
C LEU F 171 -28.61 13.52 11.62
N LEU F 172 -28.61 12.21 11.44
CA LEU F 172 -28.27 11.68 10.12
C LEU F 172 -29.40 11.84 9.13
N GLU F 173 -30.64 12.03 9.60
CA GLU F 173 -31.74 12.27 8.68
C GLU F 173 -31.57 13.58 7.91
N PHE F 174 -30.89 14.56 8.51
CA PHE F 174 -30.68 15.86 7.88
C PHE F 174 -29.23 16.10 7.54
N ASP F 175 -28.47 15.03 7.31
CA ASP F 175 -27.10 15.14 6.85
C ASP F 175 -26.90 13.91 5.96
N TYR F 176 -25.68 13.69 5.47
CA TYR F 176 -25.38 12.68 4.48
C TYR F 176 -24.46 11.61 5.05
N LEU F 177 -24.43 10.46 4.39
CA LEU F 177 -23.60 9.34 4.83
C LEU F 177 -22.56 9.04 3.77
N GLY F 178 -21.36 9.59 3.96
CA GLY F 178 -20.23 9.24 3.13
C GLY F 178 -20.22 9.88 1.75
N GLY F 179 -19.04 10.17 1.25
CA GLY F 179 -18.88 10.61 -0.11
C GLY F 179 -19.38 12.02 -0.36
N HIS F 180 -19.54 12.33 -1.65
CA HIS F 180 -19.77 13.69 -2.12
C HIS F 180 -21.19 14.13 -1.81
N GLY F 181 -21.45 14.35 -0.52
CA GLY F 181 -22.79 14.56 -0.05
C GLY F 181 -23.29 15.98 -0.21
N THR F 182 -22.40 16.96 -0.13
CA THR F 182 -22.81 18.34 -0.34
C THR F 182 -23.21 18.60 -1.78
N ARG F 183 -22.67 17.82 -2.71
CA ARG F 183 -23.01 17.87 -4.12
C ARG F 183 -24.12 16.89 -4.48
N GLY F 184 -25.04 16.63 -3.56
CA GLY F 184 -26.20 15.85 -3.96
C GLY F 184 -26.31 14.47 -3.36
N SER F 185 -25.18 13.78 -3.22
CA SER F 185 -25.23 12.37 -2.89
C SER F 185 -25.40 12.18 -1.38
N GLY F 186 -25.37 10.92 -0.96
CA GLY F 186 -25.19 10.58 0.43
C GLY F 186 -26.40 10.65 1.33
N ARG F 187 -27.52 11.19 0.87
CA ARG F 187 -28.66 11.40 1.76
C ARG F 187 -29.34 10.08 2.09
N ILE F 188 -29.52 9.83 3.38
CA ILE F 188 -30.06 8.57 3.87
C ILE F 188 -31.29 8.86 4.71
N ALA F 189 -31.97 7.79 5.10
CA ALA F 189 -33.09 7.87 6.02
C ALA F 189 -33.19 6.52 6.74
N PHE F 190 -33.59 6.57 8.00
CA PHE F 190 -33.66 5.36 8.80
C PHE F 190 -35.09 4.86 8.90
N GLU F 191 -35.28 3.60 8.56
CA GLU F 191 -36.59 2.99 8.55
C GLU F 191 -36.53 1.72 9.37
N ASN F 192 -37.69 1.33 9.90
CA ASN F 192 -37.90 0.11 10.69
C ASN F 192 -36.97 0.06 11.91
N LEU F 193 -36.78 1.20 12.57
CA LEU F 193 -35.92 1.23 13.75
C LEU F 193 -36.60 0.53 14.92
N SER F 194 -36.01 -0.58 15.35
CA SER F 194 -36.59 -1.38 16.42
C SER F 194 -35.45 -1.93 17.26
N VAL F 195 -35.81 -2.38 18.46
CA VAL F 195 -34.85 -2.96 19.39
C VAL F 195 -35.37 -4.33 19.81
N ILE F 196 -34.46 -5.31 19.82
CA ILE F 196 -34.76 -6.66 20.28
C ILE F 196 -33.61 -7.06 21.20
N THR F 197 -33.85 -8.07 22.02
CA THR F 197 -32.86 -8.51 22.99
C THR F 197 -32.20 -9.79 22.49
N ALA F 198 -30.88 -9.89 22.69
CA ALA F 198 -30.12 -11.03 22.21
C ALA F 198 -30.57 -12.33 22.86
N VAL F 199 -30.36 -12.48 24.17
CA VAL F 199 -30.95 -13.56 24.96
C VAL F 199 -31.48 -12.98 26.27
N GLY F 200 -32.70 -13.38 26.64
CA GLY F 200 -33.22 -13.09 27.96
C GLY F 200 -33.90 -11.73 27.99
N ASN F 201 -35.22 -11.70 28.15
CA ASN F 201 -36.00 -10.52 27.81
C ASN F 201 -35.78 -9.36 28.78
N PHE F 202 -35.52 -8.18 28.22
CA PHE F 202 -35.46 -6.95 29.01
C PHE F 202 -36.86 -6.55 29.43
N GLU F 203 -37.02 -6.14 30.68
CA GLU F 203 -38.36 -5.87 31.19
C GLU F 203 -38.91 -4.54 30.66
N LYS F 204 -38.08 -3.49 30.63
CA LYS F 204 -38.53 -2.19 30.13
C LYS F 204 -37.96 -1.98 28.73
N ILE F 205 -38.49 -2.73 27.77
CA ILE F 205 -38.02 -2.69 26.40
C ILE F 205 -39.00 -1.88 25.59
N ASN F 206 -40.19 -1.66 26.16
CA ASN F 206 -41.24 -0.94 25.45
C ASN F 206 -40.92 0.54 25.32
N THR F 207 -40.34 1.14 26.36
CA THR F 207 -40.02 2.57 26.27
C THR F 207 -38.86 2.80 25.30
N LEU F 208 -37.94 1.84 25.19
CA LEU F 208 -36.86 1.97 24.21
C LEU F 208 -37.38 1.79 22.80
N ASN F 209 -38.28 0.83 22.61
CA ASN F 209 -38.81 0.59 21.28
C ASN F 209 -39.85 1.63 20.88
N GLU F 210 -40.35 2.45 21.82
CA GLU F 210 -41.24 3.54 21.44
C GLU F 210 -40.54 4.89 21.36
N ILE F 211 -39.38 5.07 21.99
CA ILE F 211 -38.61 6.28 21.73
C ILE F 211 -37.56 6.06 20.66
N LEU F 212 -37.41 4.84 20.17
CA LEU F 212 -36.60 4.59 19.00
C LEU F 212 -37.44 4.53 17.72
N GLY F 213 -38.71 4.20 17.84
CA GLY F 213 -39.64 4.17 16.73
C GLY F 213 -40.53 5.38 16.62
N ALA F 214 -40.17 6.49 17.25
CA ALA F 214 -40.96 7.70 17.21
C ALA F 214 -40.87 8.37 15.83
N MET G 1 -25.96 41.25 -53.16
CA MET G 1 -26.71 42.49 -53.02
C MET G 1 -28.06 42.27 -52.32
N LYS G 2 -28.65 41.10 -52.56
CA LYS G 2 -30.02 40.75 -52.15
C LYS G 2 -31.02 41.79 -52.67
N LYS G 3 -31.06 41.92 -53.99
CA LYS G 3 -31.89 42.96 -54.60
C LYS G 3 -33.38 42.62 -54.50
N THR G 4 -34.06 43.28 -53.57
CA THR G 4 -35.47 43.06 -53.33
C THR G 4 -36.29 43.90 -54.31
N TYR G 5 -37.42 43.32 -54.75
CA TYR G 5 -38.32 43.99 -55.67
C TYR G 5 -39.74 43.91 -55.15
N ARG G 6 -40.55 44.88 -55.57
CA ARG G 6 -41.98 44.90 -55.29
C ARG G 6 -42.68 44.72 -56.63
N VAL G 7 -42.88 43.46 -57.03
CA VAL G 7 -43.53 43.16 -58.29
C VAL G 7 -45.04 43.10 -58.05
N THR G 8 -45.81 43.49 -59.07
CA THR G 8 -47.25 43.62 -58.96
C THR G 8 -47.91 42.98 -60.17
N LEU G 9 -48.87 42.10 -59.92
CA LEU G 9 -49.58 41.37 -60.96
C LEU G 9 -50.92 42.04 -61.20
N THR G 10 -51.25 42.25 -62.47
CA THR G 10 -52.61 42.65 -62.87
C THR G 10 -53.15 41.53 -63.76
N ALA G 11 -54.42 41.18 -63.54
CA ALA G 11 -54.97 39.93 -64.08
C ALA G 11 -55.67 40.19 -65.41
N LEU G 12 -55.07 39.71 -66.51
CA LEU G 12 -55.72 39.78 -67.81
C LEU G 12 -56.81 38.73 -67.99
N GLY G 13 -56.83 37.71 -67.14
CA GLY G 13 -57.85 36.69 -67.20
C GLY G 13 -58.21 36.15 -65.84
N PRO G 14 -59.28 35.34 -65.77
CA PRO G 14 -59.60 34.65 -64.53
C PRO G 14 -58.50 33.68 -64.12
N ILE G 15 -58.20 33.64 -62.82
CA ILE G 15 -57.06 32.88 -62.34
C ILE G 15 -57.44 32.11 -61.09
N PHE G 16 -56.98 30.87 -61.00
CA PHE G 16 -57.38 29.91 -59.97
C PHE G 16 -56.16 29.05 -59.64
N ILE G 17 -55.36 29.49 -58.68
CA ILE G 17 -54.13 28.78 -58.33
C ILE G 17 -54.45 27.66 -57.35
N GLY G 18 -54.84 26.50 -57.89
CA GLY G 18 -55.02 25.27 -57.14
C GLY G 18 -56.00 25.35 -56.00
N GLY G 19 -55.48 25.25 -54.77
CA GLY G 19 -56.26 25.35 -53.56
C GLY G 19 -56.36 24.04 -52.79
N GLY G 20 -56.54 22.93 -53.49
CA GLY G 20 -56.69 21.65 -52.79
C GLY G 20 -58.05 21.40 -52.20
N GLU G 21 -58.53 22.31 -51.37
CA GLU G 21 -59.95 22.34 -51.01
C GLU G 21 -60.71 22.80 -52.25
N LYS G 22 -61.10 21.81 -53.06
CA LYS G 22 -61.93 22.06 -54.22
C LYS G 22 -62.88 20.89 -54.39
N LEU G 23 -64.16 21.19 -54.61
CA LEU G 23 -65.18 20.15 -54.66
C LEU G 23 -65.44 19.67 -56.09
N MET G 110 -74.77 21.30 -62.84
CA MET G 110 -74.31 22.60 -63.30
C MET G 110 -74.08 23.55 -62.12
N ASN G 111 -74.28 23.03 -60.91
CA ASN G 111 -74.09 23.84 -59.70
C ASN G 111 -72.61 23.95 -59.34
N ASP G 112 -71.97 22.79 -59.14
CA ASP G 112 -70.52 22.53 -58.93
C ASP G 112 -69.79 23.63 -58.14
N LEU G 113 -70.27 23.83 -56.90
CA LEU G 113 -69.77 24.84 -55.98
C LEU G 113 -68.30 24.58 -55.61
N ASN G 114 -67.43 25.50 -55.97
CA ASN G 114 -65.99 25.35 -55.80
C ASN G 114 -65.51 26.20 -54.63
N THR G 115 -64.28 25.92 -54.18
CA THR G 115 -63.59 26.73 -53.18
C THR G 115 -62.16 27.00 -53.62
N PHE G 116 -61.52 27.96 -52.96
CA PHE G 116 -60.23 28.50 -53.35
C PHE G 116 -59.29 28.54 -52.15
N VAL G 117 -57.99 28.68 -52.42
CA VAL G 117 -57.01 28.89 -51.36
C VAL G 117 -57.22 30.25 -50.71
N LYS G 118 -57.29 30.27 -49.38
CA LYS G 118 -57.41 31.48 -48.59
C LYS G 118 -56.41 31.39 -47.44
N ASP G 119 -56.38 32.43 -46.61
CA ASP G 119 -55.63 32.36 -45.38
C ASP G 119 -56.51 31.74 -44.29
N ALA G 120 -56.08 31.85 -43.03
CA ALA G 120 -56.91 31.33 -41.95
C ALA G 120 -58.04 32.27 -41.58
N PHE G 121 -58.03 33.50 -42.09
CA PHE G 121 -59.12 34.43 -41.90
C PHE G 121 -60.17 34.36 -43.00
N GLY G 122 -60.02 33.42 -43.95
CA GLY G 122 -60.96 33.32 -45.04
C GLY G 122 -60.80 34.39 -46.10
N ARG G 123 -59.63 35.00 -46.18
CA ARG G 123 -59.38 36.10 -47.11
C ARG G 123 -58.38 35.64 -48.16
N PRO G 124 -58.72 35.72 -49.45
CA PRO G 124 -57.86 35.12 -50.49
C PRO G 124 -56.56 35.88 -50.71
N TYR G 125 -55.57 35.13 -51.19
CA TYR G 125 -54.25 35.63 -51.52
C TYR G 125 -53.62 34.64 -52.48
N ILE G 126 -52.48 35.03 -53.06
CA ILE G 126 -51.73 34.17 -53.96
C ILE G 126 -50.45 33.74 -53.25
N PRO G 127 -50.23 32.44 -53.03
CA PRO G 127 -48.99 32.01 -52.39
C PRO G 127 -47.79 32.16 -53.31
N GLY G 128 -46.61 32.28 -52.69
CA GLY G 128 -45.40 32.58 -53.44
C GLY G 128 -44.84 31.43 -54.24
N SER G 129 -45.29 30.20 -53.95
CA SER G 129 -44.83 29.05 -54.71
C SER G 129 -45.34 29.10 -56.15
N SER G 130 -46.49 29.74 -56.38
CA SER G 130 -46.99 29.93 -57.74
C SER G 130 -46.06 30.81 -58.55
N LEU G 131 -45.62 31.93 -57.96
CA LEU G 131 -44.67 32.81 -58.64
C LEU G 131 -43.31 32.14 -58.81
N LYS G 132 -42.91 31.29 -57.85
CA LYS G 132 -41.66 30.57 -57.99
C LYS G 132 -41.74 29.53 -59.11
N GLY G 133 -42.90 28.89 -59.27
CA GLY G 133 -43.08 28.00 -60.41
C GLY G 133 -43.10 28.73 -61.74
N ALA G 134 -43.70 29.93 -61.74
CA ALA G 134 -43.69 30.75 -62.97
C ALA G 134 -42.27 31.17 -63.35
N LEU G 135 -41.44 31.52 -62.37
CA LEU G 135 -40.05 31.82 -62.68
C LEU G 135 -39.25 30.56 -62.98
N ARG G 136 -39.73 29.38 -62.55
CA ARG G 136 -39.13 28.13 -63.00
C ARG G 136 -39.42 27.88 -64.47
N THR G 137 -40.62 28.24 -64.93
CA THR G 137 -40.89 28.24 -66.36
C THR G 137 -40.01 29.26 -67.08
N ALA G 138 -39.77 30.41 -66.44
CA ALA G 138 -38.97 31.47 -67.03
C ALA G 138 -37.51 31.08 -67.24
N ILE G 139 -36.79 30.75 -66.17
CA ILE G 139 -35.35 30.56 -66.27
C ILE G 139 -35.02 29.13 -66.68
N LEU G 140 -35.54 28.15 -65.95
CA LEU G 140 -35.23 26.74 -66.21
C LEU G 140 -36.17 26.21 -67.29
N ASN G 141 -35.96 26.69 -68.51
CA ASN G 141 -36.69 26.21 -69.69
C ASN G 141 -35.89 25.17 -70.45
N ASP G 142 -34.91 24.56 -69.80
CA ASP G 142 -33.89 23.71 -70.39
C ASP G 142 -34.23 22.24 -70.15
N LEU G 143 -33.24 21.36 -70.38
CA LEU G 143 -33.35 19.92 -70.18
C LEU G 143 -33.66 19.58 -68.72
N LYS G 144 -33.95 18.30 -68.49
CA LYS G 144 -34.45 17.82 -67.20
C LYS G 144 -33.33 17.75 -66.16
N GLU G 145 -32.85 18.93 -65.76
CA GLU G 145 -31.95 19.05 -64.63
C GLU G 145 -32.62 19.79 -63.48
N ASP G 146 -33.95 19.80 -63.42
CA ASP G 146 -34.71 20.52 -62.42
C ASP G 146 -34.80 19.69 -61.14
N THR G 147 -33.65 19.53 -60.49
CA THR G 147 -33.43 18.45 -59.55
C THR G 147 -32.97 19.07 -58.23
N LYS G 148 -32.71 18.23 -57.22
CA LYS G 148 -32.20 18.67 -55.93
C LYS G 148 -30.77 19.20 -56.03
N GLU G 149 -30.06 18.91 -57.11
CA GLU G 149 -28.71 19.40 -57.38
C GLU G 149 -28.68 20.83 -57.91
N ASN G 150 -29.82 21.52 -57.96
CA ASN G 150 -29.93 22.82 -58.58
C ASN G 150 -29.15 23.87 -57.79
N GLU G 151 -28.60 24.84 -58.51
CA GLU G 151 -27.70 25.85 -57.95
C GLU G 151 -28.20 27.27 -58.15
N VAL G 152 -29.34 27.45 -58.82
CA VAL G 152 -29.87 28.77 -59.13
C VAL G 152 -30.97 29.17 -58.14
N PHE G 153 -31.97 28.30 -57.95
CA PHE G 153 -33.23 28.72 -57.35
C PHE G 153 -33.34 28.41 -55.86
N ALA G 154 -32.21 28.19 -55.18
CA ALA G 154 -32.25 28.27 -53.72
C ALA G 154 -32.12 29.70 -53.22
N HIS G 155 -31.73 30.61 -54.10
CA HIS G 155 -31.44 32.00 -53.77
C HIS G 155 -32.56 32.95 -54.16
N LEU G 156 -33.59 32.47 -54.85
CA LEU G 156 -34.65 33.34 -55.38
C LEU G 156 -35.76 33.38 -54.35
N GLN G 157 -35.68 34.38 -53.48
CA GLN G 157 -36.45 34.44 -52.23
C GLN G 157 -37.79 35.12 -52.51
N VAL G 158 -38.78 34.35 -52.92
CA VAL G 158 -40.11 34.88 -53.20
C VAL G 158 -40.97 34.73 -51.97
N SER G 159 -41.58 35.83 -51.52
CA SER G 159 -42.47 35.82 -50.37
C SER G 159 -43.92 35.68 -50.84
N ASP G 160 -44.86 35.82 -49.91
CA ASP G 160 -46.26 35.86 -50.28
C ASP G 160 -46.66 37.28 -50.69
N SER G 161 -47.96 37.48 -50.82
CA SER G 161 -48.50 38.74 -51.29
C SER G 161 -49.27 39.46 -50.19
N GLU G 162 -49.83 40.61 -50.56
CA GLU G 162 -50.84 41.21 -49.71
C GLU G 162 -52.16 40.44 -49.86
N THR G 163 -53.03 40.60 -48.86
CA THR G 163 -54.23 39.77 -48.78
C THR G 163 -55.44 40.62 -49.12
N ILE G 164 -56.14 40.28 -50.21
CA ILE G 164 -57.24 41.06 -50.77
C ILE G 164 -58.55 40.40 -50.37
N ASP G 165 -59.56 41.23 -50.08
CA ASP G 165 -60.89 40.78 -49.70
C ASP G 165 -61.59 40.02 -50.83
N LEU G 166 -62.73 39.41 -50.50
CA LEU G 166 -63.43 38.52 -51.42
C LEU G 166 -64.45 39.22 -52.31
N GLU G 167 -64.54 40.56 -52.29
CA GLU G 167 -65.37 41.24 -53.26
C GLU G 167 -64.65 41.40 -54.60
N ASN G 168 -63.38 41.02 -54.65
CA ASN G 168 -62.63 40.97 -55.91
C ASN G 168 -62.73 39.58 -56.54
N LEU G 169 -63.98 39.15 -56.73
CA LEU G 169 -64.23 37.77 -57.14
C LEU G 169 -65.60 37.66 -57.77
N LYS G 170 -65.63 37.22 -59.03
CA LYS G 170 -66.86 36.94 -59.78
C LYS G 170 -66.80 35.50 -60.27
N VAL G 171 -67.97 34.93 -60.52
CA VAL G 171 -68.02 33.58 -61.10
C VAL G 171 -67.75 33.64 -62.60
N TYR G 172 -66.98 32.67 -63.10
CA TYR G 172 -66.61 32.62 -64.51
C TYR G 172 -66.74 31.19 -65.02
N GLN G 173 -66.50 31.02 -66.32
CA GLN G 173 -66.77 29.77 -67.01
C GLN G 173 -65.55 29.27 -67.77
N LYS G 174 -65.56 27.97 -68.07
CA LYS G 174 -64.48 27.31 -68.78
C LYS G 174 -64.89 27.02 -70.22
N VAL G 175 -64.09 27.50 -71.17
CA VAL G 175 -64.37 27.31 -72.59
C VAL G 175 -63.09 26.87 -73.28
N ASP G 176 -63.21 25.89 -74.19
CA ASP G 176 -62.06 25.34 -74.91
C ASP G 176 -62.13 25.80 -76.36
N TYR G 177 -61.21 26.69 -76.74
CA TYR G 177 -61.19 27.25 -78.09
C TYR G 177 -60.28 26.41 -79.00
N SER G 178 -60.77 25.21 -79.31
CA SER G 178 -60.18 24.40 -80.38
C SER G 178 -61.03 24.50 -81.64
N LYS G 179 -62.27 24.01 -81.57
CA LYS G 179 -63.27 24.24 -82.60
C LYS G 179 -64.65 24.15 -81.95
N THR G 180 -65.59 25.00 -82.40
CA THR G 180 -66.96 25.08 -81.90
C THR G 180 -66.98 25.30 -80.38
N ALA G 181 -66.46 26.47 -79.99
CA ALA G 181 -66.19 26.76 -78.58
C ALA G 181 -67.47 26.79 -77.76
N LYS G 182 -67.51 25.92 -76.75
CA LYS G 182 -68.68 25.66 -75.94
C LYS G 182 -68.24 25.60 -74.49
N PRO G 183 -69.08 26.05 -73.56
CA PRO G 183 -68.73 25.92 -72.12
C PRO G 183 -68.74 24.46 -71.67
N LEU G 184 -67.54 23.95 -71.35
CA LEU G 184 -67.37 22.62 -70.76
C LEU G 184 -67.85 22.63 -69.31
N PRO G 185 -68.54 21.56 -68.87
CA PRO G 185 -68.95 21.50 -67.47
C PRO G 185 -67.79 21.24 -66.51
N LEU G 186 -66.96 22.27 -66.29
CA LEU G 186 -65.95 22.25 -65.23
C LEU G 186 -65.76 23.70 -64.80
N TYR G 187 -66.49 24.12 -63.78
CA TYR G 187 -66.47 25.52 -63.39
C TYR G 187 -65.57 25.73 -62.18
N ARG G 188 -65.27 27.00 -61.91
CA ARG G 188 -64.40 27.38 -60.80
C ARG G 188 -64.79 28.78 -60.33
N GLU G 189 -64.77 28.97 -59.01
CA GLU G 189 -64.89 30.33 -58.46
C GLU G 189 -63.47 30.87 -58.30
N CYS G 190 -63.19 31.92 -59.05
CA CYS G 190 -61.82 32.37 -59.28
C CYS G 190 -61.71 33.88 -59.13
N LEU G 191 -60.48 34.36 -59.23
CA LEU G 191 -60.18 35.77 -58.98
C LEU G 191 -60.66 36.62 -60.16
N LYS G 192 -61.16 37.80 -59.84
CA LYS G 192 -61.64 38.72 -60.86
C LYS G 192 -60.45 39.27 -61.66
N PRO G 193 -60.61 39.49 -62.97
CA PRO G 193 -59.52 40.08 -63.75
C PRO G 193 -59.24 41.52 -63.37
N ASN G 194 -58.06 41.98 -63.75
CA ASN G 194 -57.49 43.28 -63.39
C ASN G 194 -57.43 43.48 -61.87
N THR G 195 -57.04 42.43 -61.15
CA THR G 195 -56.87 42.52 -59.70
C THR G 195 -55.42 42.88 -59.39
N GLU G 196 -55.23 43.96 -58.63
CA GLU G 196 -53.91 44.45 -58.27
C GLU G 196 -53.42 43.67 -57.06
N ILE G 197 -52.42 42.82 -57.26
CA ILE G 197 -51.80 42.06 -56.19
C ILE G 197 -50.29 42.23 -56.28
N THR G 198 -49.66 42.53 -55.15
CA THR G 198 -48.25 42.90 -55.11
C THR G 198 -47.47 41.92 -54.25
N PHE G 199 -46.18 41.76 -54.58
CA PHE G 199 -45.36 40.70 -54.02
C PHE G 199 -44.01 41.23 -53.58
N THR G 200 -43.52 40.75 -52.44
CA THR G 200 -42.19 41.10 -51.95
C THR G 200 -41.19 40.03 -52.43
N VAL G 201 -40.83 40.16 -53.69
CA VAL G 201 -39.95 39.20 -54.34
C VAL G 201 -38.51 39.69 -54.28
N SER G 202 -37.61 38.82 -53.81
CA SER G 202 -36.20 39.14 -53.77
C SER G 202 -35.39 37.95 -54.26
N PHE G 203 -34.12 38.21 -54.59
CA PHE G 203 -33.21 37.15 -55.03
C PHE G 203 -31.77 37.64 -54.89
N ASP G 204 -30.88 36.71 -54.59
CA ASP G 204 -29.46 36.98 -54.47
C ASP G 204 -28.84 37.20 -55.85
N ASP G 205 -27.60 37.70 -55.87
CA ASP G 205 -26.90 37.99 -57.12
C ASP G 205 -25.76 37.02 -57.42
N GLU G 206 -25.75 35.83 -56.80
CA GLU G 206 -24.66 34.88 -57.05
C GLU G 206 -24.72 34.36 -58.48
N TYR G 207 -25.93 34.06 -58.96
CA TYR G 207 -26.11 33.70 -60.36
C TYR G 207 -27.38 34.35 -60.92
N LEU G 208 -28.03 35.24 -60.18
CA LEU G 208 -29.38 35.69 -60.51
C LEU G 208 -29.41 37.20 -60.57
N THR G 209 -29.74 37.74 -61.76
CA THR G 209 -29.97 39.16 -61.95
C THR G 209 -31.20 39.33 -62.82
N LEU G 210 -31.67 40.58 -62.95
CA LEU G 210 -32.73 40.86 -63.90
C LEU G 210 -32.23 40.89 -65.34
N LYS G 211 -30.90 40.92 -65.54
CA LYS G 211 -30.34 40.73 -66.87
C LYS G 211 -30.70 39.36 -67.44
N LYS G 212 -30.77 38.35 -66.58
CA LYS G 212 -31.28 37.04 -66.96
C LYS G 212 -32.80 37.02 -67.09
N ILE G 213 -33.51 37.70 -66.17
CA ILE G 213 -34.96 37.63 -66.11
C ILE G 213 -35.59 38.28 -67.35
N GLN G 214 -35.04 39.41 -67.78
CA GLN G 214 -35.60 40.16 -68.92
C GLN G 214 -35.52 39.33 -70.20
N ASN G 215 -34.32 38.84 -70.53
CA ASN G 215 -34.16 38.10 -71.78
C ASN G 215 -34.81 36.73 -71.71
N ALA G 216 -34.83 36.09 -70.53
CA ALA G 216 -35.50 34.81 -70.41
C ALA G 216 -37.01 34.94 -70.55
N LEU G 217 -37.59 36.03 -70.02
CA LEU G 217 -39.02 36.23 -70.16
C LEU G 217 -39.41 36.58 -71.58
N HIS G 218 -38.60 37.41 -72.25
CA HIS G 218 -38.87 37.71 -73.65
C HIS G 218 -38.69 36.46 -74.53
N LYS G 219 -37.71 35.62 -74.19
CA LYS G 219 -37.48 34.37 -74.92
C LYS G 219 -38.66 33.41 -74.75
N THR G 220 -39.14 33.26 -73.51
CA THR G 220 -40.25 32.34 -73.24
C THR G 220 -41.55 32.84 -73.86
N TYR G 221 -41.76 34.16 -73.85
CA TYR G 221 -42.94 34.75 -74.50
C TYR G 221 -42.89 34.58 -76.01
N GLN G 222 -41.74 34.87 -76.64
CA GLN G 222 -41.62 34.76 -78.08
C GLN G 222 -41.70 33.31 -78.53
N HIS G 223 -41.26 32.36 -77.70
CA HIS G 223 -41.40 30.96 -78.08
C HIS G 223 -42.78 30.41 -77.69
N TYR G 224 -43.47 31.08 -76.78
CA TYR G 224 -44.86 30.71 -76.53
C TYR G 224 -45.74 31.05 -77.72
N TYR G 225 -45.41 32.14 -78.44
CA TYR G 225 -46.03 32.28 -79.77
C TYR G 225 -45.42 31.33 -80.81
N ILE G 226 -44.13 31.45 -81.12
CA ILE G 226 -43.61 30.81 -82.32
C ILE G 226 -43.42 29.30 -82.22
N LYS G 227 -43.63 28.71 -81.05
CA LYS G 227 -43.48 27.26 -80.92
C LYS G 227 -44.80 26.52 -80.74
N TRP G 228 -45.81 27.14 -80.15
CA TRP G 228 -47.09 26.45 -79.98
C TRP G 228 -48.27 27.27 -80.48
N LEU G 229 -48.28 28.59 -80.27
CA LEU G 229 -49.49 29.36 -80.53
C LEU G 229 -49.49 29.93 -81.94
N LYS G 230 -48.34 29.91 -82.63
CA LYS G 230 -48.32 30.29 -84.04
C LYS G 230 -49.09 29.28 -84.88
N GLY G 231 -48.94 27.99 -84.58
CA GLY G 231 -49.74 26.96 -85.24
C GLY G 231 -51.20 27.04 -84.89
N GLY G 232 -51.51 27.51 -83.67
CA GLY G 232 -52.89 27.76 -83.31
C GLY G 232 -53.45 29.00 -83.95
N LYS G 233 -52.57 29.92 -84.39
CA LYS G 233 -53.01 31.09 -85.13
C LYS G 233 -53.23 30.77 -86.61
N VAL G 234 -52.36 29.96 -87.21
CA VAL G 234 -52.46 29.68 -88.63
C VAL G 234 -53.35 28.48 -88.91
N GLY G 235 -53.54 27.60 -87.94
CA GLY G 235 -54.26 26.36 -88.17
C GLY G 235 -55.36 26.16 -87.15
N GLU G 236 -56.52 25.74 -87.66
CA GLU G 236 -57.77 25.58 -86.90
C GLU G 236 -58.12 26.87 -86.16
N THR G 237 -58.25 27.96 -86.91
CA THR G 237 -58.58 29.27 -86.36
C THR G 237 -59.99 29.66 -86.77
N LEU G 238 -60.77 30.10 -85.80
CA LEU G 238 -62.13 30.55 -86.04
C LEU G 238 -62.20 32.07 -85.93
N ILE G 239 -63.18 32.65 -86.61
CA ILE G 239 -63.32 34.10 -86.67
C ILE G 239 -63.99 34.69 -85.43
N LYS G 240 -64.40 33.84 -84.48
CA LYS G 240 -65.04 34.33 -83.27
C LYS G 240 -64.04 35.02 -82.35
N GLY G 241 -62.80 34.53 -82.31
CA GLY G 241 -61.77 35.11 -81.46
C GLY G 241 -61.08 36.33 -82.00
N VAL G 242 -61.21 36.61 -83.30
CA VAL G 242 -60.60 37.78 -83.90
C VAL G 242 -61.68 38.69 -84.49
N THR G 254 -61.55 43.18 -79.45
CA THR G 254 -61.44 43.25 -78.00
C THR G 254 -60.33 42.33 -77.49
N PHE G 255 -59.91 41.39 -78.34
CA PHE G 255 -58.81 40.49 -77.99
C PHE G 255 -57.49 41.17 -78.32
N ALA G 256 -56.59 41.22 -77.34
CA ALA G 256 -55.30 41.88 -77.50
C ALA G 256 -54.22 40.86 -77.84
N LEU G 257 -53.64 40.99 -79.04
CA LEU G 257 -52.52 40.13 -79.41
C LEU G 257 -51.24 40.54 -78.71
N ASP G 258 -51.16 41.83 -78.33
CA ASP G 258 -50.21 42.48 -77.42
C ASP G 258 -48.72 42.23 -77.74
N GLN G 259 -48.39 41.79 -78.94
CA GLN G 259 -47.01 41.61 -79.34
C GLN G 259 -46.32 42.91 -79.78
N PRO G 260 -46.95 43.84 -80.53
CA PRO G 260 -46.30 45.15 -80.73
C PRO G 260 -46.30 46.07 -79.52
N SER G 261 -46.86 45.65 -78.39
CA SER G 261 -46.97 46.53 -77.22
C SER G 261 -45.61 46.82 -76.60
N GLN G 262 -44.95 45.81 -76.06
CA GLN G 262 -43.68 46.00 -75.36
C GLN G 262 -42.93 44.67 -75.38
N ASN G 263 -41.76 44.66 -76.02
CA ASN G 263 -40.91 43.48 -76.10
C ASN G 263 -40.19 43.17 -74.80
N GLN G 264 -40.14 44.11 -73.87
CA GLN G 264 -39.61 43.88 -72.53
C GLN G 264 -40.70 43.84 -71.47
N GLY G 265 -41.88 43.30 -71.78
CA GLY G 265 -43.03 43.46 -70.93
C GLY G 265 -43.06 42.60 -69.67
N GLU G 266 -42.13 41.63 -69.57
CA GLU G 266 -41.95 40.76 -68.41
C GLU G 266 -43.23 39.98 -68.09
N ILE G 267 -43.65 39.15 -69.05
CA ILE G 267 -44.92 38.44 -68.97
C ILE G 267 -44.65 36.98 -68.60
N ILE G 268 -45.33 36.51 -67.56
CA ILE G 268 -45.23 35.13 -67.10
C ILE G 268 -46.58 34.45 -67.28
N TYR G 269 -46.58 33.15 -67.03
CA TYR G 269 -47.78 32.33 -67.01
C TYR G 269 -47.80 31.62 -65.66
N ILE G 270 -48.86 31.87 -64.88
CA ILE G 270 -49.03 31.14 -63.63
C ILE G 270 -50.13 30.09 -63.78
N GLY G 271 -49.99 29.00 -63.04
CA GLY G 271 -50.85 27.85 -63.25
C GLY G 271 -52.24 27.99 -62.67
N GLY G 272 -53.20 28.30 -63.53
CA GLY G 272 -54.56 28.58 -63.09
C GLY G 272 -55.60 27.87 -63.92
N GLY G 273 -55.28 26.67 -64.39
CA GLY G 273 -56.20 25.95 -65.25
C GLY G 273 -56.27 26.50 -66.66
N ALA G 274 -55.23 27.20 -67.11
CA ALA G 274 -55.17 27.76 -68.45
C ALA G 274 -54.57 26.74 -69.43
N GLY G 275 -55.21 25.58 -69.50
CA GLY G 275 -54.76 24.51 -70.38
C GLY G 275 -53.60 23.73 -69.81
N PHE G 276 -53.22 22.65 -70.51
CA PHE G 276 -52.05 21.87 -70.15
C PHE G 276 -50.86 22.19 -71.04
N VAL G 277 -50.78 23.42 -71.52
CA VAL G 277 -49.67 23.91 -72.32
C VAL G 277 -48.93 24.95 -71.47
N SER G 278 -49.66 25.58 -70.55
CA SER G 278 -49.07 26.58 -69.67
C SER G 278 -48.23 25.96 -68.57
N LYS G 279 -48.31 24.64 -68.39
CA LYS G 279 -47.52 23.93 -67.40
C LYS G 279 -46.37 23.14 -68.02
N THR G 280 -45.75 23.70 -69.06
CA THR G 280 -44.68 23.04 -69.80
C THR G 280 -43.31 23.43 -69.26
N LEU G 281 -42.28 22.73 -69.77
CA LEU G 281 -40.91 23.15 -69.48
C LEU G 281 -39.95 23.09 -70.67
N HIS G 282 -40.22 22.30 -71.72
CA HIS G 282 -39.23 22.03 -72.76
C HIS G 282 -39.77 22.47 -74.11
N TYR G 283 -39.42 23.70 -74.52
CA TYR G 283 -39.63 24.24 -75.87
C TYR G 283 -38.29 24.83 -76.32
N LYS G 284 -37.40 23.98 -76.83
CA LYS G 284 -36.14 24.43 -77.45
C LYS G 284 -35.62 23.27 -78.31
N SER G 285 -35.37 23.51 -79.60
CA SER G 285 -35.56 24.79 -80.27
C SER G 285 -36.24 24.66 -81.64
N LYS G 286 -36.97 23.56 -81.85
CA LYS G 286 -37.62 23.32 -83.13
C LYS G 286 -39.13 23.36 -82.98
N ASN G 287 -39.84 23.37 -84.11
CA ASN G 287 -41.27 23.71 -84.10
C ASN G 287 -42.18 22.47 -84.03
N ARG G 288 -42.10 21.57 -85.01
CA ARG G 288 -43.09 20.52 -85.16
C ARG G 288 -42.59 19.13 -84.75
N ASP G 289 -41.29 18.86 -84.88
CA ASP G 289 -40.75 17.62 -84.36
C ASP G 289 -40.86 17.58 -82.84
N GLN G 290 -40.60 18.72 -82.18
CA GLN G 290 -40.80 18.83 -80.75
C GLN G 290 -42.28 18.74 -80.39
N ALA G 291 -43.15 19.24 -81.28
CA ALA G 291 -44.60 19.16 -81.08
C ALA G 291 -45.08 17.71 -81.10
N ARG G 292 -44.62 16.93 -82.09
CA ARG G 292 -45.04 15.52 -82.14
C ARG G 292 -44.35 14.69 -81.06
N ASN G 293 -43.13 15.09 -80.69
CA ASN G 293 -42.41 14.56 -79.53
C ASN G 293 -43.29 14.58 -78.28
N ASP G 294 -43.70 15.79 -77.88
CA ASP G 294 -44.59 15.88 -76.73
C ASP G 294 -46.01 15.40 -77.03
N SER G 295 -46.38 15.26 -78.30
CA SER G 295 -47.69 14.71 -78.62
C SER G 295 -47.79 13.23 -78.25
N PHE G 296 -46.76 12.43 -78.58
CA PHE G 296 -46.83 11.04 -78.11
C PHE G 296 -46.54 10.97 -76.62
N ASP G 297 -45.72 11.90 -76.08
CA ASP G 297 -45.48 11.94 -74.63
C ASP G 297 -46.76 12.24 -73.85
N ILE G 298 -47.68 12.99 -74.45
CA ILE G 298 -48.97 13.25 -73.80
C ILE G 298 -49.95 12.12 -74.09
N LEU G 299 -50.00 11.64 -75.33
CA LEU G 299 -51.05 10.72 -75.75
C LEU G 299 -50.80 9.29 -75.30
N LYS G 300 -49.63 9.00 -74.71
CA LYS G 300 -49.53 7.76 -73.96
C LYS G 300 -50.00 7.91 -72.52
N GLN G 301 -50.55 9.07 -72.15
CA GLN G 301 -51.18 9.25 -70.84
C GLN G 301 -52.70 9.34 -70.91
N LEU G 302 -53.29 9.40 -72.11
CA LEU G 302 -54.75 9.43 -72.23
C LEU G 302 -55.12 8.74 -73.55
N PHE G 303 -56.35 8.97 -74.01
CA PHE G 303 -56.96 8.16 -75.07
C PHE G 303 -57.47 8.96 -76.27
N ARG G 304 -57.01 10.19 -76.47
CA ARG G 304 -57.59 11.04 -77.50
C ARG G 304 -57.16 10.61 -78.91
N THR G 305 -58.07 10.81 -79.86
CA THR G 305 -57.73 10.73 -81.27
C THR G 305 -56.98 12.01 -81.67
N THR G 306 -55.98 11.85 -82.54
CA THR G 306 -55.06 12.93 -82.84
C THR G 306 -55.71 14.05 -83.65
N TYR G 307 -55.36 15.29 -83.30
CA TYR G 307 -55.73 16.49 -84.03
C TYR G 307 -54.80 17.61 -83.57
N SER G 308 -54.53 18.56 -84.47
CA SER G 308 -53.71 19.72 -84.16
C SER G 308 -54.56 20.99 -84.28
N LYS G 309 -54.49 21.87 -83.28
CA LYS G 309 -53.55 21.80 -82.16
C LYS G 309 -54.32 21.36 -80.90
N MET G 310 -53.59 20.99 -79.83
CA MET G 310 -54.10 20.21 -78.71
C MET G 310 -55.23 20.84 -77.91
N ARG G 311 -54.92 21.89 -77.16
CA ARG G 311 -55.86 22.44 -76.19
C ARG G 311 -55.44 23.87 -75.85
N SER G 312 -56.23 24.85 -76.28
CA SER G 312 -56.03 26.24 -75.90
C SER G 312 -57.24 26.70 -75.11
N VAL G 313 -57.01 27.24 -73.92
CA VAL G 313 -58.11 27.65 -73.04
C VAL G 313 -58.03 29.14 -72.76
N PRO G 314 -58.66 29.99 -73.58
CA PRO G 314 -58.93 31.36 -73.14
C PRO G 314 -60.24 31.44 -72.36
N ASP G 315 -60.67 32.64 -72.01
CA ASP G 315 -61.94 32.86 -71.33
C ASP G 315 -62.60 34.09 -71.93
N ASN G 316 -63.63 34.60 -71.25
CA ASN G 316 -64.36 35.78 -71.69
C ASN G 316 -64.98 36.45 -70.48
N VAL G 317 -65.85 37.43 -70.75
CA VAL G 317 -66.55 38.17 -69.70
C VAL G 317 -68.04 37.88 -69.85
N PRO G 318 -68.85 37.97 -68.78
CA PRO G 318 -70.29 37.73 -68.92
C PRO G 318 -71.02 38.83 -69.69
N THR G 335 -74.58 43.25 -75.08
CA THR G 335 -73.74 42.35 -74.32
C THR G 335 -72.27 42.57 -74.64
N GLY G 336 -71.50 43.00 -73.65
CA GLY G 336 -70.07 43.21 -73.83
C GLY G 336 -69.29 41.90 -73.80
N LYS G 337 -68.35 41.78 -74.74
CA LYS G 337 -67.50 40.61 -74.87
C LYS G 337 -66.05 41.06 -74.97
N HIS G 338 -65.14 40.21 -74.47
CA HIS G 338 -63.71 40.55 -74.49
C HIS G 338 -62.81 39.46 -75.03
N TYR G 339 -63.19 38.17 -74.94
CA TYR G 339 -62.38 37.01 -75.34
C TYR G 339 -61.01 37.01 -74.65
N LEU G 340 -61.05 37.20 -73.33
CA LEU G 340 -59.82 37.40 -72.56
C LEU G 340 -59.11 36.06 -72.32
N GLU G 341 -57.90 35.94 -72.84
CA GLU G 341 -57.06 34.78 -72.55
C GLU G 341 -56.60 34.86 -71.11
N MET G 342 -56.67 33.74 -70.40
CA MET G 342 -56.32 33.69 -68.99
C MET G 342 -55.01 32.95 -68.78
N GLY G 343 -54.37 33.20 -67.64
CA GLY G 343 -53.12 32.54 -67.31
C GLY G 343 -51.94 33.48 -67.32
N LYS G 344 -52.05 34.57 -68.10
CA LYS G 344 -50.98 35.54 -68.25
C LYS G 344 -51.27 36.80 -67.45
N ALA G 345 -50.21 37.54 -67.16
CA ALA G 345 -50.31 38.75 -66.34
C ALA G 345 -49.13 39.66 -66.68
N ARG G 346 -49.28 40.94 -66.35
CA ARG G 346 -48.20 41.90 -66.49
C ARG G 346 -47.46 42.05 -65.16
N ILE G 347 -46.16 42.31 -65.25
CA ILE G 347 -45.32 42.49 -64.07
C ILE G 347 -44.52 43.78 -64.24
N LYS G 348 -44.41 44.56 -63.16
CA LYS G 348 -43.44 45.63 -63.08
C LYS G 348 -42.36 45.23 -62.08
N LEU G 349 -41.16 45.78 -62.26
CA LEU G 349 -40.00 45.47 -61.42
C LEU G 349 -39.45 46.76 -60.83
N GLU G 350 -39.84 47.09 -59.59
CA GLU G 350 -39.33 48.25 -58.89
C GLU G 350 -38.82 47.85 -57.51
N GLU G 351 -37.75 48.49 -57.06
CA GLU G 351 -37.08 48.07 -55.84
C GLU G 351 -37.82 48.54 -54.61
N LEU G 352 -37.91 47.66 -53.61
CA LEU G 352 -38.52 47.88 -52.28
C LEU G 352 -40.02 48.24 -52.30
#